data_8G3B
#
_entry.id   8G3B
#
_cell.length_a   1.00
_cell.length_b   1.00
_cell.length_c   1.00
_cell.angle_alpha   90.00
_cell.angle_beta   90.00
_cell.angle_gamma   90.00
#
_symmetry.space_group_name_H-M   'P 1'
#
loop_
_entity.id
_entity.type
_entity.pdbx_description
1 polymer 'Bacitracin export permease protein BceB'
2 polymer 'Bacitracin export ATP-binding protein BceA'
3 polymer 'Sensor protein BceS'
4 non-polymer 'OLEIC ACID'
5 non-polymer '[(2~{R})-1-[2-azanylethoxy(oxidanyl)phosphoryl]oxy-3-hexadecanoyloxy-propan-2-yl] (~{Z})-octadec-9-enoate'
#
loop_
_entity_poly.entity_id
_entity_poly.type
_entity_poly.pdbx_seq_one_letter_code
_entity_poly.pdbx_strand_id
1 'polypeptide(L)'
;MNINQLILRNLKKNLRNYYLYVFALIFSVALYFAFVTLQYDPAINEVKASIKGAAAIKTASILLVAVVAIFILYANTIFI
KRRSKEIGLFQLIGMTKHKIFRILSAENVMLYFGSLAIGVAAGFSISKLVLMILFKIVDVKADAKLHFSEQALVQTVIVF
CGIYLLIMIMNYTFIKKQSILSLFKVTSSTEDKVKKISFFQMLIGALGIVLILTGYYVSSELFGGKFKTINELFVAMSFI
LGSVIIGTFLFYKGSVTFISNIIRKSKGGYLNISEVLSLSSIMFRMKSNALLLTIITTVSALAIGLLSLAYISYYSSEKT
AEQNVAADFSFMNEKDAKLFENKLRESNISFVKKATPVLQANVDIANIMDGTPKEMQGDPGNMQLAVVSDKDVKGVDVAA
GEAVFSGYTDLLQKIMVFKDSGVIKVKSKHETQPLKYKGLREEFLVSYTFTSGGMPAVIVDDSLFKQLDKDKDPRIQLAQ
STFIGVNVKHDDQMEKANELFQQVNKKNEHLSRLDTSAAQKSLFGMVMFIVGFLGLTFLITSGCILYFKQMGESEDEKPS
YTILRKLGFTQGDLIKGIRIKQMYNFGIPLVVGLFHSYFAVQSGWFLFGSEVWAPMIMVMVLYTALYSIFGFLSVLYYKK
VIKSSL
;
A
2 'polypeptide(L)'
;MSGHHHHHHVILEANKIRKSYGNKLNKQEVLKGIDIHIEKGEFVSIMGASGSGKTTLLNVLSSIDQVSHGTIHINGNDMT
AMKEKQLAEFRKQHLGFIFQDYNLLDTLTVKENILLPLSITKLSKKEANRKFEEVAKELGIYELRDKYPNEISGGQKQRT
SAGRAFIHDPSIIFADEPTGALDSKSASDLLNKLSQLNQKRNATIIMVTHDPVAASYCGRVIFIKDGQMYTQLNKGGQDR
QTFFQDIMKTQGVLGGVQHEH
;
B,C
3 'polypeptide(L)'
;MIKAFLIERRSWIAAFLFQQALMLFIAFVDPSISFGNVLYMVYLCILFFIIFLWFRYRKETAFYKSLKTWENNLDVTAIN
EPETPFEAMVERSIAGQTEHLKQTAARHRLALENEKDELMAWIHEVKTPLTAMHLIIDRMEEKALKSQLSYEWLRIHLLL
DQQLHQKRISFIENDLSVEFIQLQPLIFKEIKDLQSWCIQKGIGFDIQLEAKEVLSDAKWLAFIIRQLLTNAVKYSEASE
IEIKSFQKGEQTQLQVKDCGRGIDPKDVPRIFDKGFTSTTDHHDQASTGMGLYLAKKAAAPLLIHIDVESEFGAGTVFTL
TFPIRNQFEHVISV
;
D,E
#
# COMPACT_ATOMS: atom_id res chain seq x y z
N MET A 1 17.40 -17.23 -22.17
CA MET A 1 16.47 -16.15 -22.51
C MET A 1 17.30 -14.87 -22.58
N ASN A 2 18.30 -14.87 -23.46
CA ASN A 2 19.20 -13.74 -23.65
C ASN A 2 19.77 -13.28 -22.31
N ILE A 3 20.61 -14.14 -21.74
CA ILE A 3 21.17 -13.98 -20.39
C ILE A 3 21.67 -12.56 -20.14
N ASN A 4 22.14 -11.89 -21.19
CA ASN A 4 22.59 -10.50 -21.04
C ASN A 4 21.47 -9.62 -20.48
N GLN A 5 20.23 -9.85 -20.91
CA GLN A 5 19.11 -9.09 -20.39
C GLN A 5 18.93 -9.34 -18.90
N LEU A 6 19.06 -10.61 -18.47
CA LEU A 6 18.95 -10.93 -17.05
C LEU A 6 20.05 -10.25 -16.24
N ILE A 7 21.27 -10.25 -16.76
CA ILE A 7 22.38 -9.60 -16.06
C ILE A 7 22.13 -8.11 -15.92
N LEU A 8 21.68 -7.47 -17.00
CA LEU A 8 21.42 -6.04 -16.96
C LEU A 8 20.30 -5.71 -15.97
N ARG A 9 19.23 -6.50 -15.97
CA ARG A 9 18.14 -6.24 -15.05
C ARG A 9 18.57 -6.46 -13.60
N ASN A 10 19.38 -7.48 -13.34
CA ASN A 10 19.90 -7.68 -12.00
C ASN A 10 20.77 -6.52 -11.55
N LEU A 11 21.60 -5.99 -12.45
CA LEU A 11 22.43 -4.83 -12.07
C LEU A 11 21.57 -3.61 -11.78
N LYS A 12 20.54 -3.38 -12.58
CA LYS A 12 19.66 -2.25 -12.31
C LYS A 12 18.94 -2.41 -10.99
N LYS A 13 18.56 -3.64 -10.64
CA LYS A 13 17.95 -3.88 -9.34
C LYS A 13 18.96 -3.66 -8.21
N ASN A 14 20.22 -4.07 -8.42
CA ASN A 14 21.22 -3.95 -7.37
C ASN A 14 21.57 -2.50 -7.07
N LEU A 15 21.64 -1.66 -8.11
CA LEU A 15 22.05 -0.27 -7.90
C LEU A 15 21.08 0.47 -6.99
N ARG A 16 19.77 0.28 -7.19
CA ARG A 16 18.80 1.05 -6.44
C ARG A 16 18.56 0.55 -5.03
N ASN A 17 19.10 -0.61 -4.67
CA ASN A 17 18.97 -1.16 -3.32
C ASN A 17 20.19 -0.88 -2.45
N TYR A 18 21.37 -1.29 -2.91
CA TYR A 18 22.62 -1.03 -2.18
C TYR A 18 23.33 0.19 -2.76
N TYR A 19 22.81 1.38 -2.43
CA TYR A 19 23.49 2.59 -2.84
C TYR A 19 24.50 3.07 -1.80
N LEU A 20 24.28 2.73 -0.52
CA LEU A 20 25.25 3.08 0.51
C LEU A 20 26.57 2.35 0.29
N TYR A 21 26.54 1.13 -0.24
CA TYR A 21 27.77 0.43 -0.58
C TYR A 21 28.56 1.18 -1.63
N VAL A 22 27.88 1.67 -2.66
CA VAL A 22 28.55 2.44 -3.71
C VAL A 22 29.13 3.73 -3.15
N PHE A 23 28.36 4.42 -2.30
CA PHE A 23 28.87 5.64 -1.69
C PHE A 23 30.11 5.35 -0.85
N ALA A 24 30.10 4.26 -0.09
CA ALA A 24 31.25 3.90 0.73
C ALA A 24 32.47 3.60 -0.10
N LEU A 25 32.30 2.85 -1.20
CA LEU A 25 33.44 2.58 -2.07
C LEU A 25 34.03 3.87 -2.62
N ILE A 26 33.18 4.77 -3.12
CA ILE A 26 33.69 6.00 -3.72
C ILE A 26 34.43 6.83 -2.67
N PHE A 27 33.84 6.97 -1.47
CA PHE A 27 34.49 7.74 -0.42
C PHE A 27 35.84 7.16 -0.04
N SER A 28 35.91 5.83 0.13
CA SER A 28 37.17 5.21 0.53
C SER A 28 38.25 5.38 -0.53
N VAL A 29 37.91 5.16 -1.80
CA VAL A 29 38.90 5.32 -2.86
C VAL A 29 39.39 6.76 -2.91
N ALA A 30 38.47 7.73 -2.81
CA ALA A 30 38.88 9.12 -2.87
C ALA A 30 39.83 9.47 -1.73
N LEU A 31 39.52 9.02 -0.52
CA LEU A 31 40.35 9.37 0.63
C LEU A 31 41.74 8.72 0.53
N TYR A 32 41.79 7.46 0.09
CA TYR A 32 43.08 6.81 -0.05
C TYR A 32 43.94 7.50 -1.11
N PHE A 33 43.33 7.88 -2.24
CA PHE A 33 44.07 8.61 -3.27
C PHE A 33 44.56 9.93 -2.73
N ALA A 34 43.74 10.62 -1.92
CA ALA A 34 44.15 11.90 -1.36
C ALA A 34 45.37 11.76 -0.44
N PHE A 35 45.35 10.78 0.46
CA PHE A 35 46.52 10.58 1.32
C PHE A 35 47.75 10.19 0.53
N VAL A 36 47.62 9.32 -0.47
CA VAL A 36 48.82 8.92 -1.19
C VAL A 36 49.38 10.07 -2.01
N THR A 37 48.52 10.93 -2.56
CA THR A 37 49.01 12.14 -3.22
C THR A 37 49.67 13.09 -2.24
N LEU A 38 49.10 13.24 -1.04
CA LEU A 38 49.66 14.14 -0.04
C LEU A 38 51.01 13.66 0.47
N GLN A 39 51.21 12.34 0.55
CA GLN A 39 52.47 11.81 1.08
C GLN A 39 53.66 12.18 0.20
N TYR A 40 53.49 12.15 -1.11
CA TYR A 40 54.59 12.35 -2.05
C TYR A 40 54.82 13.81 -2.42
N ASP A 41 53.98 14.72 -1.92
CA ASP A 41 54.15 16.14 -2.23
C ASP A 41 55.42 16.66 -1.56
N PRO A 42 56.33 17.29 -2.30
CA PRO A 42 57.53 17.87 -1.66
C PRO A 42 57.22 19.02 -0.72
N ALA A 43 56.02 19.58 -0.75
CA ALA A 43 55.64 20.65 0.15
C ALA A 43 55.30 20.16 1.56
N ILE A 44 55.28 18.85 1.78
CA ILE A 44 54.99 18.30 3.11
C ILE A 44 56.11 18.53 4.09
N ASN A 45 57.30 18.93 3.63
CA ASN A 45 58.45 19.06 4.51
C ASN A 45 58.41 20.31 5.37
N GLU A 46 57.45 21.21 5.15
CA GLU A 46 57.30 22.38 6.00
C GLU A 46 56.73 22.04 7.38
N VAL A 47 56.18 20.84 7.55
CA VAL A 47 55.66 20.39 8.84
C VAL A 47 56.86 19.87 9.64
N LYS A 48 57.35 20.68 10.58
CA LYS A 48 58.53 20.35 11.37
C LYS A 48 58.10 20.05 12.81
N ALA A 49 58.41 18.85 13.27
CA ALA A 49 58.08 18.42 14.62
C ALA A 49 59.03 17.29 15.00
N SER A 50 58.73 16.61 16.11
CA SER A 50 59.55 15.45 16.50
C SER A 50 59.42 14.33 15.49
N ILE A 51 58.20 14.03 15.06
CA ILE A 51 57.96 13.06 14.00
C ILE A 51 58.26 13.71 12.65
N LYS A 52 58.75 12.91 11.71
CA LYS A 52 59.24 13.46 10.45
C LYS A 52 58.16 14.26 9.72
N GLY A 53 56.99 13.66 9.55
CA GLY A 53 55.91 14.34 8.86
C GLY A 53 55.45 13.64 7.60
N ALA A 54 56.39 13.09 6.85
CA ALA A 54 56.07 12.25 5.70
C ALA A 54 56.14 10.77 6.02
N ALA A 55 56.46 10.41 7.27
CA ALA A 55 56.46 9.02 7.70
C ALA A 55 55.26 8.68 8.56
N ALA A 56 54.36 9.63 8.81
CA ALA A 56 53.11 9.33 9.48
C ALA A 56 51.98 9.08 8.49
N ILE A 57 52.05 9.69 7.30
CA ILE A 57 51.04 9.45 6.28
C ILE A 57 51.11 8.01 5.80
N LYS A 58 52.30 7.41 5.77
CA LYS A 58 52.42 6.01 5.42
C LYS A 58 51.67 5.12 6.41
N THR A 59 51.84 5.39 7.70
CA THR A 59 51.12 4.63 8.71
C THR A 59 49.62 4.85 8.60
N ALA A 60 49.20 6.09 8.33
CA ALA A 60 47.76 6.35 8.15
C ALA A 60 47.21 5.56 6.98
N SER A 61 47.94 5.51 5.86
CA SER A 61 47.47 4.75 4.70
C SER A 61 47.38 3.27 5.02
N ILE A 62 48.39 2.72 5.70
CA ILE A 62 48.38 1.30 6.02
C ILE A 62 47.23 0.98 6.96
N LEU A 63 46.93 1.87 7.90
CA LEU A 63 45.78 1.66 8.78
C LEU A 63 44.47 1.73 8.02
N LEU A 64 44.37 2.66 7.05
CA LEU A 64 43.11 2.84 6.33
C LEU A 64 42.79 1.65 5.43
N VAL A 65 43.81 1.11 4.77
CA VAL A 65 43.55 0.06 3.78
C VAL A 65 43.01 -1.20 4.44
N ALA A 66 43.48 -1.51 5.65
CA ALA A 66 42.99 -2.71 6.35
C ALA A 66 41.52 -2.56 6.73
N VAL A 67 41.12 -1.38 7.21
CA VAL A 67 39.72 -1.15 7.54
C VAL A 67 38.86 -1.28 6.29
N VAL A 68 39.30 -0.68 5.18
CA VAL A 68 38.52 -0.78 3.95
C VAL A 68 38.38 -2.22 3.50
N ALA A 69 39.48 -2.99 3.56
CA ALA A 69 39.43 -4.38 3.12
C ALA A 69 38.48 -5.20 3.96
N ILE A 70 38.54 -5.05 5.29
CA ILE A 70 37.65 -5.82 6.16
C ILE A 70 36.20 -5.48 5.87
N PHE A 71 35.89 -4.18 5.73
CA PHE A 71 34.51 -3.79 5.46
C PHE A 71 34.02 -4.35 4.13
N ILE A 72 34.85 -4.29 3.10
CA ILE A 72 34.44 -4.76 1.78
C ILE A 72 34.17 -6.26 1.81
N LEU A 73 35.07 -7.03 2.44
CA LEU A 73 34.89 -8.47 2.49
C LEU A 73 33.63 -8.84 3.26
N TYR A 74 33.38 -8.18 4.39
CA TYR A 74 32.19 -8.52 5.16
C TYR A 74 30.91 -8.14 4.42
N ALA A 75 30.90 -6.98 3.75
CA ALA A 75 29.70 -6.62 3.01
C ALA A 75 29.44 -7.61 1.88
N ASN A 76 30.49 -8.05 1.18
CA ASN A 76 30.28 -8.99 0.09
C ASN A 76 29.96 -10.39 0.57
N THR A 77 30.26 -10.74 1.83
CA THR A 77 29.76 -12.02 2.34
C THR A 77 28.37 -11.90 2.93
N ILE A 78 27.93 -10.70 3.28
CA ILE A 78 26.51 -10.50 3.61
C ILE A 78 25.65 -10.60 2.36
N PHE A 79 26.12 -9.99 1.26
CA PHE A 79 25.29 -9.90 0.05
C PHE A 79 24.97 -11.27 -0.53
N ILE A 80 25.96 -12.18 -0.52
CA ILE A 80 25.80 -13.44 -1.25
C ILE A 80 24.80 -14.37 -0.57
N LYS A 81 24.60 -14.23 0.74
CA LYS A 81 23.66 -15.11 1.43
C LYS A 81 22.21 -14.71 1.21
N ARG A 82 21.94 -13.57 0.58
CA ARG A 82 20.60 -13.20 0.19
C ARG A 82 20.24 -13.68 -1.21
N ARG A 83 21.11 -14.49 -1.82
CA ARG A 83 20.88 -15.05 -3.15
C ARG A 83 21.02 -16.55 -3.13
N SER A 84 20.42 -17.20 -2.13
CA SER A 84 20.47 -18.65 -2.04
C SER A 84 19.28 -19.32 -2.71
N LYS A 85 18.09 -18.73 -2.61
CA LYS A 85 16.93 -19.27 -3.31
C LYS A 85 17.16 -19.28 -4.81
N GLU A 86 17.75 -18.21 -5.33
CA GLU A 86 18.02 -18.12 -6.76
C GLU A 86 19.00 -19.21 -7.20
N ILE A 87 20.06 -19.44 -6.41
CA ILE A 87 21.03 -20.47 -6.76
C ILE A 87 20.39 -21.85 -6.72
N GLY A 88 19.59 -22.13 -5.68
CA GLY A 88 18.91 -23.41 -5.63
C GLY A 88 17.98 -23.63 -6.80
N LEU A 89 17.22 -22.61 -7.17
CA LEU A 89 16.32 -22.74 -8.31
C LEU A 89 17.10 -22.95 -9.61
N PHE A 90 18.20 -22.22 -9.79
CA PHE A 90 19.01 -22.40 -10.98
C PHE A 90 19.63 -23.79 -11.05
N GLN A 91 19.94 -24.37 -9.89
CA GLN A 91 20.45 -25.74 -9.90
C GLN A 91 19.34 -26.75 -10.17
N LEU A 92 18.11 -26.45 -9.75
CA LEU A 92 17.00 -27.34 -10.09
C LEU A 92 16.66 -27.26 -11.58
N ILE A 93 16.80 -26.09 -12.18
CA ILE A 93 16.41 -25.91 -13.58
C ILE A 93 17.29 -26.77 -14.49
N GLY A 94 18.61 -26.79 -14.23
CA GLY A 94 19.50 -27.63 -15.01
C GLY A 94 20.84 -27.02 -15.33
N MET A 95 21.07 -25.78 -14.89
CA MET A 95 22.38 -25.16 -15.11
C MET A 95 23.44 -25.84 -14.26
N THR A 96 24.68 -25.78 -14.75
CA THR A 96 25.81 -26.35 -14.01
C THR A 96 26.26 -25.35 -12.94
N LYS A 97 27.36 -25.66 -12.26
CA LYS A 97 27.92 -24.76 -11.27
C LYS A 97 28.98 -23.83 -11.85
N HIS A 98 29.32 -23.98 -13.12
CA HIS A 98 30.26 -23.08 -13.79
C HIS A 98 29.57 -22.01 -14.62
N LYS A 99 28.24 -21.99 -14.64
CA LYS A 99 27.49 -20.93 -15.30
C LYS A 99 26.83 -19.97 -14.32
N ILE A 100 26.39 -20.46 -13.16
CA ILE A 100 25.89 -19.56 -12.12
C ILE A 100 26.98 -18.62 -11.67
N PHE A 101 28.21 -19.13 -11.58
CA PHE A 101 29.35 -18.29 -11.22
C PHE A 101 29.49 -17.10 -12.16
N ARG A 102 29.49 -17.37 -13.47
CA ARG A 102 29.59 -16.28 -14.43
C ARG A 102 28.37 -15.37 -14.37
N ILE A 103 27.17 -15.94 -14.23
CA ILE A 103 25.95 -15.14 -14.26
C ILE A 103 25.95 -14.13 -13.13
N LEU A 104 26.30 -14.55 -11.92
CA LEU A 104 26.26 -13.62 -10.79
C LEU A 104 27.64 -13.05 -10.47
N SER A 105 28.64 -13.24 -11.32
CA SER A 105 29.89 -12.53 -11.20
C SER A 105 30.10 -11.46 -12.28
N ALA A 106 29.38 -11.54 -13.39
CA ALA A 106 29.50 -10.51 -14.42
C ALA A 106 28.65 -9.29 -14.10
N GLU A 107 27.71 -9.39 -13.18
CA GLU A 107 26.89 -8.27 -12.74
C GLU A 107 27.48 -7.57 -11.54
N ASN A 108 28.67 -7.97 -11.09
CA ASN A 108 29.36 -7.39 -9.96
C ASN A 108 30.66 -6.71 -10.34
N VAL A 109 31.37 -7.24 -11.33
CA VAL A 109 32.62 -6.63 -11.77
C VAL A 109 32.35 -5.26 -12.37
N MET A 110 31.24 -5.11 -13.10
CA MET A 110 30.91 -3.81 -13.69
C MET A 110 30.65 -2.77 -12.61
N LEU A 111 29.89 -3.14 -11.58
CA LEU A 111 29.64 -2.21 -10.48
C LEU A 111 30.93 -1.85 -9.75
N TYR A 112 31.75 -2.85 -9.43
CA TYR A 112 32.97 -2.59 -8.68
C TYR A 112 33.93 -1.70 -9.45
N PHE A 113 34.11 -1.99 -10.74
CA PHE A 113 35.07 -1.20 -11.51
C PHE A 113 34.52 0.17 -11.90
N GLY A 114 33.20 0.31 -12.04
CA GLY A 114 32.63 1.64 -12.19
C GLY A 114 32.87 2.49 -10.95
N SER A 115 32.67 1.91 -9.78
CA SER A 115 32.97 2.64 -8.55
C SER A 115 34.45 3.00 -8.46
N LEU A 116 35.33 2.06 -8.82
CA LEU A 116 36.75 2.33 -8.76
C LEU A 116 37.17 3.44 -9.73
N ALA A 117 36.56 3.47 -10.92
CA ALA A 117 36.94 4.49 -11.89
C ALA A 117 36.37 5.85 -11.50
N ILE A 118 35.16 5.90 -10.95
CA ILE A 118 34.59 7.17 -10.55
C ILE A 118 35.33 7.74 -9.33
N GLY A 119 35.73 6.87 -8.40
CA GLY A 119 36.37 7.36 -7.19
C GLY A 119 37.68 8.06 -7.44
N VAL A 120 38.45 7.60 -8.42
CA VAL A 120 39.73 8.24 -8.73
C VAL A 120 39.51 9.65 -9.24
N ALA A 121 38.53 9.84 -10.13
CA ALA A 121 38.29 11.17 -10.70
C ALA A 121 37.80 12.16 -9.65
N ALA A 122 37.14 11.70 -8.58
CA ALA A 122 36.74 12.63 -7.49
C ALA A 122 37.80 12.65 -6.40
N GLY A 123 38.98 12.09 -6.67
CA GLY A 123 40.08 12.09 -5.69
C GLY A 123 41.14 13.07 -6.11
N PHE A 124 41.29 13.32 -7.42
CA PHE A 124 42.22 14.39 -7.86
C PHE A 124 41.57 15.72 -7.51
N SER A 125 40.24 15.73 -7.30
CA SER A 125 39.49 16.99 -7.04
C SER A 125 39.54 17.43 -5.58
N ILE A 126 39.95 16.55 -4.65
CA ILE A 126 39.95 16.89 -3.19
C ILE A 126 41.39 16.85 -2.66
N SER A 127 42.37 16.67 -3.54
CA SER A 127 43.77 16.54 -3.13
C SER A 127 44.36 17.86 -2.68
N LYS A 128 43.77 18.99 -3.07
CA LYS A 128 44.22 20.29 -2.58
C LYS A 128 43.44 20.73 -1.35
N LEU A 129 42.16 20.33 -1.24
CA LEU A 129 41.42 20.63 -0.02
C LEU A 129 42.04 19.93 1.18
N VAL A 130 42.54 18.71 1.00
CA VAL A 130 43.21 18.02 2.10
C VAL A 130 44.49 18.76 2.52
N LEU A 131 45.28 19.22 1.53
CA LEU A 131 46.46 20.02 1.83
C LEU A 131 46.11 21.27 2.61
N MET A 132 45.07 21.98 2.18
CA MET A 132 44.70 23.22 2.85
C MET A 132 44.17 22.95 4.25
N ILE A 133 43.47 21.83 4.45
CA ILE A 133 43.04 21.47 5.79
C ILE A 133 44.23 21.18 6.68
N LEU A 134 45.23 20.47 6.15
CA LEU A 134 46.41 20.16 6.96
C LEU A 134 47.18 21.43 7.33
N PHE A 135 47.38 22.33 6.36
CA PHE A 135 48.10 23.57 6.66
C PHE A 135 47.21 24.62 7.31
N LYS A 136 46.39 24.21 8.26
CA LYS A 136 45.70 25.11 9.17
C LYS A 136 45.67 24.60 10.59
N ILE A 137 45.73 23.28 10.80
CA ILE A 137 45.85 22.74 12.15
C ILE A 137 47.26 22.98 12.67
N VAL A 138 48.27 22.71 11.85
CA VAL A 138 49.64 23.12 12.12
C VAL A 138 49.87 24.45 11.41
N ASP A 139 50.18 25.49 12.18
CA ASP A 139 50.16 26.84 11.63
C ASP A 139 51.35 27.03 10.70
N VAL A 140 51.11 26.92 9.40
CA VAL A 140 52.13 27.10 8.38
C VAL A 140 51.57 28.00 7.29
N LYS A 141 52.38 28.95 6.82
CA LYS A 141 51.95 29.95 5.84
C LYS A 141 52.47 29.65 4.44
N ALA A 142 52.50 28.37 4.05
CA ALA A 142 52.95 28.00 2.72
C ALA A 142 51.77 28.03 1.76
N ASP A 143 51.95 27.49 0.56
CA ASP A 143 50.91 27.43 -0.45
C ASP A 143 50.78 26.01 -0.98
N ALA A 144 49.59 25.68 -1.44
CA ALA A 144 49.28 24.35 -1.97
C ALA A 144 48.99 24.44 -3.45
N LYS A 145 49.44 23.44 -4.21
CA LYS A 145 49.29 23.40 -5.65
C LYS A 145 48.56 22.12 -6.06
N LEU A 146 47.93 22.18 -7.22
CA LEU A 146 47.12 21.09 -7.75
C LEU A 146 47.94 20.33 -8.81
N HIS A 147 48.11 19.02 -8.60
CA HIS A 147 48.79 18.18 -9.57
C HIS A 147 48.19 16.78 -9.47
N PHE A 148 48.83 15.80 -10.13
CA PHE A 148 48.26 14.47 -10.27
C PHE A 148 48.95 13.39 -9.44
N SER A 149 50.28 13.35 -9.44
CA SER A 149 51.05 12.36 -8.66
C SER A 149 50.68 10.94 -9.08
N GLU A 150 51.09 10.61 -10.31
CA GLU A 150 50.72 9.35 -10.95
C GLU A 150 51.04 8.11 -10.14
N GLN A 151 51.91 8.20 -9.13
CA GLN A 151 52.20 7.03 -8.30
C GLN A 151 50.96 6.58 -7.53
N ALA A 152 50.13 7.54 -7.11
CA ALA A 152 48.91 7.21 -6.37
C ALA A 152 47.98 6.37 -7.23
N LEU A 153 47.92 6.66 -8.54
CA LEU A 153 47.08 5.87 -9.43
C LEU A 153 47.50 4.41 -9.44
N VAL A 154 48.80 4.16 -9.61
CA VAL A 154 49.28 2.78 -9.63
C VAL A 154 49.00 2.09 -8.31
N GLN A 155 49.29 2.76 -7.19
CA GLN A 155 49.09 2.13 -5.89
C GLN A 155 47.62 1.78 -5.67
N THR A 156 46.71 2.73 -5.96
CA THR A 156 45.28 2.48 -5.76
C THR A 156 44.79 1.34 -6.64
N VAL A 157 45.19 1.34 -7.92
CA VAL A 157 44.73 0.30 -8.84
C VAL A 157 45.19 -1.07 -8.34
N ILE A 158 46.46 -1.18 -7.94
CA ILE A 158 46.98 -2.48 -7.50
C ILE A 158 46.26 -2.95 -6.25
N VAL A 159 46.09 -2.06 -5.27
CA VAL A 159 45.48 -2.46 -4.00
C VAL A 159 44.06 -2.94 -4.22
N PHE A 160 43.27 -2.19 -4.98
CA PHE A 160 41.87 -2.58 -5.10
C PHE A 160 41.69 -3.78 -6.04
N CYS A 161 42.59 -3.96 -7.01
CA CYS A 161 42.56 -5.20 -7.78
C CYS A 161 42.83 -6.41 -6.89
N GLY A 162 43.79 -6.30 -5.98
CA GLY A 162 44.03 -7.40 -5.05
C GLY A 162 42.82 -7.70 -4.17
N ILE A 163 42.17 -6.65 -3.65
CA ILE A 163 40.98 -6.87 -2.83
C ILE A 163 39.89 -7.56 -3.63
N TYR A 164 39.66 -7.14 -4.87
CA TYR A 164 38.64 -7.78 -5.68
C TYR A 164 38.98 -9.25 -5.97
N LEU A 165 40.28 -9.55 -6.15
CA LEU A 165 40.66 -10.94 -6.35
C LEU A 165 40.31 -11.78 -5.12
N LEU A 166 40.56 -11.24 -3.93
CA LEU A 166 40.13 -11.95 -2.71
C LEU A 166 38.63 -12.16 -2.71
N ILE A 167 37.87 -11.13 -3.13
CA ILE A 167 36.41 -11.25 -3.14
C ILE A 167 35.97 -12.39 -4.06
N MET A 168 36.57 -12.46 -5.24
CA MET A 168 36.17 -13.48 -6.21
C MET A 168 36.51 -14.88 -5.71
N ILE A 169 37.70 -15.05 -5.11
CA ILE A 169 38.05 -16.34 -4.54
C ILE A 169 37.07 -16.74 -3.45
N MET A 170 36.67 -15.78 -2.62
CA MET A 170 35.69 -16.08 -1.57
C MET A 170 34.35 -16.48 -2.15
N ASN A 171 33.90 -15.79 -3.21
CA ASN A 171 32.61 -16.11 -3.81
C ASN A 171 32.59 -17.51 -4.40
N TYR A 172 33.67 -17.90 -5.09
CA TYR A 172 33.66 -19.17 -5.80
C TYR A 172 33.43 -20.35 -4.85
N THR A 173 34.05 -20.33 -3.68
CA THR A 173 33.94 -21.43 -2.73
C THR A 173 32.50 -21.62 -2.25
N PHE A 174 31.80 -20.53 -1.94
CA PHE A 174 30.43 -20.65 -1.49
C PHE A 174 29.54 -21.29 -2.54
N ILE A 175 29.73 -20.91 -3.81
CA ILE A 175 28.95 -21.50 -4.88
C ILE A 175 29.28 -22.98 -5.04
N LYS A 176 30.54 -23.34 -4.83
CA LYS A 176 30.94 -24.74 -4.96
C LYS A 176 30.82 -25.49 -3.63
N LYS A 177 29.88 -25.04 -2.80
CA LYS A 177 29.64 -25.71 -1.52
C LYS A 177 28.14 -25.86 -1.26
N GLN A 178 27.33 -25.15 -2.03
CA GLN A 178 25.88 -25.23 -1.86
C GLN A 178 25.35 -26.60 -2.24
N SER A 179 24.33 -27.04 -1.50
CA SER A 179 23.59 -28.24 -1.83
C SER A 179 22.26 -27.86 -2.47
N ILE A 180 21.64 -28.83 -3.14
CA ILE A 180 20.40 -28.59 -3.86
C ILE A 180 19.25 -28.40 -2.87
N LEU A 181 19.54 -28.59 -1.59
CA LEU A 181 18.55 -28.40 -0.53
C LEU A 181 18.41 -26.92 -0.21
N SER A 182 17.75 -26.60 0.90
CA SER A 182 17.50 -25.25 1.39
C SER A 182 16.65 -24.44 0.43
N LEU A 183 15.90 -25.08 -0.47
CA LEU A 183 15.09 -24.36 -1.44
C LEU A 183 13.61 -24.44 -1.09
N LYS A 195 9.96 -17.21 24.11
CA LYS A 195 9.71 -18.58 24.52
C LYS A 195 9.62 -18.69 26.03
N LYS A 196 10.78 -18.90 26.67
CA LYS A 196 10.83 -18.98 28.12
C LYS A 196 12.25 -18.69 28.58
N ILE A 197 12.37 -17.99 29.69
CA ILE A 197 13.67 -17.61 30.24
C ILE A 197 14.19 -18.73 31.13
N SER A 198 15.48 -19.03 31.00
CA SER A 198 16.11 -20.09 31.75
C SER A 198 16.82 -19.52 32.98
N PHE A 199 17.59 -20.35 33.66
CA PHE A 199 18.41 -19.92 34.79
C PHE A 199 19.84 -19.58 34.36
N PHE A 200 20.13 -19.65 33.07
CA PHE A 200 21.47 -19.33 32.57
C PHE A 200 21.58 -17.87 32.13
N GLN A 201 20.59 -17.39 31.38
CA GLN A 201 20.63 -16.02 30.88
C GLN A 201 20.61 -15.01 32.01
N MET A 202 19.93 -15.31 33.12
CA MET A 202 19.94 -14.44 34.28
C MET A 202 21.36 -14.26 34.81
N LEU A 203 22.06 -15.37 34.98
CA LEU A 203 23.44 -15.30 35.46
C LEU A 203 24.34 -14.57 34.48
N ILE A 204 24.14 -14.81 33.18
CA ILE A 204 24.95 -14.14 32.17
C ILE A 204 24.77 -12.63 32.25
N GLY A 205 23.52 -12.17 32.33
CA GLY A 205 23.28 -10.74 32.41
C GLY A 205 23.86 -10.12 33.67
N ALA A 206 23.66 -10.78 34.81
CA ALA A 206 24.19 -10.24 36.06
C ALA A 206 25.71 -10.15 36.01
N LEU A 207 26.37 -11.19 35.48
CA LEU A 207 27.81 -11.16 35.37
C LEU A 207 28.28 -10.05 34.46
N GLY A 208 27.58 -9.83 33.34
CA GLY A 208 27.98 -8.78 32.42
C GLY A 208 27.94 -7.40 33.07
N ILE A 209 26.82 -7.08 33.74
CA ILE A 209 26.70 -5.77 34.36
C ILE A 209 27.73 -5.60 35.47
N VAL A 210 27.90 -6.65 36.29
CA VAL A 210 28.86 -6.57 37.40
C VAL A 210 30.28 -6.36 36.87
N LEU A 211 30.64 -7.08 35.81
CA LEU A 211 31.99 -6.94 35.25
C LEU A 211 32.22 -5.55 34.69
N ILE A 212 31.23 -4.97 33.99
CA ILE A 212 31.41 -3.63 33.45
C ILE A 212 31.58 -2.62 34.58
N LEU A 213 30.75 -2.71 35.61
CA LEU A 213 30.85 -1.76 36.72
C LEU A 213 32.18 -1.89 37.45
N THR A 214 32.64 -3.14 37.66
CA THR A 214 33.93 -3.34 38.31
C THR A 214 35.06 -2.76 37.47
N GLY A 215 34.99 -2.93 36.15
CA GLY A 215 35.99 -2.33 35.29
C GLY A 215 36.05 -0.83 35.43
N TYR A 216 34.88 -0.18 35.44
CA TYR A 216 34.86 1.27 35.63
C TYR A 216 35.48 1.66 36.97
N TYR A 217 35.08 0.98 38.04
CA TYR A 217 35.55 1.35 39.37
C TYR A 217 37.06 1.19 39.50
N VAL A 218 37.61 0.10 38.95
CA VAL A 218 39.06 -0.08 38.97
C VAL A 218 39.73 0.99 38.13
N SER A 219 39.16 1.31 36.97
CA SER A 219 39.73 2.35 36.12
C SER A 219 39.71 3.73 36.78
N SER A 220 38.87 3.92 37.78
CA SER A 220 38.78 5.24 38.40
C SER A 220 40.06 5.64 39.15
N GLU A 221 40.88 4.67 39.57
CA GLU A 221 42.03 5.03 40.40
C GLU A 221 43.32 5.23 39.60
N LEU A 222 43.80 4.16 38.96
CA LEU A 222 45.00 4.18 38.11
C LEU A 222 46.11 5.10 38.60
N PHE A 223 46.32 6.21 37.89
CA PHE A 223 47.42 7.12 38.17
C PHE A 223 47.19 7.86 39.47
N GLY A 224 47.66 7.28 40.58
CA GLY A 224 47.48 7.87 41.89
C GLY A 224 47.04 6.84 42.91
N GLY A 225 47.80 6.71 44.00
CA GLY A 225 47.50 5.72 45.01
C GLY A 225 48.35 4.48 44.90
N LYS A 226 47.72 3.34 44.59
CA LYS A 226 48.44 2.07 44.46
C LYS A 226 49.10 1.97 43.10
N PHE A 227 49.56 0.77 42.74
CA PHE A 227 50.19 0.50 41.45
C PHE A 227 51.42 1.38 41.25
N LYS A 228 52.30 1.33 42.24
CA LYS A 228 53.40 2.28 42.39
C LYS A 228 54.68 1.79 41.74
N THR A 229 54.60 1.36 40.48
CA THR A 229 55.76 0.91 39.72
C THR A 229 55.34 0.77 38.26
N ILE A 230 56.21 0.16 37.45
CA ILE A 230 55.97 0.02 36.02
C ILE A 230 55.49 -1.40 35.66
N ASN A 231 55.70 -2.37 36.56
CA ASN A 231 55.23 -3.73 36.31
C ASN A 231 53.96 -4.06 37.10
N GLU A 232 53.34 -3.07 37.71
CA GLU A 232 52.03 -3.22 38.34
C GLU A 232 50.96 -2.44 37.61
N LEU A 233 51.29 -1.26 37.06
CA LEU A 233 50.34 -0.48 36.28
C LEU A 233 49.91 -1.23 35.02
N PHE A 234 50.85 -1.88 34.35
CA PHE A 234 50.57 -2.64 33.13
C PHE A 234 49.80 -3.92 33.41
N VAL A 235 49.58 -4.24 34.68
CA VAL A 235 48.67 -5.30 35.08
C VAL A 235 47.25 -4.76 35.23
N ALA A 236 47.11 -3.60 35.88
CA ALA A 236 45.79 -2.97 36.02
C ALA A 236 45.22 -2.59 34.67
N MET A 237 46.06 -2.07 33.76
CA MET A 237 45.57 -1.71 32.43
C MET A 237 45.01 -2.93 31.70
N SER A 238 45.74 -4.04 31.72
CA SER A 238 45.28 -5.25 31.05
C SER A 238 44.01 -5.79 31.70
N PHE A 239 43.95 -5.78 33.03
CA PHE A 239 42.77 -6.25 33.73
C PHE A 239 41.55 -5.43 33.34
N ILE A 240 41.69 -4.10 33.33
CA ILE A 240 40.56 -3.24 33.03
C ILE A 240 40.11 -3.44 31.58
N LEU A 241 41.06 -3.49 30.65
CA LEU A 241 40.69 -3.68 29.25
C LEU A 241 39.95 -5.00 29.04
N GLY A 242 40.52 -6.09 29.56
CA GLY A 242 39.86 -7.38 29.41
C GLY A 242 38.49 -7.42 30.05
N SER A 243 38.36 -6.86 31.25
CA SER A 243 37.07 -6.86 31.94
C SER A 243 36.04 -6.07 31.16
N VAL A 244 36.41 -4.90 30.63
CA VAL A 244 35.45 -4.09 29.89
C VAL A 244 35.01 -4.78 28.61
N ILE A 245 35.96 -5.39 27.88
CA ILE A 245 35.57 -6.06 26.64
C ILE A 245 34.66 -7.25 26.93
N ILE A 246 34.99 -8.06 27.94
CA ILE A 246 34.17 -9.24 28.23
C ILE A 246 32.80 -8.82 28.74
N GLY A 247 32.73 -7.76 29.55
CA GLY A 247 31.45 -7.27 30.00
C GLY A 247 30.59 -6.75 28.85
N THR A 248 31.22 -6.08 27.89
CA THR A 248 30.49 -5.64 26.71
C THR A 248 29.93 -6.82 25.94
N PHE A 249 30.73 -7.88 25.78
CA PHE A 249 30.24 -9.05 25.06
C PHE A 249 29.09 -9.72 25.80
N LEU A 250 29.18 -9.84 27.12
CA LEU A 250 28.12 -10.48 27.89
C LEU A 250 26.89 -9.60 28.05
N PHE A 251 27.01 -8.30 27.82
CA PHE A 251 25.83 -7.43 27.88
C PHE A 251 24.83 -7.78 26.80
N TYR A 252 25.30 -8.04 25.58
CA TYR A 252 24.38 -8.28 24.47
C TYR A 252 23.76 -9.67 24.51
N LYS A 253 24.50 -10.67 25.01
CA LYS A 253 23.98 -12.03 25.00
C LYS A 253 22.81 -12.19 25.98
N GLY A 254 22.98 -11.72 27.21
CA GLY A 254 21.97 -11.97 28.22
C GLY A 254 21.39 -10.78 28.94
N SER A 255 22.12 -9.67 29.01
CA SER A 255 21.70 -8.56 29.85
C SER A 255 20.62 -7.69 29.23
N VAL A 256 20.36 -7.84 27.94
CA VAL A 256 19.23 -7.13 27.33
C VAL A 256 17.95 -7.92 27.45
N THR A 257 18.05 -9.25 27.28
CA THR A 257 16.86 -10.09 27.42
C THR A 257 16.29 -10.02 28.82
N PHE A 258 17.15 -9.99 29.84
CA PHE A 258 16.67 -9.91 31.22
C PHE A 258 15.88 -8.63 31.46
N ILE A 259 16.44 -7.48 31.07
CA ILE A 259 15.76 -6.21 31.29
C ILE A 259 14.47 -6.14 30.50
N SER A 260 14.50 -6.59 29.24
CA SER A 260 13.29 -6.57 28.43
C SER A 260 12.22 -7.49 29.02
N ASN A 261 12.62 -8.65 29.54
CA ASN A 261 11.66 -9.57 30.14
C ASN A 261 11.02 -8.95 31.38
N ILE A 262 11.82 -8.27 32.21
CA ILE A 262 11.26 -7.60 33.38
C ILE A 262 10.26 -6.54 32.94
N ILE A 263 10.64 -5.73 31.95
CA ILE A 263 9.74 -4.66 31.49
C ILE A 263 8.44 -5.25 30.95
N ARG A 264 8.53 -6.37 30.20
CA ARG A 264 7.34 -6.99 29.67
C ARG A 264 6.45 -7.55 30.76
N LYS A 265 7.04 -8.32 31.69
CA LYS A 265 6.27 -8.83 32.82
C LYS A 265 6.35 -7.87 34.00
N SER A 266 6.16 -6.58 33.67
CA SER A 266 5.78 -5.56 34.64
C SER A 266 4.58 -4.74 34.19
N LYS A 267 4.27 -4.72 32.89
CA LYS A 267 3.09 -4.01 32.41
C LYS A 267 1.81 -4.77 32.73
N GLY A 268 1.88 -6.09 32.84
CA GLY A 268 0.70 -6.91 33.03
C GLY A 268 0.29 -7.59 31.75
N GLY A 269 -0.76 -7.08 31.11
CA GLY A 269 -1.21 -7.60 29.84
C GLY A 269 -1.69 -6.51 28.90
N TYR A 270 -1.38 -5.27 29.23
CA TYR A 270 -1.85 -4.11 28.47
C TYR A 270 -0.69 -3.55 27.66
N LEU A 271 -0.65 -3.87 26.37
CA LEU A 271 0.42 -3.43 25.48
C LEU A 271 -0.17 -2.80 24.24
N ASN A 272 0.46 -1.72 23.77
CA ASN A 272 0.05 -1.05 22.55
C ASN A 272 0.96 -1.43 21.40
N ILE A 273 0.78 -0.78 20.25
CA ILE A 273 1.49 -1.18 19.03
C ILE A 273 2.99 -0.92 19.17
N SER A 274 3.37 0.24 19.72
CA SER A 274 4.78 0.60 19.80
C SER A 274 5.54 -0.38 20.69
N GLU A 275 4.99 -0.70 21.86
CA GLU A 275 5.65 -1.65 22.75
C GLU A 275 5.74 -3.02 22.11
N VAL A 276 4.69 -3.46 21.44
CA VAL A 276 4.70 -4.76 20.77
C VAL A 276 5.87 -4.83 19.79
N LEU A 277 5.92 -3.88 18.86
CA LEU A 277 6.96 -3.93 17.83
C LEU A 277 8.35 -3.83 18.44
N SER A 278 8.56 -2.86 19.34
CA SER A 278 9.88 -2.64 19.92
C SER A 278 10.36 -3.86 20.69
N LEU A 279 9.55 -4.34 21.63
CA LEU A 279 9.97 -5.47 22.46
C LEU A 279 10.23 -6.70 21.61
N SER A 280 9.32 -7.01 20.68
CA SER A 280 9.52 -8.19 19.86
C SER A 280 10.83 -8.11 19.08
N SER A 281 11.05 -6.99 18.39
CA SER A 281 12.26 -6.89 17.56
C SER A 281 13.53 -6.99 18.40
N ILE A 282 13.62 -6.19 19.47
CA ILE A 282 14.85 -6.17 20.25
C ILE A 282 15.12 -7.53 20.86
N MET A 283 14.11 -8.10 21.55
CA MET A 283 14.33 -9.37 22.23
C MET A 283 14.70 -10.48 21.25
N PHE A 284 14.07 -10.50 20.07
CA PHE A 284 14.35 -11.60 19.16
C PHE A 284 15.70 -11.45 18.48
N ARG A 285 16.09 -10.23 18.10
CA ARG A 285 17.21 -10.09 17.17
C ARG A 285 18.51 -9.63 17.83
N MET A 286 18.46 -8.87 18.93
CA MET A 286 19.70 -8.30 19.44
C MET A 286 20.69 -9.36 19.93
N LYS A 287 20.21 -10.57 20.20
CA LYS A 287 21.10 -11.63 20.67
C LYS A 287 21.96 -12.20 19.56
N SER A 288 21.41 -12.29 18.33
CA SER A 288 22.10 -12.98 17.25
C SER A 288 23.41 -12.27 16.88
N ASN A 289 23.40 -10.94 16.84
CA ASN A 289 24.58 -10.15 16.46
C ASN A 289 25.26 -9.69 17.74
N ALA A 290 26.08 -10.57 18.31
CA ALA A 290 26.80 -10.25 19.55
C ALA A 290 28.25 -9.88 19.32
N LEU A 291 28.92 -10.53 18.36
CA LEU A 291 30.31 -10.18 18.09
C LEU A 291 30.42 -8.89 17.30
N LEU A 292 29.45 -8.61 16.42
CA LEU A 292 29.50 -7.41 15.61
C LEU A 292 29.36 -6.15 16.47
N LEU A 293 28.33 -6.13 17.33
CA LEU A 293 28.06 -4.95 18.13
C LEU A 293 29.18 -4.68 19.12
N THR A 294 29.81 -5.74 19.65
CA THR A 294 30.94 -5.56 20.55
C THR A 294 32.08 -4.84 19.84
N ILE A 295 32.43 -5.28 18.64
CA ILE A 295 33.51 -4.66 17.89
C ILE A 295 33.18 -3.21 17.59
N ILE A 296 31.95 -2.95 17.14
CA ILE A 296 31.56 -1.59 16.80
C ILE A 296 31.67 -0.68 18.02
N THR A 297 31.15 -1.14 19.16
CA THR A 297 31.15 -0.31 20.36
C THR A 297 32.57 -0.01 20.83
N THR A 298 33.41 -1.05 20.92
CA THR A 298 34.76 -0.83 21.42
C THR A 298 35.57 0.08 20.51
N VAL A 299 35.48 -0.12 19.18
CA VAL A 299 36.27 0.71 18.28
C VAL A 299 35.76 2.14 18.29
N SER A 300 34.44 2.34 18.37
CA SER A 300 33.90 3.69 18.45
C SER A 300 34.40 4.41 19.70
N ALA A 301 34.37 3.72 20.84
CA ALA A 301 34.87 4.31 22.08
C ALA A 301 36.34 4.67 21.95
N LEU A 302 37.14 3.78 21.35
CA LEU A 302 38.57 4.04 21.19
C LEU A 302 38.80 5.29 20.35
N ALA A 303 38.11 5.40 19.21
CA ALA A 303 38.32 6.54 18.33
C ALA A 303 37.93 7.84 19.02
N ILE A 304 36.76 7.88 19.66
CA ILE A 304 36.31 9.11 20.31
C ILE A 304 37.30 9.50 21.41
N GLY A 305 37.71 8.53 22.23
CA GLY A 305 38.60 8.84 23.33
C GLY A 305 39.94 9.37 22.87
N LEU A 306 40.53 8.73 21.84
CA LEU A 306 41.82 9.17 21.35
C LEU A 306 41.72 10.58 20.76
N LEU A 307 40.69 10.86 19.97
CA LEU A 307 40.54 12.19 19.39
C LEU A 307 40.37 13.24 20.49
N SER A 308 39.57 12.93 21.50
CA SER A 308 39.36 13.89 22.58
C SER A 308 40.64 14.16 23.35
N LEU A 309 41.42 13.12 23.63
CA LEU A 309 42.69 13.32 24.34
C LEU A 309 43.66 14.15 23.53
N ALA A 310 43.75 13.89 22.21
CA ALA A 310 44.63 14.68 21.36
C ALA A 310 44.20 16.15 21.35
N TYR A 311 42.90 16.41 21.26
CA TYR A 311 42.44 17.80 21.29
C TYR A 311 42.74 18.44 22.64
N ILE A 312 42.57 17.70 23.73
CA ILE A 312 42.86 18.26 25.06
C ILE A 312 44.32 18.66 25.14
N SER A 313 45.21 17.81 24.64
CA SER A 313 46.63 18.16 24.66
C SER A 313 46.94 19.38 23.79
N TYR A 314 46.35 19.44 22.59
CA TYR A 314 46.63 20.54 21.67
C TYR A 314 46.01 21.86 22.12
N TYR A 315 45.01 21.81 23.01
CA TYR A 315 44.29 23.02 23.40
C TYR A 315 45.13 23.92 24.30
N SER A 316 45.90 23.34 25.21
CA SER A 316 46.56 24.09 26.28
C SER A 316 48.02 24.38 25.99
N SER A 317 48.43 24.39 24.72
CA SER A 317 49.83 24.61 24.39
C SER A 317 50.29 26.00 24.83
N GLU A 318 49.46 27.02 24.63
CA GLU A 318 49.85 28.37 25.02
C GLU A 318 50.13 28.47 26.51
N LYS A 319 49.21 27.95 27.32
CA LYS A 319 49.38 28.03 28.77
C LYS A 319 50.57 27.22 29.24
N THR A 320 50.77 26.00 28.70
CA THR A 320 51.90 25.21 29.15
C THR A 320 53.23 25.82 28.72
N ALA A 321 53.27 26.46 27.54
CA ALA A 321 54.49 27.13 27.11
C ALA A 321 54.78 28.35 27.96
N GLU A 322 53.75 29.11 28.31
CA GLU A 322 53.94 30.26 29.19
C GLU A 322 54.36 29.83 30.60
N GLN A 323 53.89 28.66 31.04
CA GLN A 323 54.24 28.18 32.38
C GLN A 323 55.66 27.62 32.42
N ASN A 324 56.07 26.91 31.37
CA ASN A 324 57.36 26.22 31.40
C ASN A 324 58.52 27.20 31.55
N VAL A 325 58.48 28.31 30.81
CA VAL A 325 59.49 29.35 30.91
C VAL A 325 58.84 30.57 31.56
N ALA A 326 59.46 31.05 32.64
CA ALA A 326 58.84 32.10 33.44
C ALA A 326 58.65 33.38 32.64
N ALA A 327 59.66 33.79 31.90
CA ALA A 327 59.62 35.01 31.11
C ALA A 327 59.44 34.67 29.63
N ASP A 328 59.39 35.71 28.80
CA ASP A 328 59.28 35.52 27.37
C ASP A 328 60.55 34.95 26.76
N PHE A 329 61.70 35.19 27.40
CA PHE A 329 62.96 34.57 27.00
C PHE A 329 63.72 34.20 28.26
N SER A 330 64.54 33.15 28.16
CA SER A 330 65.33 32.69 29.29
C SER A 330 66.77 32.49 28.83
N PHE A 331 67.72 32.97 29.63
CA PHE A 331 69.13 32.91 29.30
C PHE A 331 69.91 32.30 30.47
N MET A 332 70.95 31.54 30.11
CA MET A 332 71.83 30.92 31.09
C MET A 332 73.27 31.40 31.01
N ASN A 333 73.66 32.04 29.92
CA ASN A 333 75.02 32.53 29.74
C ASN A 333 75.00 34.05 29.62
N GLU A 334 75.97 34.70 30.28
CA GLU A 334 76.00 36.17 30.26
C GLU A 334 76.47 36.69 28.90
N LYS A 335 77.43 36.00 28.27
CA LYS A 335 77.92 36.45 26.98
C LYS A 335 76.82 36.41 25.92
N ASP A 336 76.05 35.32 25.89
CA ASP A 336 74.96 35.23 24.92
C ASP A 336 73.86 36.25 25.21
N ALA A 337 73.55 36.47 26.50
CA ALA A 337 72.54 37.45 26.86
C ALA A 337 72.96 38.85 26.44
N LYS A 338 74.22 39.22 26.68
CA LYS A 338 74.68 40.53 26.28
C LYS A 338 74.77 40.65 24.77
N LEU A 339 75.09 39.57 24.06
CA LEU A 339 75.04 39.61 22.61
C LEU A 339 73.63 39.88 22.11
N PHE A 340 72.64 39.19 22.68
CA PHE A 340 71.26 39.38 22.25
C PHE A 340 70.80 40.80 22.56
N GLU A 341 71.16 41.34 23.72
CA GLU A 341 70.80 42.71 24.02
C GLU A 341 71.52 43.69 23.09
N ASN A 342 72.75 43.38 22.67
CA ASN A 342 73.43 44.23 21.69
C ASN A 342 72.68 44.24 20.36
N LYS A 343 72.28 43.07 19.86
CA LYS A 343 71.49 43.06 18.63
C LYS A 343 70.14 43.74 18.81
N LEU A 344 69.57 43.70 20.01
CA LEU A 344 68.30 44.40 20.24
C LEU A 344 68.48 45.90 20.39
N ARG A 345 69.69 46.37 20.71
CA ARG A 345 69.91 47.80 20.91
C ARG A 345 69.63 48.59 19.64
N GLU A 346 70.15 48.14 18.50
CA GLU A 346 69.97 48.86 17.25
C GLU A 346 68.76 48.38 16.45
N SER A 347 67.93 47.53 17.04
CA SER A 347 66.69 47.08 16.41
C SER A 347 65.51 47.97 16.75
N ASN A 348 65.74 49.07 17.47
CA ASN A 348 64.69 49.99 17.90
C ASN A 348 63.66 49.32 18.80
N ILE A 349 64.09 48.31 19.55
CA ILE A 349 63.24 47.59 20.48
C ILE A 349 63.89 47.62 21.86
N SER A 350 63.16 48.07 22.86
CA SER A 350 63.65 48.15 24.23
C SER A 350 63.14 46.95 25.03
N PHE A 351 63.93 46.53 26.02
CA PHE A 351 63.68 45.31 26.75
C PHE A 351 63.83 45.54 28.26
N VAL A 352 63.25 44.62 29.03
CA VAL A 352 63.42 44.58 30.48
C VAL A 352 64.22 43.34 30.83
N LYS A 353 65.31 43.52 31.57
CA LYS A 353 66.14 42.41 32.03
C LYS A 353 66.10 42.36 33.55
N LYS A 354 66.05 41.14 34.10
CA LYS A 354 66.08 40.96 35.54
C LYS A 354 66.70 39.60 35.83
N ALA A 355 67.51 39.54 36.89
CA ALA A 355 68.21 38.33 37.27
C ALA A 355 68.03 38.09 38.76
N THR A 356 67.89 36.82 39.14
CA THR A 356 67.70 36.44 40.53
C THR A 356 68.51 35.18 40.80
N PRO A 357 69.39 35.19 41.79
CA PRO A 357 70.12 33.96 42.13
C PRO A 357 69.18 32.90 42.70
N VAL A 358 69.50 31.64 42.43
CA VAL A 358 68.70 30.52 42.86
C VAL A 358 69.59 29.52 43.57
N LEU A 359 69.08 28.92 44.65
CA LEU A 359 69.80 27.94 45.43
C LEU A 359 69.15 26.57 45.28
N GLN A 360 69.94 25.58 44.87
CA GLN A 360 69.47 24.21 44.76
C GLN A 360 69.79 23.50 46.07
N ALA A 361 68.77 23.36 46.93
CA ALA A 361 68.94 22.74 48.23
C ALA A 361 67.84 21.70 48.42
N ASN A 362 68.18 20.66 49.19
CA ASN A 362 67.26 19.57 49.46
C ASN A 362 66.79 19.63 50.91
N VAL A 363 65.49 19.39 51.10
CA VAL A 363 64.88 19.37 52.42
C VAL A 363 63.98 18.14 52.50
N ASP A 364 63.42 17.92 53.69
CA ASP A 364 62.48 16.84 53.93
C ASP A 364 61.09 17.42 54.15
N ILE A 365 60.15 17.03 53.30
CA ILE A 365 58.76 17.48 53.41
C ILE A 365 57.87 16.25 53.54
N ALA A 366 58.42 15.16 54.07
CA ALA A 366 57.70 13.89 54.13
C ALA A 366 56.44 13.98 54.99
N ASN A 367 56.32 15.00 55.83
CA ASN A 367 55.18 15.13 56.74
C ASN A 367 54.04 15.96 56.16
N ILE A 368 54.14 16.40 54.90
CA ILE A 368 53.18 17.37 54.39
C ILE A 368 52.14 16.79 53.43
N MET A 369 52.42 15.65 52.79
CA MET A 369 51.45 15.08 51.87
C MET A 369 50.33 14.37 52.62
N ASP A 370 49.12 14.46 52.07
CA ASP A 370 47.95 13.79 52.63
C ASP A 370 47.72 12.40 52.05
N GLY A 371 48.61 11.93 51.17
CA GLY A 371 48.41 10.64 50.55
C GLY A 371 49.07 9.52 51.33
N THR A 372 50.09 8.89 50.74
CA THR A 372 50.81 7.81 51.39
C THR A 372 52.31 8.04 51.27
N PRO A 373 53.08 7.59 52.26
CA PRO A 373 54.55 7.67 52.12
C PRO A 373 55.09 6.83 50.99
N LYS A 374 54.31 5.85 50.51
CA LYS A 374 54.78 4.93 49.48
C LYS A 374 54.88 5.59 48.10
N GLU A 375 54.36 6.81 47.92
CA GLU A 375 54.51 7.53 46.66
C GLU A 375 55.94 8.04 46.61
N MET A 376 56.85 7.14 46.22
CA MET A 376 58.27 7.35 46.47
C MET A 376 58.83 8.49 45.64
N GLN A 377 58.89 8.31 44.32
CA GLN A 377 59.32 9.33 43.36
C GLN A 377 60.49 10.16 43.91
N GLY A 378 61.56 9.48 44.29
CA GLY A 378 62.70 10.09 44.93
C GLY A 378 62.65 9.93 46.45
N ASP A 379 63.75 10.26 47.09
CA ASP A 379 63.82 10.16 48.54
C ASP A 379 63.00 11.29 49.17
N PRO A 380 62.01 10.97 50.02
CA PRO A 380 61.21 12.05 50.63
C PRO A 380 62.04 13.03 51.44
N GLY A 381 63.13 12.57 52.03
CA GLY A 381 64.06 13.48 52.66
C GLY A 381 65.05 14.14 51.73
N ASN A 382 65.01 13.80 50.44
CA ASN A 382 65.97 14.32 49.47
C ASN A 382 65.28 14.87 48.23
N MET A 383 64.06 15.40 48.37
CA MET A 383 63.45 16.14 47.29
C MET A 383 64.24 17.40 46.95
N GLN A 384 64.38 17.67 45.66
CA GLN A 384 65.12 18.84 45.19
C GLN A 384 64.17 20.02 45.05
N LEU A 385 64.47 21.10 45.76
CA LEU A 385 63.66 22.30 45.76
C LEU A 385 64.54 23.52 45.49
N ALA A 386 63.93 24.55 44.92
CA ALA A 386 64.62 25.79 44.60
C ALA A 386 64.38 26.79 45.72
N VAL A 387 65.45 27.44 46.17
CA VAL A 387 65.40 28.38 47.28
C VAL A 387 65.73 29.77 46.74
N VAL A 388 64.83 30.72 46.96
CA VAL A 388 65.03 32.10 46.55
C VAL A 388 64.71 33.02 47.72
N SER A 389 65.20 34.25 47.64
CA SER A 389 65.01 35.23 48.69
C SER A 389 63.65 35.90 48.55
N ASP A 390 63.41 36.94 49.35
CA ASP A 390 62.19 37.73 49.27
C ASP A 390 62.42 39.13 48.72
N LYS A 391 63.65 39.66 48.82
CA LYS A 391 63.93 40.98 48.29
C LYS A 391 63.80 41.01 46.78
N ASP A 392 64.26 39.96 46.09
CA ASP A 392 64.13 39.91 44.63
C ASP A 392 62.67 39.71 44.21
N VAL A 393 61.86 39.11 45.07
CA VAL A 393 60.45 38.91 44.78
C VAL A 393 59.69 40.20 45.11
N LYS A 394 58.87 40.66 44.17
CA LYS A 394 58.15 41.92 44.31
C LYS A 394 56.68 41.71 44.67
N GLY A 395 56.31 40.53 45.14
CA GLY A 395 54.91 40.23 45.38
C GLY A 395 54.51 39.96 46.82
N VAL A 396 55.42 39.41 47.62
CA VAL A 396 55.11 38.99 48.97
C VAL A 396 56.17 39.49 49.93
N ASP A 397 55.79 39.61 51.21
CA ASP A 397 56.69 40.03 52.29
C ASP A 397 56.61 38.98 53.39
N VAL A 398 57.51 38.00 53.33
CA VAL A 398 57.50 36.88 54.27
C VAL A 398 58.27 37.26 55.52
N ALA A 399 58.10 36.46 56.58
CA ALA A 399 58.79 36.65 57.85
C ALA A 399 59.65 35.43 58.17
N ALA A 400 60.32 35.48 59.31
CA ALA A 400 61.21 34.40 59.71
C ALA A 400 60.40 33.16 60.12
N GLY A 401 60.93 31.98 59.77
CA GLY A 401 60.26 30.75 60.11
C GLY A 401 59.06 30.43 59.26
N GLU A 402 58.86 31.15 58.15
CA GLU A 402 57.70 30.97 57.30
C GLU A 402 58.16 30.68 55.88
N ALA A 403 57.49 29.74 55.23
CA ALA A 403 57.83 29.34 53.86
C ALA A 403 56.60 29.42 52.98
N VAL A 404 56.79 29.95 51.77
CA VAL A 404 55.73 30.08 50.79
C VAL A 404 56.18 29.43 49.49
N PHE A 405 55.27 28.68 48.87
CA PHE A 405 55.58 27.97 47.63
C PHE A 405 55.19 28.81 46.41
N SER A 406 55.37 28.24 45.23
CA SER A 406 55.09 28.94 43.99
C SER A 406 54.45 27.99 42.99
N GLY A 407 53.54 28.52 42.19
CA GLY A 407 52.93 27.78 41.11
C GLY A 407 51.82 26.84 41.60
N TYR A 408 51.04 26.36 40.64
CA TYR A 408 49.94 25.43 40.91
C TYR A 408 50.22 24.05 40.33
N THR A 409 50.41 23.96 39.01
CA THR A 409 50.75 22.71 38.32
C THR A 409 49.79 21.59 38.72
N ASP A 410 48.56 21.74 38.24
CA ASP A 410 47.45 20.83 38.55
C ASP A 410 47.82 19.35 38.52
N LEU A 411 48.83 18.99 37.72
CA LEU A 411 49.25 17.60 37.65
C LEU A 411 49.76 17.09 38.99
N LEU A 412 50.69 17.82 39.61
CA LEU A 412 51.31 17.31 40.83
C LEU A 412 50.37 17.33 42.03
N GLN A 413 49.30 18.12 41.98
CA GLN A 413 48.38 18.18 43.12
C GLN A 413 47.73 16.82 43.37
N LYS A 414 47.30 16.14 42.30
CA LYS A 414 46.71 14.83 42.47
C LYS A 414 47.74 13.76 42.79
N ILE A 415 48.95 13.89 42.21
CA ILE A 415 50.01 12.94 42.52
C ILE A 415 50.51 13.14 43.95
N MET A 416 50.70 14.38 44.36
CA MET A 416 51.19 14.71 45.71
C MET A 416 50.28 15.78 46.30
N VAL A 417 49.30 15.36 47.10
CA VAL A 417 48.41 16.32 47.76
C VAL A 417 49.19 17.06 48.85
N PHE A 418 48.80 18.30 49.12
CA PHE A 418 49.45 19.14 50.10
C PHE A 418 48.49 19.46 51.23
N LYS A 419 48.94 19.27 52.47
CA LYS A 419 48.15 19.57 53.66
C LYS A 419 48.41 21.01 54.08
N ASP A 420 47.94 21.36 55.28
CA ASP A 420 48.09 22.71 55.81
C ASP A 420 49.48 22.87 56.43
N SER A 421 49.66 23.94 57.19
CA SER A 421 50.96 24.28 57.75
C SER A 421 51.52 23.14 58.61
N GLY A 422 52.80 22.85 58.41
CA GLY A 422 53.50 21.85 59.20
C GLY A 422 54.88 22.32 59.60
N VAL A 423 55.88 21.45 59.47
CA VAL A 423 57.27 21.81 59.73
C VAL A 423 58.14 21.21 58.64
N ILE A 424 59.10 21.98 58.16
CA ILE A 424 60.05 21.55 57.14
C ILE A 424 61.45 21.64 57.72
N LYS A 425 62.18 20.54 57.68
CA LYS A 425 63.54 20.48 58.20
C LYS A 425 64.52 20.69 57.06
N VAL A 426 65.36 21.72 57.18
CA VAL A 426 66.33 22.05 56.14
C VAL A 426 67.52 21.11 56.28
N LYS A 427 67.84 20.39 55.21
CA LYS A 427 68.97 19.45 55.21
C LYS A 427 70.24 20.18 54.78
N SER A 428 70.74 21.01 55.69
CA SER A 428 71.97 21.75 55.44
C SER A 428 73.19 20.88 55.77
N LYS A 429 74.37 21.49 55.68
CA LYS A 429 75.61 20.74 55.90
C LYS A 429 75.71 20.24 57.33
N HIS A 430 75.55 21.13 58.31
CA HIS A 430 75.67 20.76 59.71
C HIS A 430 74.65 21.48 60.58
N GLU A 431 73.50 21.84 60.00
CA GLU A 431 72.49 22.59 60.74
C GLU A 431 71.13 22.31 60.13
N THR A 432 70.08 22.66 60.87
CA THR A 432 68.70 22.46 60.39
C THR A 432 67.81 23.46 61.11
N GLN A 433 67.29 24.43 60.36
CA GLN A 433 66.39 25.43 60.90
C GLN A 433 64.96 25.10 60.51
N PRO A 434 64.07 24.80 61.45
CA PRO A 434 62.70 24.44 61.09
C PRO A 434 61.87 25.65 60.68
N LEU A 435 61.05 25.44 59.65
CA LEU A 435 60.12 26.48 59.20
C LEU A 435 58.72 25.89 59.09
N LYS A 436 57.76 26.67 58.60
CA LYS A 436 56.40 26.19 58.42
C LYS A 436 55.88 26.60 57.06
N TYR A 437 54.93 25.83 56.54
CA TYR A 437 54.34 26.09 55.23
C TYR A 437 53.23 27.13 55.40
N LYS A 438 53.43 28.32 54.82
CA LYS A 438 52.44 29.39 54.96
C LYS A 438 51.28 29.20 53.98
N GLY A 439 51.58 29.11 52.69
CA GLY A 439 50.54 28.95 51.69
C GLY A 439 51.13 28.66 50.34
N LEU A 440 50.26 28.30 49.41
CA LEU A 440 50.62 27.96 48.04
C LEU A 440 50.14 29.05 47.10
N ARG A 441 51.03 29.53 46.24
CA ARG A 441 50.67 30.55 45.27
C ARG A 441 50.21 29.89 43.97
N GLU A 442 50.07 30.68 42.91
CA GLU A 442 49.67 30.17 41.61
C GLU A 442 50.57 30.59 40.46
N GLU A 443 51.30 31.69 40.59
CA GLU A 443 52.19 32.15 39.54
C GLU A 443 53.52 31.40 39.60
N PHE A 444 54.25 31.46 38.50
CA PHE A 444 55.57 30.86 38.38
C PHE A 444 56.64 31.93 38.22
N LEU A 445 57.81 31.67 38.80
CA LEU A 445 58.90 32.62 38.79
C LEU A 445 60.21 32.08 38.24
N VAL A 446 60.35 30.76 38.10
CA VAL A 446 61.59 30.14 37.62
C VAL A 446 61.25 29.13 36.55
N SER A 447 62.08 29.09 35.50
CA SER A 447 61.89 28.13 34.42
C SER A 447 62.05 26.70 34.94
N TYR A 448 61.64 25.74 34.11
CA TYR A 448 61.68 24.35 34.52
C TYR A 448 63.10 23.80 34.62
N THR A 449 64.10 24.53 34.15
CA THR A 449 65.47 24.04 34.20
C THR A 449 65.95 23.91 35.65
N PHE A 450 65.63 24.90 36.49
CA PHE A 450 66.16 24.93 37.85
C PHE A 450 65.24 24.28 38.88
N THR A 451 64.03 23.88 38.50
CA THR A 451 63.07 23.33 39.45
C THR A 451 62.75 21.86 39.17
N SER A 452 63.74 21.10 38.71
CA SER A 452 63.58 19.67 38.42
C SER A 452 62.46 19.53 37.38
N GLY A 453 61.54 18.58 37.56
CA GLY A 453 60.43 18.44 36.64
C GLY A 453 59.40 19.55 36.76
N GLY A 454 58.67 19.56 37.88
CA GLY A 454 57.68 20.59 38.12
C GLY A 454 57.57 20.97 39.58
N MET A 455 58.58 20.62 40.37
CA MET A 455 58.52 20.84 41.81
C MET A 455 58.50 22.34 42.10
N PRO A 456 57.62 22.82 42.97
CA PRO A 456 57.57 24.25 43.28
C PRO A 456 58.85 24.74 43.93
N ALA A 457 58.91 26.06 44.11
CA ALA A 457 60.07 26.72 44.70
C ALA A 457 59.64 27.44 45.98
N VAL A 458 60.55 27.48 46.95
CA VAL A 458 60.27 28.06 48.27
C VAL A 458 60.69 29.52 48.29
N ILE A 459 60.04 30.29 49.15
CA ILE A 459 60.34 31.70 49.35
C ILE A 459 60.73 31.90 50.81
N VAL A 460 61.89 32.52 51.03
CA VAL A 460 62.42 32.74 52.37
C VAL A 460 62.70 34.22 52.54
N ASP A 461 62.85 34.63 53.80
CA ASP A 461 63.15 36.01 54.13
C ASP A 461 64.58 36.36 53.72
N ASP A 462 64.82 37.66 53.52
CA ASP A 462 66.15 38.12 53.10
C ASP A 462 67.19 37.81 54.17
N SER A 463 66.84 38.01 55.44
CA SER A 463 67.78 37.70 56.52
C SER A 463 68.12 36.21 56.55
N LEU A 464 67.11 35.36 56.42
CA LEU A 464 67.36 33.92 56.36
C LEU A 464 68.15 33.55 55.11
N PHE A 465 67.84 34.19 53.98
CA PHE A 465 68.60 33.96 52.76
C PHE A 465 70.06 34.33 52.94
N LYS A 466 70.34 35.37 53.75
CA LYS A 466 71.71 35.79 53.98
C LYS A 466 72.54 34.73 54.71
N GLN A 467 71.89 33.78 55.38
CA GLN A 467 72.58 32.64 55.97
C GLN A 467 72.55 31.41 55.06
N LEU A 468 71.44 31.18 54.35
CA LEU A 468 71.38 30.05 53.45
C LEU A 468 72.39 30.18 52.31
N ASP A 469 72.54 31.38 51.73
CA ASP A 469 73.55 31.57 50.71
C ASP A 469 74.95 31.55 51.29
N LYS A 470 75.09 31.88 52.58
CA LYS A 470 76.37 31.70 53.25
C LYS A 470 76.74 30.23 53.30
N ASP A 471 75.78 29.37 53.62
CA ASP A 471 76.03 27.92 53.66
C ASP A 471 76.44 27.41 52.28
N LYS A 472 75.50 27.44 51.33
CA LYS A 472 75.75 27.07 49.94
C LYS A 472 76.51 25.75 49.82
N ASP A 473 75.86 24.67 50.23
CA ASP A 473 76.47 23.35 50.14
C ASP A 473 76.68 22.97 48.68
N PRO A 474 77.92 22.79 48.23
CA PRO A 474 78.19 22.44 46.82
C PRO A 474 78.23 20.93 46.57
N ARG A 475 77.06 20.32 46.60
CA ARG A 475 76.95 18.89 46.32
C ARG A 475 75.88 18.61 45.28
N ILE A 476 74.89 19.50 45.20
CA ILE A 476 73.72 19.31 44.34
C ILE A 476 73.47 20.56 43.52
N GLN A 477 74.46 21.46 43.46
CA GLN A 477 74.33 22.68 42.68
C GLN A 477 74.33 22.38 41.18
N LEU A 478 73.66 23.24 40.42
CA LEU A 478 73.57 23.08 38.98
C LEU A 478 74.73 23.81 38.29
N ALA A 479 74.69 23.81 36.96
CA ALA A 479 75.75 24.46 36.18
C ALA A 479 75.78 25.97 36.42
N GLN A 480 74.61 26.61 36.45
CA GLN A 480 74.52 28.05 36.63
C GLN A 480 73.39 28.35 37.59
N SER A 481 73.72 28.97 38.72
CA SER A 481 72.72 29.36 39.73
C SER A 481 72.31 30.81 39.55
N THR A 482 71.79 31.12 38.37
CA THR A 482 71.34 32.47 38.07
C THR A 482 70.22 32.38 37.04
N PHE A 483 69.32 33.37 37.07
CA PHE A 483 68.09 33.38 36.27
C PHE A 483 67.99 34.65 35.44
N ILE A 484 69.05 34.98 34.71
CA ILE A 484 69.00 36.14 33.82
C ILE A 484 67.99 35.85 32.72
N GLY A 485 66.82 36.47 32.80
CA GLY A 485 65.79 36.28 31.81
C GLY A 485 65.19 37.59 31.34
N VAL A 486 65.31 37.88 30.05
CA VAL A 486 64.88 39.15 29.49
C VAL A 486 63.40 39.09 29.16
N ASN A 487 62.72 40.22 29.32
CA ASN A 487 61.33 40.36 28.96
C ASN A 487 61.20 41.25 27.73
N VAL A 488 59.97 41.57 27.35
CA VAL A 488 59.69 42.44 26.22
C VAL A 488 58.58 43.41 26.63
N LYS A 489 58.47 44.50 25.88
CA LYS A 489 57.46 45.52 26.15
C LYS A 489 56.10 45.02 25.70
N HIS A 490 55.12 45.94 25.66
CA HIS A 490 53.78 45.61 25.23
C HIS A 490 53.78 45.06 23.80
N ASP A 491 52.63 44.53 23.38
CA ASP A 491 52.49 43.82 22.12
C ASP A 491 53.11 44.60 20.97
N ASP A 492 54.12 44.02 20.34
CA ASP A 492 54.84 44.63 19.24
C ASP A 492 55.26 43.51 18.29
N GLN A 493 56.20 43.79 17.41
CA GLN A 493 56.69 42.75 16.50
C GLN A 493 57.57 41.78 17.28
N MET A 494 56.97 40.70 17.80
CA MET A 494 57.73 39.69 18.52
C MET A 494 58.49 38.77 17.58
N GLU A 495 58.04 38.65 16.33
CA GLU A 495 58.64 37.70 15.40
C GLU A 495 60.06 38.09 15.04
N LYS A 496 60.34 39.37 14.82
CA LYS A 496 61.69 39.79 14.49
C LYS A 496 62.65 39.47 15.62
N ALA A 497 62.24 39.77 16.85
CA ALA A 497 63.04 39.35 18.00
C ALA A 497 63.14 37.83 18.07
N ASN A 498 62.14 37.12 17.54
CA ASN A 498 62.21 35.66 17.53
C ASN A 498 63.33 35.16 16.63
N GLU A 499 63.43 35.67 15.39
CA GLU A 499 64.56 35.18 14.59
C GLU A 499 65.88 35.74 15.09
N LEU A 500 65.89 36.92 15.71
CA LEU A 500 67.13 37.40 16.32
C LEU A 500 67.59 36.45 17.42
N PHE A 501 66.66 36.01 18.27
CA PHE A 501 66.98 35.02 19.29
C PHE A 501 67.44 33.71 18.64
N GLN A 502 66.82 33.33 17.52
CA GLN A 502 67.21 32.11 16.84
C GLN A 502 68.67 32.18 16.37
N GLN A 503 69.07 33.33 15.82
CA GLN A 503 70.45 33.45 15.37
C GLN A 503 71.43 33.74 16.49
N VAL A 504 70.95 34.11 17.69
CA VAL A 504 71.85 34.27 18.82
C VAL A 504 72.51 32.93 19.17
N ASN A 505 71.72 31.86 19.23
CA ASN A 505 72.20 30.55 19.67
C ASN A 505 72.31 29.62 18.47
N LYS A 506 73.54 29.46 17.96
CA LYS A 506 73.78 28.44 16.95
C LYS A 506 73.68 27.03 17.52
N LYS A 507 73.87 26.88 18.83
CA LYS A 507 73.72 25.61 19.50
C LYS A 507 72.31 25.40 20.05
N ASN A 508 71.44 26.39 19.88
CA ASN A 508 70.05 26.39 20.40
C ASN A 508 70.00 25.81 21.82
N GLU A 509 70.70 26.47 22.73
CA GLU A 509 70.77 26.04 24.11
C GLU A 509 69.85 26.83 25.04
N HIS A 510 69.43 28.03 24.66
CA HIS A 510 68.49 28.80 25.46
C HIS A 510 67.06 28.39 25.11
N LEU A 511 66.09 29.04 25.76
CA LEU A 511 64.68 28.71 25.57
C LEU A 511 63.89 29.97 25.26
N SER A 512 62.95 29.83 24.32
CA SER A 512 62.06 30.91 23.93
C SER A 512 60.62 30.53 24.26
N ARG A 513 59.72 31.50 24.12
CA ARG A 513 58.32 31.32 24.47
C ARG A 513 57.43 31.06 23.26
N LEU A 514 58.01 30.79 22.11
CA LEU A 514 57.22 30.50 20.91
C LEU A 514 57.60 29.19 20.24
N ASP A 515 58.88 28.82 20.26
CA ASP A 515 59.30 27.59 19.59
C ASP A 515 58.69 26.36 20.25
N THR A 516 58.66 26.33 21.59
CA THR A 516 58.06 25.20 22.28
C THR A 516 56.57 25.09 21.96
N SER A 517 55.87 26.23 21.96
CA SER A 517 54.45 26.21 21.61
C SER A 517 54.23 25.71 20.20
N ALA A 518 55.03 26.18 19.25
CA ALA A 518 54.87 25.74 17.86
C ALA A 518 55.14 24.25 17.72
N ALA A 519 56.19 23.75 18.38
CA ALA A 519 56.51 22.34 18.29
C ALA A 519 55.40 21.47 18.86
N GLN A 520 54.88 21.85 20.04
CA GLN A 520 53.80 21.08 20.64
C GLN A 520 52.56 21.11 19.76
N LYS A 521 52.20 22.28 19.24
CA LYS A 521 51.01 22.39 18.41
C LYS A 521 51.14 21.54 17.16
N SER A 522 52.30 21.55 16.51
CA SER A 522 52.47 20.73 15.31
C SER A 522 52.39 19.25 15.65
N LEU A 523 53.10 18.83 16.70
CA LEU A 523 53.18 17.41 17.04
C LEU A 523 51.81 16.84 17.35
N PHE A 524 50.98 17.59 18.08
CA PHE A 524 49.66 17.04 18.38
C PHE A 524 48.63 17.33 17.29
N GLY A 525 48.85 18.34 16.46
CA GLY A 525 47.94 18.57 15.35
C GLY A 525 47.99 17.47 14.31
N MET A 526 49.19 16.94 14.04
CA MET A 526 49.27 15.82 13.10
C MET A 526 48.46 14.62 13.61
N VAL A 527 48.59 14.30 14.89
CA VAL A 527 47.86 13.17 15.46
C VAL A 527 46.37 13.42 15.40
N MET A 528 45.93 14.65 15.72
CA MET A 528 44.51 14.97 15.66
C MET A 528 43.97 14.78 14.25
N PHE A 529 44.72 15.26 13.25
CA PHE A 529 44.34 15.10 11.85
C PHE A 529 44.13 13.63 11.49
N ILE A 530 45.14 12.80 11.79
CA ILE A 530 45.08 11.40 11.39
C ILE A 530 43.92 10.69 12.08
N VAL A 531 43.80 10.88 13.40
CA VAL A 531 42.77 10.18 14.16
C VAL A 531 41.38 10.63 13.71
N GLY A 532 41.21 11.92 13.42
CA GLY A 532 39.92 12.39 12.96
C GLY A 532 39.49 11.76 11.65
N PHE A 533 40.40 11.70 10.67
CA PHE A 533 40.00 11.08 9.41
C PHE A 533 39.73 9.59 9.54
N LEU A 534 40.54 8.87 10.33
CA LEU A 534 40.24 7.45 10.52
C LEU A 534 38.92 7.25 11.24
N GLY A 535 38.59 8.11 12.20
CA GLY A 535 37.31 8.02 12.87
C GLY A 535 36.13 8.25 11.95
N LEU A 536 36.25 9.24 11.06
CA LEU A 536 35.20 9.47 10.08
C LEU A 536 35.01 8.26 9.17
N THR A 537 36.12 7.67 8.71
CA THR A 537 36.03 6.49 7.86
C THR A 537 35.34 5.35 8.59
N PHE A 538 35.68 5.13 9.86
CA PHE A 538 35.06 4.06 10.62
C PHE A 538 33.57 4.30 10.81
N LEU A 539 33.17 5.54 11.05
CA LEU A 539 31.75 5.86 11.19
C LEU A 539 30.99 5.51 9.91
N ILE A 540 31.49 6.00 8.78
CA ILE A 540 30.81 5.73 7.50
C ILE A 540 30.81 4.24 7.21
N THR A 541 31.81 3.51 7.68
CA THR A 541 31.85 2.07 7.47
C THR A 541 30.79 1.34 8.29
N SER A 542 30.69 1.66 9.59
CA SER A 542 29.78 0.91 10.46
C SER A 542 28.31 1.21 10.15
N GLY A 543 28.02 2.44 9.71
CA GLY A 543 26.64 2.77 9.38
C GLY A 543 26.05 1.84 8.33
N CYS A 544 26.82 1.53 7.29
CA CYS A 544 26.30 0.69 6.20
C CYS A 544 26.01 -0.73 6.67
N ILE A 545 26.89 -1.30 7.49
CA ILE A 545 26.67 -2.66 7.98
C ILE A 545 25.41 -2.72 8.83
N LEU A 546 25.23 -1.74 9.72
CA LEU A 546 24.00 -1.71 10.51
C LEU A 546 22.77 -1.57 9.62
N TYR A 547 22.88 -0.74 8.56
CA TYR A 547 21.76 -0.56 7.64
C TYR A 547 21.39 -1.87 6.96
N PHE A 548 22.39 -2.65 6.52
CA PHE A 548 22.09 -3.90 5.84
C PHE A 548 21.45 -4.92 6.78
N LYS A 549 21.96 -5.00 8.02
CA LYS A 549 21.35 -5.91 8.98
C LYS A 549 19.89 -5.54 9.23
N GLN A 550 19.61 -4.23 9.38
CA GLN A 550 18.22 -3.81 9.59
C GLN A 550 17.38 -4.06 8.35
N MET A 551 17.96 -3.97 7.16
CA MET A 551 17.23 -4.31 5.94
C MET A 551 16.74 -5.74 5.97
N GLY A 552 17.64 -6.67 6.32
CA GLY A 552 17.23 -8.06 6.43
C GLY A 552 16.17 -8.27 7.50
N GLU A 553 16.35 -7.64 8.66
CA GLU A 553 15.37 -7.78 9.73
C GLU A 553 13.99 -7.29 9.30
N SER A 554 13.95 -6.16 8.59
CA SER A 554 12.67 -5.63 8.12
C SER A 554 12.02 -6.56 7.10
N GLU A 555 12.83 -7.15 6.20
CA GLU A 555 12.25 -8.06 5.22
C GLU A 555 11.76 -9.37 5.84
N ASP A 556 12.25 -9.73 7.03
CA ASP A 556 11.84 -10.99 7.66
C ASP A 556 10.73 -10.81 8.69
N GLU A 557 9.90 -9.78 8.49
CA GLU A 557 8.83 -9.43 9.47
C GLU A 557 7.59 -8.91 8.73
N LYS A 558 7.65 -8.84 7.40
CA LYS A 558 6.52 -8.32 6.56
C LYS A 558 5.18 -8.99 6.94
N PRO A 559 5.02 -10.34 7.04
CA PRO A 559 3.75 -10.95 7.48
C PRO A 559 3.08 -10.28 8.70
N SER A 560 3.86 -9.96 9.74
CA SER A 560 3.30 -9.34 10.98
C SER A 560 2.48 -8.10 10.62
N TYR A 561 3.07 -7.17 9.84
CA TYR A 561 2.36 -5.93 9.42
C TYR A 561 1.05 -6.29 8.71
N THR A 562 1.08 -7.26 7.80
CA THR A 562 -0.15 -7.68 7.05
C THR A 562 -1.25 -8.10 8.03
N ILE A 563 -0.93 -8.98 8.99
CA ILE A 563 -1.94 -9.46 9.99
C ILE A 563 -2.51 -8.25 10.74
N LEU A 564 -1.62 -7.40 11.29
CA LEU A 564 -2.07 -6.21 12.06
C LEU A 564 -2.95 -5.32 11.19
N ARG A 565 -2.71 -5.26 9.87
CA ARG A 565 -3.45 -4.35 9.03
C ARG A 565 -4.85 -4.86 8.71
N LYS A 566 -5.25 -6.00 9.28
CA LYS A 566 -6.59 -6.53 9.09
C LYS A 566 -7.51 -6.25 10.26
N LEU A 567 -6.97 -5.88 11.42
CA LEU A 567 -7.79 -5.62 12.60
C LEU A 567 -8.19 -4.15 12.73
N GLY A 568 -7.69 -3.28 11.86
CA GLY A 568 -8.15 -1.90 11.87
C GLY A 568 -7.05 -0.86 11.87
N PHE A 569 -5.81 -1.25 12.15
CA PHE A 569 -4.71 -0.30 12.22
C PHE A 569 -4.33 0.19 10.82
N THR A 570 -4.00 1.47 10.73
CA THR A 570 -3.57 2.09 9.49
C THR A 570 -2.05 2.30 9.49
N GLN A 571 -1.53 2.71 8.34
CA GLN A 571 -0.09 2.89 8.20
C GLN A 571 0.42 4.03 9.08
N GLY A 572 -0.44 5.00 9.39
CA GLY A 572 -0.04 6.11 10.24
C GLY A 572 0.33 5.70 11.65
N ASP A 573 -0.07 4.51 12.07
CA ASP A 573 0.33 3.97 13.37
C ASP A 573 1.49 2.99 13.27
N LEU A 574 1.53 2.20 12.19
CA LEU A 574 2.66 1.30 11.98
C LEU A 574 3.95 2.08 11.85
N ILE A 575 3.94 3.17 11.08
CA ILE A 575 5.16 3.97 10.92
C ILE A 575 5.54 4.64 12.23
N LYS A 576 4.55 5.06 13.01
CA LYS A 576 4.84 5.67 14.30
C LYS A 576 5.53 4.69 15.23
N GLY A 577 5.09 3.42 15.24
CA GLY A 577 5.79 2.41 16.01
C GLY A 577 7.18 2.12 15.49
N ILE A 578 7.33 2.11 14.16
CA ILE A 578 8.64 1.85 13.56
C ILE A 578 9.64 2.94 13.95
N ARG A 579 9.17 4.17 14.12
CA ARG A 579 10.05 5.25 14.56
C ARG A 579 10.73 4.89 15.88
N ILE A 580 9.93 4.48 16.87
CA ILE A 580 10.50 4.12 18.17
C ILE A 580 11.38 2.89 18.06
N LYS A 581 10.97 1.91 17.25
CA LYS A 581 11.79 0.71 17.09
C LYS A 581 13.17 1.07 16.58
N GLN A 582 13.25 1.87 15.51
CA GLN A 582 14.53 2.27 14.95
C GLN A 582 15.31 3.12 15.94
N MET A 583 14.63 3.99 16.69
CA MET A 583 15.31 4.78 17.70
C MET A 583 16.05 3.89 18.69
N TYR A 584 15.36 2.90 19.25
CA TYR A 584 16.03 2.01 20.22
C TYR A 584 17.14 1.22 19.57
N ASN A 585 16.87 0.66 18.37
CA ASN A 585 17.83 -0.25 17.74
C ASN A 585 19.12 0.47 17.40
N PHE A 586 19.04 1.71 16.91
CA PHE A 586 20.24 2.46 16.58
C PHE A 586 20.79 3.27 17.75
N GLY A 587 20.07 3.36 18.86
CA GLY A 587 20.57 4.13 19.98
C GLY A 587 21.25 3.33 21.06
N ILE A 588 20.85 2.06 21.25
CA ILE A 588 21.47 1.25 22.29
C ILE A 588 22.97 1.05 22.08
N PRO A 589 23.45 0.73 20.86
CA PRO A 589 24.91 0.62 20.69
C PRO A 589 25.67 1.94 20.82
N LEU A 590 24.97 3.08 20.92
CA LEU A 590 25.68 4.35 20.96
C LEU A 590 25.94 4.82 22.38
N VAL A 591 24.96 4.64 23.28
CA VAL A 591 25.11 5.13 24.65
C VAL A 591 26.22 4.38 25.37
N VAL A 592 26.33 3.06 25.12
CA VAL A 592 27.39 2.28 25.75
C VAL A 592 28.76 2.78 25.29
N GLY A 593 28.91 3.05 23.99
CA GLY A 593 30.17 3.59 23.51
C GLY A 593 30.47 4.96 24.10
N LEU A 594 29.45 5.80 24.23
CA LEU A 594 29.65 7.11 24.85
C LEU A 594 30.12 6.97 26.28
N PHE A 595 29.53 6.04 27.04
CA PHE A 595 29.94 5.84 28.43
C PHE A 595 31.38 5.32 28.51
N HIS A 596 31.73 4.36 27.65
CA HIS A 596 33.10 3.87 27.61
C HIS A 596 34.08 5.01 27.37
N SER A 597 33.81 5.83 26.35
CA SER A 597 34.73 6.91 26.01
C SER A 597 34.81 7.94 27.14
N TYR A 598 33.67 8.27 27.74
CA TYR A 598 33.68 9.29 28.80
C TYR A 598 34.45 8.82 30.02
N PHE A 599 34.31 7.54 30.40
CA PHE A 599 35.11 7.06 31.51
C PHE A 599 36.56 6.78 31.14
N ALA A 600 36.86 6.66 29.85
CA ALA A 600 38.25 6.59 29.44
C ALA A 600 38.93 7.96 29.52
N VAL A 601 38.22 9.02 29.13
CA VAL A 601 38.81 10.35 29.13
C VAL A 601 39.07 10.83 30.55
N GLN A 602 38.07 10.69 31.43
CA GLN A 602 38.17 11.23 32.78
C GLN A 602 38.89 10.29 33.74
N SER A 603 40.07 9.83 33.33
CA SER A 603 40.98 9.12 34.22
C SER A 603 42.43 9.50 34.03
N GLY A 604 42.80 10.14 32.93
CA GLY A 604 44.15 10.61 32.69
C GLY A 604 44.20 11.95 31.99
N TRP A 605 43.15 12.76 32.13
CA TRP A 605 43.12 14.05 31.46
C TRP A 605 44.18 15.00 31.99
N PHE A 606 44.50 14.90 33.29
CA PHE A 606 45.49 15.80 33.89
C PHE A 606 46.89 15.58 33.33
N LEU A 607 47.15 14.41 32.72
CA LEU A 607 48.45 14.16 32.12
C LEU A 607 48.69 14.96 30.85
N PHE A 608 47.65 15.56 30.28
CA PHE A 608 47.74 16.22 28.99
C PHE A 608 47.55 17.73 29.08
N GLY A 609 46.43 18.20 29.64
CA GLY A 609 46.11 19.60 29.67
C GLY A 609 45.64 20.03 31.06
N SER A 610 44.87 21.12 31.07
CA SER A 610 44.37 21.67 32.32
C SER A 610 42.91 22.10 32.25
N GLU A 611 42.22 21.82 31.15
CA GLU A 611 40.81 22.18 31.02
C GLU A 611 40.10 21.13 30.18
N VAL A 612 38.97 20.66 30.70
CA VAL A 612 38.20 19.60 30.06
C VAL A 612 36.77 20.15 29.94
N TRP A 613 35.87 19.37 29.35
CA TRP A 613 34.47 19.66 29.02
C TRP A 613 34.35 20.54 27.78
N ALA A 614 35.43 21.07 27.25
CA ALA A 614 35.36 21.79 25.98
C ALA A 614 35.41 20.83 24.80
N PRO A 615 36.36 19.88 24.74
CA PRO A 615 36.44 19.01 23.57
C PRO A 615 35.38 17.91 23.51
N MET A 616 35.11 17.25 24.63
CA MET A 616 34.26 16.06 24.60
C MET A 616 32.89 16.38 24.03
N ILE A 617 32.31 17.51 24.44
CA ILE A 617 30.96 17.84 23.99
C ILE A 617 30.94 18.02 22.49
N MET A 618 31.91 18.72 21.93
CA MET A 618 31.95 18.93 20.49
C MET A 618 32.11 17.60 19.75
N VAL A 619 33.04 16.75 20.21
CA VAL A 619 33.29 15.50 19.50
C VAL A 619 32.05 14.60 19.55
N MET A 620 31.42 14.51 20.73
CA MET A 620 30.24 13.66 20.86
C MET A 620 29.07 14.20 20.04
N VAL A 621 28.92 15.52 19.97
CA VAL A 621 27.85 16.09 19.16
C VAL A 621 28.05 15.77 17.69
N LEU A 622 29.28 15.91 17.19
CA LEU A 622 29.54 15.58 15.79
C LEU A 622 29.24 14.10 15.51
N TYR A 623 29.74 13.22 16.39
CA TYR A 623 29.52 11.79 16.19
C TYR A 623 28.04 11.45 16.20
N THR A 624 27.28 12.03 17.14
CA THR A 624 25.87 11.74 17.24
C THR A 624 25.11 12.24 16.00
N ALA A 625 25.47 13.42 15.49
CA ALA A 625 24.79 13.94 14.31
C ALA A 625 24.99 13.03 13.11
N LEU A 626 26.23 12.59 12.87
CA LEU A 626 26.47 11.70 11.74
C LEU A 626 25.76 10.35 11.93
N TYR A 627 25.77 9.84 13.16
CA TYR A 627 25.10 8.57 13.41
C TYR A 627 23.59 8.68 13.17
N SER A 628 23.00 9.81 13.54
CA SER A 628 21.57 10.00 13.30
C SER A 628 21.25 10.11 11.82
N ILE A 629 22.09 10.80 11.05
CA ILE A 629 21.77 10.90 9.63
C ILE A 629 21.90 9.55 8.97
N PHE A 630 22.70 8.65 9.54
CA PHE A 630 22.63 7.27 9.08
C PHE A 630 21.39 6.56 9.60
N GLY A 631 20.87 6.98 10.75
CA GLY A 631 19.70 6.31 11.32
C GLY A 631 18.43 6.49 10.51
N PHE A 632 18.23 7.68 9.93
CA PHE A 632 16.92 7.99 9.33
C PHE A 632 16.59 7.12 8.10
N LEU A 633 17.61 6.71 7.34
CA LEU A 633 17.36 5.98 6.10
C LEU A 633 16.71 4.61 6.37
N SER A 634 16.97 4.02 7.54
CA SER A 634 16.31 2.78 7.88
C SER A 634 14.80 2.98 8.04
N VAL A 635 14.39 4.09 8.65
CA VAL A 635 12.97 4.41 8.75
C VAL A 635 12.38 4.59 7.35
N LEU A 636 13.14 5.20 6.45
CA LEU A 636 12.66 5.31 5.07
C LEU A 636 12.41 3.94 4.45
N TYR A 637 13.35 3.01 4.64
CA TYR A 637 13.17 1.67 4.07
C TYR A 637 11.96 0.96 4.69
N TYR A 638 11.77 1.10 6.00
CA TYR A 638 10.62 0.48 6.64
C TYR A 638 9.32 1.04 6.09
N LYS A 639 9.26 2.36 5.86
CA LYS A 639 8.09 2.96 5.24
C LYS A 639 7.83 2.37 3.86
N LYS A 640 8.90 2.15 3.09
CA LYS A 640 8.74 1.55 1.77
C LYS A 640 8.17 0.13 1.89
N VAL A 641 8.65 -0.65 2.86
CA VAL A 641 8.20 -2.04 2.97
C VAL A 641 6.75 -2.12 3.45
N ILE A 642 6.37 -1.29 4.42
CA ILE A 642 5.04 -1.41 5.02
C ILE A 642 3.94 -1.20 3.99
N LYS A 643 4.16 -0.29 3.03
CA LYS A 643 3.12 0.08 2.09
C LYS A 643 2.67 -1.11 1.25
N SER A 644 3.59 -2.00 0.89
CA SER A 644 3.31 -3.11 -0.02
C SER A 644 3.00 -4.41 0.72
N SER A 645 2.36 -4.32 1.88
CA SER A 645 1.99 -5.49 2.67
C SER A 645 0.50 -5.47 2.98
N LEU A 646 -0.32 -5.21 1.96
CA LEU A 646 -1.76 -5.18 2.11
C LEU A 646 -2.32 -6.57 2.33
N ILE B 11 -31.84 -3.13 12.88
CA ILE B 11 -30.86 -2.07 13.02
C ILE B 11 -30.17 -1.82 11.69
N LEU B 12 -30.07 -2.86 10.88
CA LEU B 12 -29.53 -2.75 9.53
C LEU B 12 -30.67 -2.57 8.53
N GLU B 13 -30.41 -1.78 7.50
CA GLU B 13 -31.45 -1.45 6.52
C GLU B 13 -30.77 -1.15 5.19
N ALA B 14 -30.98 -2.03 4.20
CA ALA B 14 -30.43 -1.87 2.87
C ALA B 14 -31.54 -2.00 1.84
N ASN B 15 -31.49 -1.19 0.79
CA ASN B 15 -32.50 -1.20 -0.26
C ASN B 15 -31.82 -1.15 -1.61
N LYS B 16 -32.14 -2.13 -2.47
CA LYS B 16 -31.74 -2.15 -3.87
C LYS B 16 -30.22 -2.04 -4.00
N ILE B 17 -29.53 -3.05 -3.48
CA ILE B 17 -28.08 -3.09 -3.52
C ILE B 17 -27.64 -3.87 -4.75
N ARG B 18 -26.58 -3.38 -5.40
CA ARG B 18 -26.11 -3.99 -6.65
C ARG B 18 -24.61 -3.79 -6.76
N LYS B 19 -23.88 -4.90 -6.93
CA LYS B 19 -22.43 -4.88 -7.09
C LYS B 19 -22.07 -5.47 -8.44
N SER B 20 -21.27 -4.73 -9.21
CA SER B 20 -20.82 -5.17 -10.53
C SER B 20 -19.31 -5.42 -10.47
N TYR B 21 -18.93 -6.68 -10.40
CA TYR B 21 -17.54 -7.10 -10.33
C TYR B 21 -17.08 -7.49 -11.72
N GLY B 22 -16.23 -6.66 -12.34
CA GLY B 22 -15.76 -6.93 -13.67
C GLY B 22 -14.35 -6.39 -13.88
N ASN B 23 -13.78 -6.75 -15.03
CA ASN B 23 -12.44 -6.34 -15.40
C ASN B 23 -12.44 -5.17 -16.39
N LYS B 24 -13.45 -4.31 -16.32
CA LYS B 24 -13.66 -3.19 -17.22
C LYS B 24 -13.84 -3.62 -18.68
N LEU B 25 -14.03 -4.91 -18.92
CA LEU B 25 -14.25 -5.43 -20.26
C LEU B 25 -15.49 -6.31 -20.28
N ASN B 26 -15.78 -6.96 -19.16
CA ASN B 26 -16.94 -7.83 -19.00
C ASN B 26 -17.70 -7.44 -17.75
N LYS B 27 -18.99 -7.20 -17.89
CA LYS B 27 -19.85 -6.79 -16.79
C LYS B 27 -20.68 -7.98 -16.34
N GLN B 28 -20.50 -8.38 -15.07
CA GLN B 28 -21.21 -9.52 -14.49
C GLN B 28 -21.70 -9.10 -13.11
N GLU B 29 -22.94 -8.61 -13.05
CA GLU B 29 -23.52 -8.22 -11.77
C GLU B 29 -23.87 -9.44 -10.94
N VAL B 30 -23.70 -9.32 -9.63
CA VAL B 30 -23.96 -10.43 -8.72
C VAL B 30 -25.01 -10.12 -7.67
N LEU B 31 -25.35 -8.86 -7.44
CA LEU B 31 -26.42 -8.48 -6.53
C LEU B 31 -27.54 -7.81 -7.32
N LYS B 32 -28.77 -8.28 -7.12
CA LYS B 32 -29.92 -7.87 -7.91
C LYS B 32 -30.92 -7.05 -7.11
N GLY B 33 -30.43 -6.17 -6.24
CA GLY B 33 -31.33 -5.33 -5.46
C GLY B 33 -31.88 -6.01 -4.23
N ILE B 34 -30.98 -6.54 -3.40
CA ILE B 34 -31.40 -7.25 -2.19
C ILE B 34 -31.85 -6.26 -1.14
N ASP B 35 -33.01 -6.51 -0.54
CA ASP B 35 -33.54 -5.69 0.54
C ASP B 35 -33.71 -6.56 1.78
N ILE B 36 -33.08 -6.14 2.88
CA ILE B 36 -33.08 -6.91 4.12
C ILE B 36 -33.32 -5.99 5.30
N HIS B 37 -34.08 -6.49 6.29
CA HIS B 37 -34.31 -5.81 7.55
C HIS B 37 -33.94 -6.76 8.69
N ILE B 38 -33.16 -6.27 9.64
CA ILE B 38 -32.73 -7.06 10.80
C ILE B 38 -33.11 -6.29 12.06
N GLU B 39 -33.89 -6.94 12.92
CA GLU B 39 -34.26 -6.36 14.21
C GLU B 39 -33.14 -6.61 15.21
N LYS B 40 -32.91 -5.62 16.08
CA LYS B 40 -31.84 -5.73 17.07
C LYS B 40 -32.10 -6.89 18.01
N GLY B 41 -31.05 -7.67 18.27
CA GLY B 41 -31.16 -8.82 19.15
C GLY B 41 -31.50 -10.12 18.48
N GLU B 42 -31.24 -10.24 17.18
CA GLU B 42 -31.59 -11.43 16.42
C GLU B 42 -30.33 -12.11 15.90
N PHE B 43 -30.35 -13.44 15.93
CA PHE B 43 -29.22 -14.27 15.48
C PHE B 43 -29.59 -14.85 14.12
N VAL B 44 -29.31 -14.10 13.06
CA VAL B 44 -29.71 -14.48 11.72
C VAL B 44 -28.55 -15.18 11.03
N SER B 45 -28.86 -15.91 9.96
CA SER B 45 -27.86 -16.61 9.18
C SER B 45 -28.13 -16.43 7.70
N ILE B 46 -27.07 -16.56 6.90
CA ILE B 46 -27.15 -16.48 5.46
C ILE B 46 -26.48 -17.70 4.88
N MET B 47 -27.22 -18.50 4.11
CA MET B 47 -26.69 -19.73 3.55
C MET B 47 -27.40 -20.03 2.24
N GLY B 48 -26.76 -20.86 1.42
CA GLY B 48 -27.36 -21.27 0.17
C GLY B 48 -26.40 -21.32 -1.00
N ALA B 49 -26.37 -22.46 -1.69
CA ALA B 49 -25.60 -22.64 -2.92
C ALA B 49 -24.11 -22.43 -2.70
N SER B 50 -23.34 -22.43 -3.80
CA SER B 50 -21.91 -22.18 -3.74
C SER B 50 -21.41 -21.15 -4.74
N GLY B 51 -22.17 -20.86 -5.79
CA GLY B 51 -21.80 -19.85 -6.77
C GLY B 51 -22.52 -18.54 -6.63
N SER B 52 -23.22 -18.31 -5.52
CA SER B 52 -23.95 -17.06 -5.31
C SER B 52 -22.98 -15.99 -4.79
N GLY B 53 -23.53 -14.87 -4.32
CA GLY B 53 -22.72 -13.80 -3.79
C GLY B 53 -22.97 -13.53 -2.32
N LYS B 54 -23.26 -14.59 -1.56
CA LYS B 54 -23.51 -14.41 -0.12
C LYS B 54 -22.27 -13.89 0.58
N THR B 55 -21.09 -14.40 0.21
CA THR B 55 -19.85 -13.85 0.76
C THR B 55 -19.70 -12.37 0.38
N THR B 56 -19.97 -12.04 -0.88
CA THR B 56 -19.93 -10.65 -1.29
C THR B 56 -21.01 -9.82 -0.60
N LEU B 57 -22.18 -10.42 -0.36
CA LEU B 57 -23.23 -9.72 0.37
C LEU B 57 -22.80 -9.38 1.78
N LEU B 58 -22.16 -10.34 2.47
CA LEU B 58 -21.66 -10.08 3.81
C LEU B 58 -20.55 -9.04 3.79
N ASN B 59 -19.68 -9.09 2.79
CA ASN B 59 -18.62 -8.09 2.67
C ASN B 59 -19.19 -6.70 2.47
N VAL B 60 -20.19 -6.57 1.60
CA VAL B 60 -20.73 -5.27 1.26
C VAL B 60 -21.64 -4.73 2.38
N LEU B 61 -22.22 -5.62 3.19
CA LEU B 61 -22.96 -5.14 4.36
C LEU B 61 -22.04 -4.43 5.34
N SER B 62 -20.82 -4.94 5.50
CA SER B 62 -19.81 -4.28 6.33
C SER B 62 -19.17 -3.15 5.53
N SER B 63 -18.07 -2.61 6.03
CA SER B 63 -17.38 -1.50 5.39
C SER B 63 -16.18 -1.94 4.56
N ILE B 64 -15.94 -3.25 4.44
CA ILE B 64 -14.77 -3.70 3.69
C ILE B 64 -14.92 -3.41 2.20
N ASP B 65 -16.15 -3.41 1.68
CA ASP B 65 -16.38 -3.16 0.27
C ASP B 65 -17.50 -2.15 0.11
N GLN B 66 -17.39 -1.31 -0.92
CA GLN B 66 -18.36 -0.26 -1.17
C GLN B 66 -19.59 -0.82 -1.89
N VAL B 67 -20.53 0.06 -2.20
CA VAL B 67 -21.76 -0.29 -2.90
C VAL B 67 -21.77 0.45 -4.23
N SER B 68 -21.96 -0.30 -5.32
CA SER B 68 -22.03 0.33 -6.64
C SER B 68 -23.36 1.03 -6.86
N HIS B 69 -24.44 0.51 -6.28
CA HIS B 69 -25.77 1.10 -6.45
C HIS B 69 -26.65 0.66 -5.28
N GLY B 70 -27.04 1.60 -4.45
CA GLY B 70 -27.91 1.33 -3.33
C GLY B 70 -27.52 2.16 -2.13
N THR B 71 -28.08 1.80 -0.98
CA THR B 71 -27.79 2.50 0.27
C THR B 71 -27.95 1.52 1.44
N ILE B 72 -27.13 1.72 2.46
CA ILE B 72 -27.18 0.90 3.68
C ILE B 72 -27.10 1.83 4.88
N HIS B 73 -27.90 1.54 5.90
CA HIS B 73 -27.93 2.31 7.14
C HIS B 73 -27.57 1.42 8.31
N ILE B 74 -26.62 1.85 9.12
CA ILE B 74 -26.20 1.12 10.31
C ILE B 74 -26.54 1.99 11.52
N ASN B 75 -27.41 1.47 12.39
CA ASN B 75 -27.85 2.17 13.60
C ASN B 75 -28.46 3.54 13.26
N GLY B 76 -29.11 3.64 12.11
CA GLY B 76 -29.69 4.89 11.67
C GLY B 76 -28.68 5.80 10.99
N ASN B 77 -27.46 5.81 11.52
CA ASN B 77 -26.39 6.64 10.95
C ASN B 77 -26.07 6.20 9.52
N ASP B 78 -26.38 7.06 8.56
CA ASP B 78 -26.13 6.75 7.16
C ASP B 78 -24.62 6.69 6.91
N MET B 79 -24.18 5.61 6.27
CA MET B 79 -22.77 5.44 5.91
C MET B 79 -22.67 4.92 4.49
N THR B 80 -23.42 5.54 3.59
CA THR B 80 -23.36 5.19 2.17
C THR B 80 -22.55 6.17 1.34
N ALA B 81 -22.57 7.46 1.68
CA ALA B 81 -21.71 8.42 0.98
C ALA B 81 -20.24 8.07 1.17
N MET B 82 -19.85 7.76 2.41
CA MET B 82 -18.56 7.18 2.75
C MET B 82 -17.39 8.13 2.54
N LYS B 83 -16.28 7.83 3.21
CA LYS B 83 -15.01 8.54 3.07
C LYS B 83 -13.94 7.76 3.79
N GLU B 84 -12.74 7.67 3.22
CA GLU B 84 -11.72 6.77 3.72
C GLU B 84 -11.40 7.02 5.19
N LYS B 85 -11.10 8.27 5.55
CA LYS B 85 -10.76 8.58 6.93
C LYS B 85 -11.97 8.42 7.85
N GLN B 86 -13.18 8.62 7.33
CA GLN B 86 -14.38 8.42 8.14
C GLN B 86 -14.77 6.94 8.20
N LEU B 87 -14.66 6.25 7.07
CA LEU B 87 -15.01 4.83 7.03
C LEU B 87 -14.08 4.01 7.94
N ALA B 88 -12.79 4.34 7.93
CA ALA B 88 -11.86 3.63 8.80
C ALA B 88 -12.21 3.83 10.27
N GLU B 89 -12.54 5.06 10.65
CA GLU B 89 -12.93 5.33 12.03
C GLU B 89 -14.19 4.57 12.40
N PHE B 90 -15.19 4.54 11.51
CA PHE B 90 -16.42 3.81 11.80
C PHE B 90 -16.16 2.31 11.94
N ARG B 91 -15.33 1.75 11.05
CA ARG B 91 -15.04 0.32 11.12
C ARG B 91 -14.22 -0.03 12.35
N LYS B 92 -13.38 0.89 12.81
CA LYS B 92 -12.60 0.65 14.03
C LYS B 92 -13.47 0.76 15.28
N GLN B 93 -14.39 1.72 15.31
CA GLN B 93 -15.18 1.99 16.50
C GLN B 93 -16.37 1.06 16.67
N HIS B 94 -16.71 0.27 15.66
CA HIS B 94 -17.83 -0.66 15.74
C HIS B 94 -17.50 -1.89 14.90
N LEU B 95 -18.50 -2.75 14.70
CA LEU B 95 -18.45 -3.83 13.72
C LEU B 95 -17.28 -4.79 14.02
N GLY B 96 -17.42 -5.48 15.16
CA GLY B 96 -16.49 -6.55 15.47
C GLY B 96 -16.58 -7.67 14.45
N PHE B 97 -15.45 -8.30 14.16
CA PHE B 97 -15.35 -9.31 13.12
C PHE B 97 -14.79 -10.62 13.69
N ILE B 98 -15.22 -11.73 13.09
CA ILE B 98 -14.70 -13.05 13.39
C ILE B 98 -14.33 -13.68 12.06
N PHE B 99 -13.04 -13.66 11.73
CA PHE B 99 -12.61 -14.16 10.42
C PHE B 99 -12.68 -15.68 10.38
N GLN B 100 -12.48 -16.22 9.18
CA GLN B 100 -12.37 -17.66 9.01
C GLN B 100 -11.08 -18.20 9.62
N ASP B 101 -10.00 -17.43 9.53
CA ASP B 101 -8.72 -17.80 10.10
C ASP B 101 -8.58 -17.26 11.52
N TYR B 102 -7.63 -17.82 12.26
CA TYR B 102 -7.45 -17.45 13.65
C TYR B 102 -6.96 -16.01 13.77
N ASN B 103 -5.94 -15.65 12.99
CA ASN B 103 -5.35 -14.31 12.99
C ASN B 103 -4.89 -13.91 14.40
N LEU B 104 -4.00 -14.72 14.96
CA LEU B 104 -3.43 -14.49 16.28
C LEU B 104 -1.94 -14.21 16.13
N LEU B 105 -1.48 -13.12 16.74
CA LEU B 105 -0.05 -12.83 16.75
C LEU B 105 0.68 -13.84 17.63
N ASP B 106 1.67 -14.51 17.06
CA ASP B 106 2.32 -15.61 17.76
C ASP B 106 3.24 -15.13 18.88
N THR B 107 3.88 -13.98 18.70
CA THR B 107 4.82 -13.46 19.70
C THR B 107 4.15 -13.07 21.01
N LEU B 108 2.86 -12.74 20.98
CA LEU B 108 2.13 -12.30 22.16
C LEU B 108 1.34 -13.46 22.75
N THR B 109 0.93 -13.30 24.00
CA THR B 109 0.22 -14.35 24.72
C THR B 109 -1.27 -14.28 24.39
N VAL B 110 -2.09 -15.00 25.17
CA VAL B 110 -3.54 -15.01 24.94
C VAL B 110 -4.22 -13.76 25.49
N LYS B 111 -3.64 -13.09 26.48
CA LYS B 111 -4.22 -11.88 27.03
C LYS B 111 -3.87 -10.63 26.24
N GLU B 112 -2.65 -10.55 25.71
CA GLU B 112 -2.27 -9.40 24.91
C GLU B 112 -3.11 -9.30 23.64
N ASN B 113 -3.38 -10.45 23.01
CA ASN B 113 -4.19 -10.43 21.78
C ASN B 113 -5.59 -9.91 22.04
N ILE B 114 -6.18 -10.30 23.18
CA ILE B 114 -7.52 -9.83 23.50
C ILE B 114 -7.49 -8.34 23.86
N LEU B 115 -6.48 -7.90 24.59
CA LEU B 115 -6.46 -6.52 25.05
C LEU B 115 -5.93 -5.54 24.00
N LEU B 116 -5.33 -6.01 22.91
CA LEU B 116 -4.70 -5.09 21.97
C LEU B 116 -5.69 -4.13 21.29
N PRO B 117 -6.84 -4.56 20.77
CA PRO B 117 -7.74 -3.59 20.12
C PRO B 117 -8.20 -2.48 21.05
N LEU B 118 -8.21 -2.70 22.35
CA LEU B 118 -8.67 -1.72 23.31
C LEU B 118 -7.58 -0.75 23.75
N SER B 119 -6.37 -0.88 23.21
CA SER B 119 -5.25 -0.04 23.61
C SER B 119 -5.18 1.28 22.87
N ILE B 120 -6.10 1.54 21.95
CA ILE B 120 -6.13 2.79 21.20
C ILE B 120 -7.28 3.65 21.72
N THR B 121 -7.65 3.43 22.98
CA THR B 121 -8.66 4.22 23.65
C THR B 121 -8.20 4.73 25.01
N LYS B 122 -7.16 4.13 25.60
CA LYS B 122 -6.59 4.55 26.88
C LYS B 122 -7.63 4.46 28.00
N LEU B 123 -8.05 3.23 28.28
CA LEU B 123 -8.97 2.95 29.38
C LEU B 123 -8.25 2.65 30.69
N SER B 124 -7.05 3.18 30.88
CA SER B 124 -6.26 3.00 32.10
C SER B 124 -5.97 1.49 32.24
N LYS B 125 -5.95 0.95 33.45
CA LYS B 125 -5.66 -0.45 33.68
C LYS B 125 -6.78 -1.18 34.40
N LYS B 126 -7.40 -0.54 35.39
CA LYS B 126 -8.45 -1.21 36.16
C LYS B 126 -9.64 -1.58 35.28
N GLU B 127 -10.08 -0.66 34.42
CA GLU B 127 -11.22 -0.94 33.55
C GLU B 127 -10.90 -2.06 32.58
N ALA B 128 -9.69 -2.05 32.00
CA ALA B 128 -9.31 -3.11 31.08
C ALA B 128 -9.27 -4.46 31.77
N ASN B 129 -8.71 -4.51 32.99
CA ASN B 129 -8.67 -5.77 33.71
C ASN B 129 -10.07 -6.26 34.05
N ARG B 130 -10.96 -5.35 34.47
CA ARG B 130 -12.33 -5.74 34.78
C ARG B 130 -13.04 -6.27 33.55
N LYS B 131 -12.86 -5.61 32.41
CA LYS B 131 -13.52 -6.06 31.18
C LYS B 131 -13.00 -7.43 30.76
N PHE B 132 -11.67 -7.64 30.84
CA PHE B 132 -11.13 -8.94 30.47
C PHE B 132 -11.62 -10.03 31.42
N GLU B 133 -11.69 -9.73 32.72
CA GLU B 133 -12.26 -10.67 33.68
C GLU B 133 -13.67 -11.06 33.28
N GLU B 134 -14.51 -10.06 33.00
CA GLU B 134 -15.91 -10.33 32.66
C GLU B 134 -16.01 -11.17 31.39
N VAL B 135 -15.23 -10.85 30.37
CA VAL B 135 -15.32 -11.57 29.10
C VAL B 135 -14.82 -13.00 29.27
N ALA B 136 -13.65 -13.17 29.89
CA ALA B 136 -13.04 -14.48 29.97
C ALA B 136 -13.74 -15.40 30.95
N LYS B 137 -14.52 -14.86 31.89
CA LYS B 137 -15.27 -15.73 32.79
C LYS B 137 -16.36 -16.51 32.07
N GLU B 138 -16.86 -16.01 30.95
CA GLU B 138 -17.97 -16.64 30.25
C GLU B 138 -17.54 -17.59 29.14
N LEU B 139 -16.37 -17.39 28.55
CA LEU B 139 -15.88 -18.25 27.49
C LEU B 139 -15.00 -19.38 28.00
N GLY B 140 -14.75 -19.44 29.29
CA GLY B 140 -13.97 -20.54 29.86
C GLY B 140 -12.54 -20.61 29.40
N ILE B 141 -11.90 -19.46 29.18
CA ILE B 141 -10.48 -19.40 28.82
C ILE B 141 -9.66 -18.67 29.88
N TYR B 142 -10.22 -18.46 31.07
CA TYR B 142 -9.53 -17.68 32.09
C TYR B 142 -8.29 -18.40 32.61
N GLU B 143 -8.22 -19.73 32.48
CA GLU B 143 -7.05 -20.47 32.91
C GLU B 143 -5.93 -20.45 31.89
N LEU B 144 -6.06 -19.63 30.84
CA LEU B 144 -5.08 -19.55 29.76
C LEU B 144 -4.56 -18.13 29.60
N ARG B 145 -4.40 -17.41 30.71
CA ARG B 145 -3.98 -16.01 30.64
C ARG B 145 -2.54 -15.83 30.19
N ASP B 146 -1.73 -16.89 30.20
CA ASP B 146 -0.32 -16.75 29.91
C ASP B 146 0.22 -17.73 28.88
N LYS B 147 -0.61 -18.61 28.34
CA LYS B 147 -0.12 -19.54 27.33
C LYS B 147 0.16 -18.81 26.02
N TYR B 148 0.97 -19.44 25.19
CA TYR B 148 1.22 -18.93 23.86
C TYR B 148 0.33 -19.64 22.85
N PRO B 149 0.02 -19.01 21.72
CA PRO B 149 -0.89 -19.63 20.75
C PRO B 149 -0.37 -20.93 20.16
N ASN B 150 0.94 -21.20 20.24
CA ASN B 150 1.50 -22.43 19.71
C ASN B 150 1.50 -23.56 20.72
N GLU B 151 0.71 -23.45 21.79
CA GLU B 151 0.64 -24.48 22.81
C GLU B 151 -0.77 -24.92 23.15
N ILE B 152 -1.80 -24.22 22.69
CA ILE B 152 -3.17 -24.56 23.01
C ILE B 152 -3.80 -25.24 21.80
N SER B 153 -4.92 -25.91 22.06
CA SER B 153 -5.56 -26.70 21.02
C SER B 153 -6.19 -25.82 19.96
N GLY B 154 -6.51 -26.43 18.81
CA GLY B 154 -7.09 -25.70 17.69
C GLY B 154 -8.52 -25.27 17.90
N GLY B 155 -9.18 -25.75 18.95
CA GLY B 155 -10.52 -25.35 19.28
C GLY B 155 -10.64 -24.24 20.29
N GLN B 156 -9.52 -23.74 20.80
CA GLN B 156 -9.52 -22.63 21.75
C GLN B 156 -9.04 -21.33 21.15
N LYS B 157 -8.26 -21.37 20.07
CA LYS B 157 -7.87 -20.14 19.39
C LYS B 157 -9.07 -19.43 18.80
N GLN B 158 -10.05 -20.20 18.28
CA GLN B 158 -11.26 -19.59 17.78
C GLN B 158 -12.04 -18.92 18.90
N ARG B 159 -12.10 -19.55 20.06
CA ARG B 159 -12.74 -18.92 21.21
C ARG B 159 -12.02 -17.64 21.62
N THR B 160 -10.69 -17.65 21.57
CA THR B 160 -9.94 -16.44 21.86
C THR B 160 -10.26 -15.33 20.87
N SER B 161 -10.36 -15.67 19.59
CA SER B 161 -10.72 -14.67 18.59
C SER B 161 -12.12 -14.11 18.83
N ALA B 162 -13.07 -14.98 19.18
CA ALA B 162 -14.41 -14.52 19.49
C ALA B 162 -14.41 -13.58 20.69
N GLY B 163 -13.65 -13.93 21.72
CA GLY B 163 -13.53 -13.05 22.87
C GLY B 163 -12.92 -11.71 22.50
N ARG B 164 -11.95 -11.71 21.59
CA ARG B 164 -11.40 -10.45 21.11
C ARG B 164 -12.47 -9.61 20.41
N ALA B 165 -13.31 -10.25 19.59
CA ALA B 165 -14.31 -9.52 18.85
C ALA B 165 -15.44 -9.01 19.75
N PHE B 166 -15.68 -9.67 20.88
CA PHE B 166 -16.80 -9.33 21.74
C PHE B 166 -16.45 -8.34 22.85
N ILE B 167 -15.19 -7.90 22.96
CA ILE B 167 -14.79 -7.19 24.18
C ILE B 167 -15.14 -5.71 24.13
N HIS B 168 -15.07 -5.07 22.95
CA HIS B 168 -15.35 -3.64 22.85
C HIS B 168 -16.81 -3.36 22.52
N ASP B 169 -17.72 -4.24 22.97
CA ASP B 169 -19.18 -4.19 22.89
C ASP B 169 -19.69 -3.46 21.64
N PRO B 170 -19.40 -3.98 20.45
CA PRO B 170 -19.85 -3.31 19.24
C PRO B 170 -21.35 -3.48 19.03
N SER B 171 -21.90 -2.81 18.03
CA SER B 171 -23.34 -2.86 17.79
C SER B 171 -23.73 -4.07 16.95
N ILE B 172 -23.01 -4.31 15.85
CA ILE B 172 -23.29 -5.44 14.96
C ILE B 172 -22.00 -6.23 14.78
N ILE B 173 -22.09 -7.55 14.98
CA ILE B 173 -20.94 -8.44 14.88
C ILE B 173 -21.12 -9.32 13.65
N PHE B 174 -20.14 -9.28 12.76
CA PHE B 174 -20.18 -10.04 11.51
C PHE B 174 -19.32 -11.29 11.66
N ALA B 175 -19.95 -12.46 11.65
CA ALA B 175 -19.25 -13.73 11.71
C ALA B 175 -19.22 -14.36 10.33
N ASP B 176 -18.02 -14.67 9.83
CA ASP B 176 -17.84 -15.20 8.49
C ASP B 176 -17.28 -16.61 8.61
N GLU B 177 -18.18 -17.60 8.64
CA GLU B 177 -17.83 -19.02 8.73
C GLU B 177 -16.94 -19.30 9.93
N PRO B 178 -17.46 -19.15 11.15
CA PRO B 178 -16.61 -19.33 12.33
C PRO B 178 -16.17 -20.78 12.52
N THR B 179 -17.14 -21.70 12.51
CA THR B 179 -16.86 -23.11 12.75
C THR B 179 -16.78 -23.86 11.43
N GLY B 180 -15.68 -23.63 10.72
CA GLY B 180 -15.47 -24.26 9.43
C GLY B 180 -14.37 -25.29 9.42
N ALA B 181 -13.46 -25.24 10.39
CA ALA B 181 -12.31 -26.13 10.46
C ALA B 181 -12.14 -26.68 11.87
N LEU B 182 -13.25 -27.17 12.44
CA LEU B 182 -13.24 -27.72 13.79
C LEU B 182 -14.01 -29.03 13.80
N ASP B 183 -13.73 -29.85 14.81
CA ASP B 183 -14.46 -31.09 15.03
C ASP B 183 -15.83 -30.79 15.64
N SER B 184 -16.69 -31.82 15.66
CA SER B 184 -18.08 -31.62 16.06
C SER B 184 -18.21 -31.15 17.50
N LYS B 185 -17.42 -31.71 18.41
CA LYS B 185 -17.54 -31.37 19.82
C LYS B 185 -17.20 -29.90 20.06
N SER B 186 -16.04 -29.45 19.56
CA SER B 186 -15.66 -28.06 19.75
C SER B 186 -16.57 -27.12 18.97
N ALA B 187 -17.07 -27.55 17.81
CA ALA B 187 -18.04 -26.74 17.07
C ALA B 187 -19.29 -26.50 17.89
N SER B 188 -19.83 -27.56 18.49
CA SER B 188 -21.02 -27.41 19.32
C SER B 188 -20.74 -26.54 20.53
N ASP B 189 -19.58 -26.72 21.16
CA ASP B 189 -19.24 -25.90 22.32
C ASP B 189 -19.18 -24.42 21.96
N LEU B 190 -18.49 -24.10 20.86
CA LEU B 190 -18.37 -22.71 20.44
C LEU B 190 -19.73 -22.12 20.07
N LEU B 191 -20.56 -22.89 19.37
CA LEU B 191 -21.88 -22.38 19.00
C LEU B 191 -22.75 -22.15 20.24
N ASN B 192 -22.67 -23.05 21.21
CA ASN B 192 -23.41 -22.84 22.45
C ASN B 192 -22.94 -21.60 23.18
N LYS B 193 -21.63 -21.38 23.22
CA LYS B 193 -21.10 -20.17 23.86
C LYS B 193 -21.59 -18.91 23.15
N LEU B 194 -21.58 -18.93 21.81
CA LEU B 194 -22.07 -17.77 21.06
C LEU B 194 -23.55 -17.52 21.35
N SER B 195 -24.35 -18.59 21.38
CA SER B 195 -25.77 -18.41 21.63
C SER B 195 -26.02 -17.87 23.04
N GLN B 196 -25.28 -18.37 24.03
CA GLN B 196 -25.43 -17.86 25.39
C GLN B 196 -25.05 -16.39 25.48
N LEU B 197 -23.94 -16.01 24.84
CA LEU B 197 -23.51 -14.61 24.87
C LEU B 197 -24.54 -13.71 24.20
N ASN B 198 -25.11 -14.15 23.08
CA ASN B 198 -26.17 -13.38 22.43
C ASN B 198 -27.39 -13.27 23.34
N GLN B 199 -27.76 -14.36 24.03
CA GLN B 199 -28.93 -14.33 24.87
C GLN B 199 -28.77 -13.38 26.05
N LYS B 200 -27.61 -13.38 26.69
CA LYS B 200 -27.44 -12.57 27.90
C LYS B 200 -27.41 -11.09 27.58
N ARG B 201 -26.43 -10.66 26.78
CA ARG B 201 -26.30 -9.26 26.39
C ARG B 201 -26.78 -9.09 24.96
N ASN B 202 -27.57 -8.05 24.71
CA ASN B 202 -28.12 -7.79 23.39
C ASN B 202 -26.99 -7.48 22.42
N ALA B 203 -26.83 -8.31 21.40
CA ALA B 203 -25.76 -8.12 20.41
C ALA B 203 -26.14 -8.88 19.15
N THR B 204 -26.36 -8.17 18.05
CA THR B 204 -26.74 -8.80 16.80
C THR B 204 -25.54 -9.50 16.17
N ILE B 205 -25.78 -10.72 15.70
CA ILE B 205 -24.76 -11.50 15.01
C ILE B 205 -25.32 -11.92 13.65
N ILE B 206 -24.57 -11.62 12.60
CA ILE B 206 -24.92 -12.05 11.24
C ILE B 206 -23.85 -13.04 10.80
N MET B 207 -24.27 -14.27 10.54
CA MET B 207 -23.36 -15.40 10.38
C MET B 207 -23.62 -16.10 9.06
N VAL B 208 -22.55 -16.45 8.35
CA VAL B 208 -22.61 -17.15 7.08
C VAL B 208 -22.08 -18.56 7.28
N THR B 209 -22.91 -19.55 7.00
CA THR B 209 -22.55 -20.94 7.25
C THR B 209 -22.88 -21.82 6.07
N HIS B 210 -22.12 -22.91 5.93
CA HIS B 210 -22.41 -23.97 4.96
C HIS B 210 -22.88 -25.24 5.63
N ASP B 211 -22.97 -25.26 6.96
CA ASP B 211 -23.28 -26.47 7.72
C ASP B 211 -24.65 -26.35 8.36
N PRO B 212 -25.63 -27.16 7.97
CA PRO B 212 -27.00 -26.97 8.48
C PRO B 212 -27.12 -27.05 10.00
N VAL B 213 -26.42 -27.99 10.64
CA VAL B 213 -26.53 -28.09 12.09
C VAL B 213 -25.84 -26.92 12.77
N ALA B 214 -24.87 -26.29 12.11
CA ALA B 214 -24.28 -25.07 12.66
C ALA B 214 -25.26 -23.91 12.64
N ALA B 215 -26.06 -23.80 11.57
CA ALA B 215 -27.04 -22.74 11.45
C ALA B 215 -28.35 -23.06 12.15
N SER B 216 -28.51 -24.29 12.66
CA SER B 216 -29.73 -24.65 13.38
C SER B 216 -29.90 -23.87 14.68
N TYR B 217 -28.83 -23.28 15.20
CA TYR B 217 -28.91 -22.52 16.45
C TYR B 217 -29.51 -21.13 16.26
N CYS B 218 -29.81 -20.74 15.02
CA CYS B 218 -30.21 -19.37 14.73
C CYS B 218 -31.69 -19.15 15.06
N GLY B 219 -32.17 -17.95 14.73
CA GLY B 219 -33.57 -17.63 14.87
C GLY B 219 -34.21 -17.36 13.52
N ARG B 220 -33.41 -16.86 12.58
CA ARG B 220 -33.85 -16.65 11.20
C ARG B 220 -32.78 -17.17 10.25
N VAL B 221 -33.22 -17.57 9.06
CA VAL B 221 -32.33 -18.01 8.00
C VAL B 221 -32.75 -17.33 6.70
N ILE B 222 -31.78 -16.93 5.89
CA ILE B 222 -32.02 -16.30 4.60
C ILE B 222 -31.31 -17.12 3.54
N PHE B 223 -32.05 -17.57 2.53
CA PHE B 223 -31.54 -18.47 1.50
C PHE B 223 -31.24 -17.66 0.24
N ILE B 224 -30.07 -17.05 0.20
CA ILE B 224 -29.64 -16.32 -0.98
C ILE B 224 -29.42 -17.30 -2.13
N LYS B 225 -30.04 -17.04 -3.27
CA LYS B 225 -29.93 -17.91 -4.44
C LYS B 225 -29.84 -17.04 -5.68
N ASP B 226 -28.68 -17.09 -6.35
CA ASP B 226 -28.47 -16.39 -7.62
C ASP B 226 -28.72 -14.89 -7.49
N GLY B 227 -28.30 -14.32 -6.36
CA GLY B 227 -28.50 -12.90 -6.14
C GLY B 227 -29.93 -12.49 -5.89
N GLN B 228 -30.77 -13.43 -5.46
CA GLN B 228 -32.19 -13.16 -5.21
C GLN B 228 -32.51 -13.49 -3.75
N MET B 229 -33.79 -13.42 -3.40
CA MET B 229 -34.23 -13.64 -2.03
C MET B 229 -34.56 -15.11 -1.77
N TYR B 230 -35.48 -15.67 -2.54
CA TYR B 230 -35.87 -17.08 -2.46
C TYR B 230 -36.29 -17.44 -1.03
N THR B 231 -37.38 -16.81 -0.59
CA THR B 231 -38.07 -17.10 0.68
C THR B 231 -37.20 -16.87 1.91
N GLN B 232 -37.83 -16.88 3.08
CA GLN B 232 -37.14 -16.71 4.35
C GLN B 232 -37.84 -17.57 5.39
N LEU B 233 -37.07 -18.09 6.34
CA LEU B 233 -37.64 -18.84 7.46
C LEU B 233 -37.67 -17.98 8.71
N ASN B 234 -38.45 -18.41 9.69
CA ASN B 234 -38.59 -17.63 10.92
C ASN B 234 -38.51 -18.45 12.21
N LYS B 235 -38.56 -19.78 12.15
CA LYS B 235 -38.59 -20.61 13.34
C LYS B 235 -39.69 -20.19 14.29
N GLY B 236 -39.32 -19.62 15.43
CA GLY B 236 -40.29 -19.19 16.42
C GLY B 236 -40.29 -20.07 17.65
N GLY B 237 -41.48 -20.49 18.10
CA GLY B 237 -41.58 -21.34 19.26
C GLY B 237 -41.52 -22.81 18.91
N GLN B 238 -40.37 -23.27 18.41
CA GLN B 238 -40.20 -24.66 18.03
C GLN B 238 -38.86 -25.16 18.56
N ASP B 239 -38.78 -26.48 18.75
CA ASP B 239 -37.55 -27.09 19.20
C ASP B 239 -36.50 -27.05 18.08
N ARG B 240 -35.24 -27.26 18.48
CA ARG B 240 -34.16 -27.22 17.51
C ARG B 240 -34.27 -28.34 16.48
N GLN B 241 -34.80 -29.50 16.90
CA GLN B 241 -34.84 -30.65 16.01
C GLN B 241 -35.75 -30.41 14.80
N THR B 242 -36.98 -29.95 15.05
CA THR B 242 -37.92 -29.75 13.95
C THR B 242 -37.45 -28.64 13.01
N PHE B 243 -36.86 -27.59 13.56
CA PHE B 243 -36.28 -26.54 12.72
C PHE B 243 -35.11 -27.07 11.91
N PHE B 244 -34.31 -27.95 12.49
CA PHE B 244 -33.21 -28.58 11.75
C PHE B 244 -33.75 -29.39 10.58
N GLN B 245 -34.78 -30.20 10.82
CA GLN B 245 -35.34 -30.99 9.71
C GLN B 245 -35.96 -30.09 8.64
N ASP B 246 -36.63 -29.01 9.04
CA ASP B 246 -37.19 -28.10 8.06
C ASP B 246 -36.09 -27.44 7.23
N ILE B 247 -34.99 -27.05 7.88
CA ILE B 247 -33.86 -26.47 7.15
C ILE B 247 -33.28 -27.47 6.17
N MET B 248 -33.11 -28.73 6.60
CA MET B 248 -32.59 -29.75 5.72
C MET B 248 -33.50 -29.97 4.52
N LYS B 249 -34.81 -30.03 4.76
CA LYS B 249 -35.75 -30.21 3.65
C LYS B 249 -35.70 -29.03 2.69
N THR B 250 -35.66 -27.81 3.21
CA THR B 250 -35.59 -26.64 2.35
C THR B 250 -34.31 -26.63 1.52
N GLN B 251 -33.19 -27.04 2.13
CA GLN B 251 -31.94 -27.16 1.37
C GLN B 251 -32.07 -28.23 0.29
N GLY B 252 -32.71 -29.35 0.61
CA GLY B 252 -32.90 -30.39 -0.39
C GLY B 252 -33.76 -29.95 -1.55
N VAL B 253 -34.75 -29.09 -1.30
CA VAL B 253 -35.57 -28.57 -2.38
C VAL B 253 -34.72 -27.76 -3.36
N LEU B 254 -33.83 -26.92 -2.85
CA LEU B 254 -32.96 -26.12 -3.69
C LEU B 254 -31.92 -27.01 -4.39
N ILE C 11 2.83 -45.18 -9.51
CA ILE C 11 3.92 -45.44 -10.44
C ILE C 11 5.16 -45.91 -9.69
N LEU C 12 5.64 -45.08 -8.78
CA LEU C 12 6.83 -45.43 -8.02
C LEU C 12 6.51 -46.55 -7.03
N GLU C 13 7.53 -47.32 -6.67
CA GLU C 13 7.41 -48.40 -5.72
C GLU C 13 8.36 -48.16 -4.56
N ALA C 14 7.82 -48.10 -3.35
CA ALA C 14 8.61 -47.99 -2.13
C ALA C 14 8.75 -49.37 -1.52
N ASN C 15 9.99 -49.83 -1.37
CA ASN C 15 10.27 -51.16 -0.84
C ASN C 15 11.52 -51.10 0.00
N LYS C 16 11.35 -51.20 1.33
CA LYS C 16 12.48 -51.22 2.27
C LYS C 16 13.39 -50.01 2.09
N ILE C 17 12.78 -48.85 1.84
CA ILE C 17 13.55 -47.64 1.61
C ILE C 17 14.17 -47.20 2.93
N ARG C 18 15.50 -47.05 2.94
CA ARG C 18 16.23 -46.65 4.13
C ARG C 18 17.34 -45.69 3.74
N LYS C 19 17.68 -44.79 4.66
CA LYS C 19 18.74 -43.82 4.46
C LYS C 19 19.83 -44.06 5.49
N SER C 20 21.08 -44.11 5.03
CA SER C 20 22.20 -44.31 5.92
C SER C 20 22.56 -43.01 6.63
N TYR C 21 23.23 -43.14 7.78
CA TYR C 21 23.61 -42.01 8.60
C TYR C 21 24.94 -42.37 9.28
N GLY C 22 25.27 -41.65 10.36
CA GLY C 22 26.50 -41.91 11.07
C GLY C 22 27.39 -40.70 11.26
N ASN C 23 26.81 -39.51 11.26
CA ASN C 23 27.56 -38.31 11.59
C ASN C 23 28.07 -38.40 13.02
N LYS C 24 29.27 -37.85 13.25
CA LYS C 24 30.07 -38.05 14.47
C LYS C 24 29.86 -39.45 15.04
N LEU C 25 29.43 -39.54 16.30
CA LEU C 25 29.17 -40.82 16.94
C LEU C 25 27.70 -41.14 17.09
N ASN C 26 26.88 -40.15 17.49
CA ASN C 26 25.46 -40.38 17.66
C ASN C 26 24.78 -40.56 16.30
N LYS C 27 23.98 -41.61 16.18
CA LYS C 27 23.28 -41.92 14.94
C LYS C 27 21.83 -42.23 15.22
N GLN C 28 20.97 -41.83 14.29
CA GLN C 28 19.55 -42.15 14.34
C GLN C 28 19.09 -42.62 12.97
N GLU C 29 18.16 -43.57 12.96
CA GLU C 29 17.53 -44.08 11.75
C GLU C 29 16.08 -43.62 11.75
N VAL C 30 15.80 -42.55 11.01
CA VAL C 30 14.45 -41.99 10.98
C VAL C 30 13.48 -42.97 10.32
N LEU C 31 13.88 -43.57 9.21
CA LEU C 31 13.02 -44.47 8.45
C LEU C 31 13.36 -45.91 8.79
N LYS C 32 12.34 -46.72 9.07
CA LYS C 32 12.51 -48.10 9.50
C LYS C 32 11.56 -49.02 8.73
N GLY C 33 11.51 -48.86 7.41
CA GLY C 33 10.65 -49.70 6.59
C GLY C 33 9.57 -48.92 5.89
N ILE C 34 9.63 -48.86 4.56
CA ILE C 34 8.73 -48.04 3.76
C ILE C 34 8.18 -48.88 2.62
N ASP C 35 6.85 -48.92 2.49
CA ASP C 35 6.17 -49.74 1.49
C ASP C 35 4.98 -48.98 0.94
N ILE C 36 5.06 -48.54 -0.31
CA ILE C 36 3.96 -47.91 -1.02
C ILE C 36 3.89 -48.47 -2.43
N HIS C 37 2.68 -48.80 -2.88
CA HIS C 37 2.41 -49.23 -4.26
C HIS C 37 1.20 -48.45 -4.74
N ILE C 38 1.42 -47.44 -5.58
CA ILE C 38 0.35 -46.56 -6.04
C ILE C 38 0.37 -46.48 -7.56
N GLU C 39 -0.77 -46.09 -8.12
CA GLU C 39 -1.03 -46.09 -9.55
C GLU C 39 -1.25 -44.65 -10.02
N LYS C 40 -1.13 -44.45 -11.34
CA LYS C 40 -1.39 -43.15 -11.95
C LYS C 40 -2.76 -42.60 -11.57
N GLY C 41 -2.94 -41.30 -11.73
CA GLY C 41 -4.21 -40.67 -11.40
C GLY C 41 -4.57 -40.77 -9.94
N GLU C 42 -3.61 -40.59 -9.05
CA GLU C 42 -3.84 -40.61 -7.61
C GLU C 42 -3.39 -39.28 -7.02
N PHE C 43 -3.91 -38.97 -5.85
CA PHE C 43 -3.67 -37.70 -5.20
C PHE C 43 -3.34 -37.93 -3.73
N VAL C 44 -2.41 -38.86 -3.50
CA VAL C 44 -2.10 -39.35 -2.15
C VAL C 44 -1.48 -38.25 -1.30
N SER C 45 -1.84 -38.22 -0.02
CA SER C 45 -1.26 -37.32 0.96
C SER C 45 -0.57 -38.14 2.03
N ILE C 46 0.75 -38.02 2.11
CA ILE C 46 1.53 -38.76 3.12
C ILE C 46 1.57 -37.88 4.36
N MET C 47 0.50 -37.96 5.15
CA MET C 47 0.39 -37.20 6.37
C MET C 47 1.14 -37.91 7.49
N GLY C 48 1.33 -37.21 8.61
CA GLY C 48 2.01 -37.82 9.75
C GLY C 48 2.02 -36.97 11.00
N ALA C 49 3.11 -37.02 11.74
CA ALA C 49 3.26 -36.28 12.99
C ALA C 49 4.61 -35.58 13.01
N SER C 50 4.69 -34.55 13.84
CA SER C 50 5.93 -33.79 13.97
C SER C 50 7.03 -34.67 14.55
N GLY C 51 8.25 -34.49 14.05
CA GLY C 51 9.38 -35.27 14.49
C GLY C 51 9.51 -36.64 13.86
N SER C 52 8.62 -37.01 12.94
CA SER C 52 8.67 -38.30 12.28
C SER C 52 9.53 -38.28 11.02
N GLY C 53 10.17 -37.16 10.71
CA GLY C 53 11.03 -37.07 9.54
C GLY C 53 10.29 -37.14 8.22
N LYS C 54 9.13 -36.50 8.11
CA LYS C 54 8.43 -36.44 6.83
C LYS C 54 9.25 -35.68 5.80
N THR C 55 9.91 -34.59 6.22
CA THR C 55 10.80 -33.87 5.31
C THR C 55 11.94 -34.78 4.84
N THR C 56 12.44 -35.63 5.73
CA THR C 56 13.43 -36.62 5.32
C THR C 56 12.84 -37.59 4.28
N LEU C 57 11.56 -37.93 4.43
CA LEU C 57 10.91 -38.76 3.43
C LEU C 57 10.85 -38.06 2.08
N LEU C 58 10.58 -36.74 2.09
CA LEU C 58 10.65 -35.99 0.84
C LEU C 58 12.05 -36.03 0.24
N ASN C 59 13.07 -35.82 1.07
CA ASN C 59 14.44 -35.79 0.57
C ASN C 59 14.83 -37.14 -0.04
N VAL C 60 14.45 -38.24 0.61
CA VAL C 60 14.77 -39.56 0.08
C VAL C 60 13.95 -39.87 -1.16
N LEU C 61 12.65 -39.56 -1.14
CA LEU C 61 11.77 -39.97 -2.23
C LEU C 61 11.98 -39.12 -3.47
N SER C 62 12.19 -37.83 -3.31
CA SER C 62 12.33 -36.92 -4.45
C SER C 62 13.68 -37.03 -5.15
N SER C 63 14.52 -38.02 -4.80
CA SER C 63 15.84 -38.20 -5.39
C SER C 63 16.75 -37.00 -5.14
N ILE C 64 16.34 -36.09 -4.24
CA ILE C 64 17.22 -34.99 -3.86
C ILE C 64 18.39 -35.49 -3.03
N ASP C 65 18.12 -36.39 -2.08
CA ASP C 65 19.15 -36.98 -1.24
C ASP C 65 19.45 -38.41 -1.70
N GLN C 66 20.73 -38.75 -1.77
CA GLN C 66 21.14 -40.08 -2.20
C GLN C 66 20.69 -41.13 -1.20
N VAL C 67 20.30 -42.29 -1.72
CA VAL C 67 19.80 -43.37 -0.87
C VAL C 67 20.89 -44.42 -0.69
N SER C 68 20.66 -45.33 0.26
CA SER C 68 21.61 -46.40 0.55
C SER C 68 21.00 -47.79 0.48
N HIS C 69 19.73 -47.96 0.83
CA HIS C 69 19.09 -49.26 0.81
C HIS C 69 17.68 -49.13 0.24
N GLY C 70 17.17 -50.23 -0.29
CA GLY C 70 15.84 -50.26 -0.83
C GLY C 70 15.82 -50.03 -2.34
N THR C 71 14.80 -50.57 -2.99
CA THR C 71 14.63 -50.46 -4.44
C THR C 71 13.41 -49.60 -4.73
N ILE C 72 13.60 -48.54 -5.50
CA ILE C 72 12.52 -47.65 -5.92
C ILE C 72 12.56 -47.53 -7.44
N HIS C 73 11.42 -47.79 -8.08
CA HIS C 73 11.32 -47.83 -9.54
C HIS C 73 10.38 -46.72 -9.99
N ILE C 74 10.95 -45.70 -10.63
CA ILE C 74 10.17 -44.59 -11.19
C ILE C 74 9.81 -44.99 -12.62
N ASN C 75 8.57 -45.45 -12.82
CA ASN C 75 8.09 -45.95 -14.10
C ASN C 75 9.01 -47.05 -14.65
N GLY C 76 9.40 -47.96 -13.77
CA GLY C 76 10.30 -49.04 -14.15
C GLY C 76 11.76 -48.68 -14.18
N ASN C 77 12.13 -47.47 -13.78
CA ASN C 77 13.52 -47.02 -13.76
C ASN C 77 13.96 -46.78 -12.33
N ASP C 78 15.07 -47.39 -11.95
CA ASP C 78 15.61 -47.25 -10.60
C ASP C 78 16.66 -46.14 -10.58
N MET C 79 16.53 -45.23 -9.61
CA MET C 79 17.43 -44.08 -9.54
C MET C 79 18.85 -44.45 -9.14
N THR C 80 19.08 -45.68 -8.71
CA THR C 80 20.43 -46.16 -8.43
C THR C 80 21.08 -46.83 -9.63
N ALA C 81 20.40 -46.86 -10.78
CA ALA C 81 20.91 -47.54 -11.96
C ALA C 81 21.65 -46.61 -12.92
N MET C 82 21.78 -45.33 -12.60
CA MET C 82 22.48 -44.38 -13.44
C MET C 82 23.40 -43.52 -12.57
N LYS C 83 24.12 -42.61 -13.21
CA LYS C 83 25.08 -41.74 -12.54
C LYS C 83 24.37 -40.51 -11.98
N GLU C 84 25.14 -39.68 -11.26
CA GLU C 84 24.57 -38.48 -10.66
C GLU C 84 24.08 -37.50 -11.72
N LYS C 85 24.88 -37.31 -12.78
CA LYS C 85 24.44 -36.43 -13.86
C LYS C 85 23.21 -37.00 -14.57
N GLN C 86 23.22 -38.31 -14.83
CA GLN C 86 22.06 -38.94 -15.45
C GLN C 86 20.83 -38.88 -14.54
N LEU C 87 21.03 -39.05 -13.24
CA LEU C 87 19.92 -38.92 -12.30
C LEU C 87 19.36 -37.50 -12.29
N ALA C 88 20.26 -36.50 -12.35
CA ALA C 88 19.81 -35.11 -12.41
C ALA C 88 19.02 -34.84 -13.67
N GLU C 89 19.48 -35.36 -14.81
CA GLU C 89 18.73 -35.19 -16.05
C GLU C 89 17.38 -35.89 -15.97
N PHE C 90 17.34 -37.09 -15.39
CA PHE C 90 16.08 -37.82 -15.24
C PHE C 90 15.09 -37.03 -14.40
N ARG C 91 15.53 -36.50 -13.26
CA ARG C 91 14.62 -35.75 -12.40
C ARG C 91 14.22 -34.42 -13.03
N LYS C 92 15.11 -33.79 -13.80
CA LYS C 92 14.75 -32.53 -14.44
C LYS C 92 13.85 -32.73 -15.66
N GLN C 93 13.82 -33.93 -16.24
CA GLN C 93 12.97 -34.19 -17.39
C GLN C 93 11.74 -35.02 -17.06
N HIS C 94 11.59 -35.50 -15.82
CA HIS C 94 10.47 -36.35 -15.47
C HIS C 94 9.80 -36.01 -14.15
N LEU C 95 10.20 -34.94 -13.47
CA LEU C 95 9.65 -34.59 -12.18
C LEU C 95 9.31 -33.11 -12.13
N GLY C 96 8.45 -32.76 -11.19
CA GLY C 96 8.12 -31.37 -10.92
C GLY C 96 7.94 -31.16 -9.44
N PHE C 97 8.24 -29.94 -8.99
CA PHE C 97 8.29 -29.63 -7.58
C PHE C 97 7.49 -28.37 -7.28
N ILE C 98 6.81 -28.39 -6.13
CA ILE C 98 6.15 -27.21 -5.57
C ILE C 98 6.56 -27.12 -4.10
N PHE C 99 6.99 -25.94 -3.67
CA PHE C 99 7.53 -25.76 -2.34
C PHE C 99 6.56 -24.96 -1.47
N GLN C 100 6.87 -24.93 -0.17
CA GLN C 100 6.03 -24.17 0.76
C GLN C 100 6.08 -22.68 0.44
N ASP C 101 7.29 -22.14 0.28
CA ASP C 101 7.46 -20.74 -0.09
C ASP C 101 7.85 -20.63 -1.56
N TYR C 102 7.06 -19.88 -2.31
CA TYR C 102 7.30 -19.68 -3.74
C TYR C 102 8.66 -19.05 -3.99
N ASN C 103 9.38 -19.58 -4.97
CA ASN C 103 10.69 -19.08 -5.39
C ASN C 103 10.52 -18.46 -6.77
N LEU C 104 10.17 -17.18 -6.79
CA LEU C 104 9.93 -16.43 -8.01
C LEU C 104 10.91 -15.28 -8.12
N LEU C 105 11.63 -15.20 -9.23
CA LEU C 105 12.53 -14.09 -9.47
C LEU C 105 11.73 -12.81 -9.64
N ASP C 106 12.21 -11.73 -9.02
CA ASP C 106 11.53 -10.44 -9.14
C ASP C 106 11.78 -9.80 -10.50
N THR C 107 12.98 -9.98 -11.06
CA THR C 107 13.40 -9.30 -12.27
C THR C 107 12.80 -9.88 -13.54
N LEU C 108 11.81 -10.77 -13.44
CA LEU C 108 11.18 -11.37 -14.60
C LEU C 108 9.67 -11.15 -14.53
N THR C 109 8.97 -11.56 -15.58
CA THR C 109 7.52 -11.42 -15.67
C THR C 109 6.84 -12.73 -15.34
N VAL C 110 5.51 -12.67 -15.21
CA VAL C 110 4.74 -13.88 -14.90
C VAL C 110 4.82 -14.88 -16.04
N LYS C 111 5.04 -14.39 -17.27
CA LYS C 111 5.19 -15.30 -18.41
C LYS C 111 6.59 -15.89 -18.48
N GLU C 112 7.61 -15.05 -18.30
CA GLU C 112 8.98 -15.52 -18.36
C GLU C 112 9.31 -16.45 -17.21
N ASN C 113 8.71 -16.22 -16.04
CA ASN C 113 8.92 -17.13 -14.91
C ASN C 113 8.44 -18.53 -15.25
N ILE C 114 7.26 -18.65 -15.88
CA ILE C 114 6.74 -19.96 -16.23
C ILE C 114 7.51 -20.56 -17.39
N LEU C 115 8.00 -19.74 -18.31
CA LEU C 115 8.68 -20.26 -19.49
C LEU C 115 10.18 -20.50 -19.27
N LEU C 116 10.73 -20.09 -18.14
CA LEU C 116 12.16 -20.29 -17.89
C LEU C 116 12.59 -21.75 -17.90
N PRO C 117 11.93 -22.73 -17.21
CA PRO C 117 12.36 -24.13 -17.30
C PRO C 117 12.60 -24.67 -18.71
N LEU C 118 11.77 -24.27 -19.69
CA LEU C 118 11.88 -24.83 -21.07
C LEU C 118 12.57 -23.81 -21.98
N SER C 119 13.60 -23.14 -21.49
CA SER C 119 14.37 -22.19 -22.34
C SER C 119 15.66 -22.86 -22.78
N ILE C 120 16.22 -23.71 -21.93
CA ILE C 120 17.49 -24.35 -22.24
C ILE C 120 17.33 -25.52 -23.21
N THR C 121 16.14 -26.17 -23.21
CA THR C 121 15.89 -27.29 -24.10
C THR C 121 15.89 -26.87 -25.57
N LYS C 122 15.75 -25.57 -25.84
CA LYS C 122 15.77 -25.02 -27.19
C LYS C 122 14.60 -25.55 -28.03
N LEU C 123 13.40 -25.26 -27.55
CA LEU C 123 12.18 -25.54 -28.28
C LEU C 123 11.72 -24.30 -29.03
N SER C 124 11.05 -24.51 -30.16
CA SER C 124 10.57 -23.39 -30.96
C SER C 124 9.54 -22.59 -30.17
N LYS C 125 9.44 -21.30 -30.51
CA LYS C 125 8.65 -20.37 -29.71
C LYS C 125 7.16 -20.71 -29.72
N LYS C 126 6.65 -21.17 -30.85
CA LYS C 126 5.21 -21.36 -30.99
C LYS C 126 4.67 -22.40 -30.01
N GLU C 127 5.37 -23.53 -29.87
CA GLU C 127 4.91 -24.56 -28.95
C GLU C 127 4.95 -24.07 -27.51
N ALA C 128 6.00 -23.33 -27.14
CA ALA C 128 6.08 -22.78 -25.80
C ALA C 128 4.94 -21.80 -25.53
N ASN C 129 4.64 -20.94 -26.51
CA ASN C 129 3.55 -20.00 -26.36
C ASN C 129 2.21 -20.73 -26.20
N ARG C 130 2.00 -21.78 -27.00
CA ARG C 130 0.76 -22.54 -26.89
C ARG C 130 0.64 -23.22 -25.53
N LYS C 131 1.74 -23.81 -25.05
CA LYS C 131 1.72 -24.46 -23.74
C LYS C 131 1.42 -23.46 -22.63
N PHE C 132 2.07 -22.30 -22.66
CA PHE C 132 1.79 -21.29 -21.65
C PHE C 132 0.36 -20.80 -21.75
N GLU C 133 -0.15 -20.63 -22.97
CA GLU C 133 -1.53 -20.18 -23.15
C GLU C 133 -2.49 -21.16 -22.50
N GLU C 134 -2.35 -22.45 -22.80
CA GLU C 134 -3.30 -23.42 -22.26
C GLU C 134 -3.15 -23.56 -20.75
N VAL C 135 -1.92 -23.53 -20.23
CA VAL C 135 -1.72 -23.63 -18.78
C VAL C 135 -2.33 -22.44 -18.07
N ALA C 136 -2.06 -21.23 -18.57
CA ALA C 136 -2.58 -20.03 -17.92
C ALA C 136 -4.10 -19.96 -18.00
N LYS C 137 -4.68 -20.39 -19.13
CA LYS C 137 -6.14 -20.41 -19.22
C LYS C 137 -6.74 -21.44 -18.28
N GLU C 138 -6.11 -22.60 -18.13
CA GLU C 138 -6.68 -23.64 -17.29
C GLU C 138 -6.36 -23.42 -15.82
N LEU C 139 -5.46 -22.49 -15.50
CA LEU C 139 -5.21 -22.08 -14.13
C LEU C 139 -5.77 -20.71 -13.78
N GLY C 140 -6.22 -19.93 -14.76
CA GLY C 140 -6.88 -18.67 -14.49
C GLY C 140 -5.98 -17.48 -14.27
N ILE C 141 -4.76 -17.50 -14.78
CA ILE C 141 -3.85 -16.37 -14.63
C ILE C 141 -3.46 -15.78 -15.99
N TYR C 142 -4.20 -16.13 -17.05
CA TYR C 142 -3.84 -15.63 -18.38
C TYR C 142 -4.03 -14.12 -18.48
N GLU C 143 -4.95 -13.55 -17.72
CA GLU C 143 -5.12 -12.10 -17.75
C GLU C 143 -3.93 -11.40 -17.12
N LEU C 144 -3.30 -12.02 -16.13
CA LEU C 144 -2.03 -11.53 -15.57
C LEU C 144 -0.84 -12.01 -16.38
N ARG C 145 -0.87 -11.74 -17.69
CA ARG C 145 0.11 -12.32 -18.59
C ARG C 145 1.47 -11.64 -18.47
N ASP C 146 1.51 -10.33 -18.24
CA ASP C 146 2.76 -9.59 -18.25
C ASP C 146 2.88 -8.66 -17.05
N LYS C 147 2.27 -9.01 -15.93
CA LYS C 147 2.47 -8.26 -14.70
C LYS C 147 3.77 -8.68 -14.03
N TYR C 148 4.10 -8.01 -12.94
CA TYR C 148 5.28 -8.41 -12.19
C TYR C 148 4.88 -9.03 -10.86
N PRO C 149 5.65 -9.99 -10.35
CA PRO C 149 5.29 -10.63 -9.07
C PRO C 149 5.31 -9.70 -7.88
N ASN C 150 5.65 -8.41 -8.07
CA ASN C 150 5.60 -7.45 -6.99
C ASN C 150 4.17 -7.01 -6.68
N GLU C 151 3.31 -6.96 -7.70
CA GLU C 151 1.99 -6.34 -7.59
C GLU C 151 0.87 -7.34 -7.86
N ILE C 152 1.00 -8.55 -7.33
CA ILE C 152 -0.05 -9.56 -7.42
C ILE C 152 -0.26 -10.17 -6.04
N SER C 153 -1.44 -10.76 -5.85
CA SER C 153 -1.86 -11.21 -4.54
C SER C 153 -1.10 -12.46 -4.11
N GLY C 154 -1.33 -12.85 -2.85
CA GLY C 154 -0.61 -13.99 -2.31
C GLY C 154 -0.97 -15.31 -2.97
N GLY C 155 -2.24 -15.47 -3.34
CA GLY C 155 -2.66 -16.70 -3.99
C GLY C 155 -2.13 -16.85 -5.41
N GLN C 156 -2.04 -15.73 -6.14
CA GLN C 156 -1.60 -15.80 -7.53
C GLN C 156 -0.13 -16.17 -7.65
N LYS C 157 0.71 -15.76 -6.69
CA LYS C 157 2.11 -16.15 -6.71
C LYS C 157 2.25 -17.67 -6.58
N GLN C 158 1.51 -18.26 -5.64
CA GLN C 158 1.57 -19.71 -5.47
C GLN C 158 0.96 -20.43 -6.66
N ARG C 159 -0.09 -19.88 -7.26
CA ARG C 159 -0.65 -20.50 -8.45
C ARG C 159 0.34 -20.47 -9.61
N THR C 160 1.09 -19.36 -9.75
CA THR C 160 2.13 -19.29 -10.77
C THR C 160 3.24 -20.29 -10.50
N SER C 161 3.64 -20.44 -9.24
CA SER C 161 4.67 -21.43 -8.92
C SER C 161 4.18 -22.83 -9.23
N ALA C 162 2.90 -23.12 -8.97
CA ALA C 162 2.34 -24.42 -9.31
C ALA C 162 2.32 -24.63 -10.82
N GLY C 163 1.93 -23.60 -11.58
CA GLY C 163 1.92 -23.70 -13.02
C GLY C 163 3.29 -23.83 -13.63
N ARG C 164 4.32 -23.36 -12.95
CA ARG C 164 5.68 -23.55 -13.45
C ARG C 164 6.04 -25.02 -13.55
N ALA C 165 5.56 -25.83 -12.59
CA ALA C 165 5.88 -27.25 -12.54
C ALA C 165 4.98 -28.10 -13.43
N PHE C 166 4.22 -27.47 -14.33
CA PHE C 166 3.38 -28.18 -15.28
C PHE C 166 3.72 -27.87 -16.73
N ILE C 167 4.71 -27.02 -16.98
CA ILE C 167 5.00 -26.59 -18.35
C ILE C 167 5.75 -27.65 -19.15
N HIS C 168 6.51 -28.52 -18.49
CA HIS C 168 7.31 -29.53 -19.17
C HIS C 168 6.68 -30.91 -19.14
N ASP C 169 5.39 -31.01 -18.77
CA ASP C 169 4.60 -32.24 -18.79
C ASP C 169 5.30 -33.38 -18.05
N PRO C 170 5.38 -33.32 -16.72
CA PRO C 170 5.99 -34.42 -15.97
C PRO C 170 4.97 -35.49 -15.59
N SER C 171 5.42 -36.51 -14.87
CA SER C 171 4.58 -37.63 -14.47
C SER C 171 4.22 -37.62 -12.99
N ILE C 172 5.16 -37.26 -12.11
CA ILE C 172 4.95 -37.22 -10.68
C ILE C 172 5.18 -35.80 -10.20
N ILE C 173 4.23 -35.26 -9.44
CA ILE C 173 4.30 -33.88 -8.96
C ILE C 173 4.53 -33.95 -7.45
N PHE C 174 5.79 -33.92 -7.05
CA PHE C 174 6.12 -33.76 -5.64
C PHE C 174 5.70 -32.38 -5.18
N ALA C 175 5.19 -32.29 -3.95
CA ALA C 175 4.69 -31.02 -3.46
C ALA C 175 4.76 -31.02 -1.94
N ASP C 176 5.68 -30.22 -1.39
CA ASP C 176 5.65 -29.92 0.03
C ASP C 176 4.40 -29.11 0.34
N GLU C 177 4.19 -28.80 1.61
CA GLU C 177 2.95 -28.16 2.07
C GLU C 177 2.70 -26.85 1.32
N PRO C 178 1.75 -26.81 0.38
CA PRO C 178 1.43 -25.57 -0.35
C PRO C 178 0.32 -24.76 0.33
N THR C 179 0.40 -24.63 1.65
CA THR C 179 -0.59 -23.87 2.40
C THR C 179 0.02 -23.09 3.55
N GLY C 180 1.35 -22.97 3.62
CA GLY C 180 1.97 -22.37 4.78
C GLY C 180 1.60 -20.91 4.97
N ALA C 181 1.68 -20.13 3.89
CA ALA C 181 1.49 -18.69 3.95
C ALA C 181 0.27 -18.24 3.17
N LEU C 182 -0.79 -19.05 3.19
CA LEU C 182 -2.03 -18.73 2.50
C LEU C 182 -3.19 -18.79 3.48
N ASP C 183 -4.20 -17.94 3.24
CA ASP C 183 -5.41 -17.97 4.04
C ASP C 183 -6.36 -19.04 3.50
N SER C 184 -7.54 -19.13 4.10
CA SER C 184 -8.47 -20.22 3.79
C SER C 184 -8.96 -20.15 2.34
N LYS C 185 -9.34 -18.97 1.89
CA LYS C 185 -9.91 -18.85 0.55
C LYS C 185 -8.89 -19.20 -0.53
N SER C 186 -7.67 -18.66 -0.41
CA SER C 186 -6.64 -18.95 -1.40
C SER C 186 -6.25 -20.42 -1.37
N ALA C 187 -6.16 -21.01 -0.17
CA ALA C 187 -5.83 -22.42 -0.07
C ALA C 187 -6.89 -23.28 -0.73
N SER C 188 -8.18 -22.98 -0.49
CA SER C 188 -9.24 -23.75 -1.11
C SER C 188 -9.19 -23.61 -2.63
N ASP C 189 -8.97 -22.39 -3.12
CA ASP C 189 -8.90 -22.18 -4.57
C ASP C 189 -7.75 -22.96 -5.19
N LEU C 190 -6.58 -22.93 -4.55
CA LEU C 190 -5.42 -23.63 -5.10
C LEU C 190 -5.65 -25.14 -5.10
N LEU C 191 -6.23 -25.68 -4.03
CA LEU C 191 -6.49 -27.12 -3.98
C LEU C 191 -7.54 -27.52 -5.01
N ASN C 192 -8.55 -26.68 -5.23
CA ASN C 192 -9.53 -26.97 -6.27
C ASN C 192 -8.88 -26.99 -7.64
N LYS C 193 -7.98 -26.02 -7.90
CA LYS C 193 -7.30 -26.01 -9.18
C LYS C 193 -6.42 -27.25 -9.36
N LEU C 194 -5.73 -27.67 -8.31
CA LEU C 194 -4.90 -28.87 -8.41
C LEU C 194 -5.75 -30.10 -8.67
N SER C 195 -6.90 -30.22 -8.00
CA SER C 195 -7.78 -31.36 -8.22
C SER C 195 -8.31 -31.36 -9.66
N GLN C 196 -8.63 -30.18 -10.19
CA GLN C 196 -9.04 -30.09 -11.59
C GLN C 196 -7.91 -30.49 -12.53
N LEU C 197 -6.68 -30.09 -12.22
CA LEU C 197 -5.53 -30.50 -13.02
C LEU C 197 -5.37 -32.01 -13.02
N ASN C 198 -5.59 -32.66 -11.88
CA ASN C 198 -5.37 -34.10 -11.79
C ASN C 198 -6.33 -34.87 -12.71
N GLN C 199 -7.61 -34.46 -12.74
CA GLN C 199 -8.59 -35.22 -13.51
C GLN C 199 -8.36 -35.11 -15.01
N LYS C 200 -8.01 -33.91 -15.49
CA LYS C 200 -7.90 -33.70 -16.93
C LYS C 200 -6.75 -34.51 -17.53
N ARG C 201 -5.53 -34.22 -17.11
CA ARG C 201 -4.35 -34.94 -17.58
C ARG C 201 -3.86 -35.89 -16.49
N ASN C 202 -3.55 -37.12 -16.89
CA ASN C 202 -3.09 -38.13 -15.93
C ASN C 202 -1.75 -37.69 -15.36
N ALA C 203 -1.72 -37.43 -14.05
CA ALA C 203 -0.52 -36.99 -13.38
C ALA C 203 -0.66 -37.29 -11.89
N THR C 204 0.35 -37.94 -11.32
CA THR C 204 0.32 -38.31 -9.92
C THR C 204 0.83 -37.16 -9.05
N ILE C 205 0.10 -36.87 -7.98
CA ILE C 205 0.46 -35.81 -7.04
C ILE C 205 0.63 -36.45 -5.67
N ILE C 206 1.75 -36.15 -5.02
CA ILE C 206 2.06 -36.70 -3.70
C ILE C 206 2.25 -35.51 -2.76
N MET C 207 1.17 -35.09 -2.11
CA MET C 207 1.25 -34.02 -1.13
C MET C 207 1.74 -34.58 0.21
N VAL C 208 2.47 -33.75 0.95
CA VAL C 208 2.89 -34.10 2.29
C VAL C 208 2.62 -32.93 3.22
N THR C 209 1.51 -32.98 3.94
CA THR C 209 1.10 -31.89 4.82
C THR C 209 0.49 -32.47 6.08
N HIS C 210 0.50 -31.66 7.14
CA HIS C 210 -0.11 -32.01 8.42
C HIS C 210 -1.28 -31.09 8.74
N ASP C 211 -2.07 -30.77 7.72
CA ASP C 211 -3.28 -29.96 7.88
C ASP C 211 -4.47 -30.76 7.38
N PRO C 212 -5.40 -31.14 8.24
CA PRO C 212 -6.54 -31.97 7.78
C PRO C 212 -7.39 -31.31 6.71
N VAL C 213 -7.49 -29.97 6.73
CA VAL C 213 -8.30 -29.28 5.72
C VAL C 213 -7.73 -29.52 4.34
N ALA C 214 -6.41 -29.45 4.20
CA ALA C 214 -5.79 -29.71 2.91
C ALA C 214 -5.88 -31.18 2.53
N ALA C 215 -5.72 -32.08 3.50
CA ALA C 215 -5.72 -33.50 3.22
C ALA C 215 -7.10 -34.05 2.88
N SER C 216 -8.17 -33.37 3.30
CA SER C 216 -9.52 -33.86 3.03
C SER C 216 -9.88 -33.84 1.55
N TYR C 217 -9.09 -33.16 0.72
CA TYR C 217 -9.36 -33.09 -0.72
C TYR C 217 -8.83 -34.31 -1.47
N CYS C 218 -8.18 -35.24 -0.79
CA CYS C 218 -7.45 -36.32 -1.44
C CYS C 218 -8.37 -37.52 -1.67
N GLY C 219 -7.77 -38.65 -2.03
CA GLY C 219 -8.50 -39.89 -2.16
C GLY C 219 -7.87 -41.00 -1.36
N ARG C 220 -6.67 -40.76 -0.87
CA ARG C 220 -5.94 -41.73 -0.06
C ARG C 220 -5.05 -40.98 0.93
N VAL C 221 -5.07 -41.41 2.19
CA VAL C 221 -4.26 -40.81 3.23
C VAL C 221 -3.47 -41.91 3.91
N ILE C 222 -2.17 -41.68 4.10
CA ILE C 222 -1.28 -42.63 4.75
C ILE C 222 -0.68 -41.95 5.98
N PHE C 223 -0.81 -42.60 7.14
CA PHE C 223 -0.35 -42.04 8.41
C PHE C 223 0.95 -42.71 8.81
N ILE C 224 2.01 -41.91 8.95
CA ILE C 224 3.32 -42.40 9.36
C ILE C 224 3.47 -42.14 10.86
N LYS C 225 3.67 -43.21 11.62
CA LYS C 225 3.99 -43.10 13.04
C LYS C 225 5.50 -43.18 13.28
N ASP C 226 6.10 -44.32 12.93
CA ASP C 226 7.54 -44.44 12.87
C ASP C 226 8.01 -45.18 11.63
N GLY C 227 7.18 -46.05 11.03
CA GLY C 227 7.55 -46.78 9.85
C GLY C 227 6.45 -46.81 8.80
N GLN C 228 5.55 -45.84 8.87
CA GLN C 228 4.49 -45.65 7.88
C GLN C 228 3.59 -46.89 7.79
N MET C 229 3.06 -47.28 8.93
CA MET C 229 2.18 -48.45 8.99
C MET C 229 0.99 -48.26 9.93
N TYR C 230 0.75 -47.05 10.43
CA TYR C 230 -0.26 -46.85 11.46
C TYR C 230 -1.67 -47.17 10.96
N THR C 231 -2.18 -46.40 10.01
CA THR C 231 -3.48 -46.66 9.39
C THR C 231 -3.42 -46.28 7.92
N GLN C 232 -4.55 -46.49 7.23
CA GLN C 232 -4.65 -46.15 5.81
C GLN C 232 -6.13 -45.96 5.48
N LEU C 233 -6.54 -44.71 5.37
CA LEU C 233 -7.91 -44.38 4.97
C LEU C 233 -8.01 -44.33 3.45
N ASN C 234 -9.23 -44.53 2.95
CA ASN C 234 -9.43 -44.67 1.51
C ASN C 234 -10.59 -43.85 0.94
N LYS C 235 -11.38 -43.16 1.78
CA LYS C 235 -12.50 -42.35 1.31
C LYS C 235 -13.49 -43.21 0.51
N GLY C 236 -13.35 -43.20 -0.82
CA GLY C 236 -14.21 -43.98 -1.68
C GLY C 236 -15.44 -43.23 -2.17
N GLY C 237 -16.38 -42.96 -1.28
CA GLY C 237 -17.61 -42.31 -1.70
C GLY C 237 -18.13 -41.27 -0.72
N GLN C 238 -17.24 -40.67 0.05
CA GLN C 238 -17.62 -39.66 1.02
C GLN C 238 -17.97 -38.35 0.30
N ASP C 239 -18.33 -37.34 1.09
CA ASP C 239 -18.75 -36.04 0.55
C ASP C 239 -17.91 -34.91 1.14
N ARG C 240 -16.61 -35.16 1.32
CA ARG C 240 -15.61 -34.18 1.74
C ARG C 240 -15.84 -33.67 3.17
N GLN C 241 -16.84 -34.16 3.87
CA GLN C 241 -17.07 -33.79 5.26
C GLN C 241 -16.96 -34.98 6.20
N THR C 242 -17.60 -36.10 5.86
CA THR C 242 -17.39 -37.32 6.62
C THR C 242 -15.94 -37.75 6.56
N PHE C 243 -15.29 -37.56 5.40
CA PHE C 243 -13.86 -37.82 5.30
C PHE C 243 -13.07 -36.88 6.20
N PHE C 244 -13.50 -35.63 6.31
CA PHE C 244 -12.84 -34.68 7.20
C PHE C 244 -12.93 -35.14 8.65
N GLN C 245 -14.12 -35.58 9.08
CA GLN C 245 -14.26 -36.08 10.44
C GLN C 245 -13.45 -37.35 10.65
N ASP C 246 -13.40 -38.23 9.65
CA ASP C 246 -12.62 -39.45 9.76
C ASP C 246 -11.13 -39.14 9.95
N ILE C 247 -10.60 -38.21 9.14
CA ILE C 247 -9.19 -37.89 9.26
C ILE C 247 -8.89 -37.19 10.58
N MET C 248 -9.82 -36.36 11.06
CA MET C 248 -9.64 -35.75 12.38
C MET C 248 -9.59 -36.81 13.47
N LYS C 249 -10.51 -37.78 13.43
CA LYS C 249 -10.51 -38.83 14.44
C LYS C 249 -9.24 -39.66 14.38
N THR C 250 -8.79 -40.00 13.17
CA THR C 250 -7.58 -40.79 13.03
C THR C 250 -6.36 -40.03 13.53
N GLN C 251 -6.29 -38.73 13.28
CA GLN C 251 -5.18 -37.93 13.79
C GLN C 251 -5.26 -37.70 15.29
N GLY C 252 -6.46 -37.75 15.87
CA GLY C 252 -6.60 -37.52 17.29
C GLY C 252 -6.51 -38.76 18.15
N VAL C 253 -6.71 -39.94 17.56
CA VAL C 253 -6.70 -41.16 18.36
C VAL C 253 -5.31 -41.43 18.92
N LEU C 254 -4.26 -41.11 18.16
CA LEU C 254 -2.89 -41.31 18.63
C LEU C 254 -2.40 -40.10 19.41
N MET D 1 -1.55 28.01 2.58
CA MET D 1 -0.89 27.22 1.56
C MET D 1 0.62 27.46 1.64
N ILE D 2 1.02 28.33 2.57
CA ILE D 2 2.44 28.60 2.79
C ILE D 2 3.18 27.32 3.13
N LYS D 3 2.62 26.54 4.08
CA LYS D 3 3.27 25.30 4.48
C LYS D 3 3.28 24.29 3.32
N ALA D 4 2.17 24.21 2.58
CA ALA D 4 2.09 23.28 1.47
C ALA D 4 3.08 23.62 0.35
N PHE D 5 3.58 24.85 0.30
CA PHE D 5 4.61 25.20 -0.67
C PHE D 5 6.01 25.06 -0.12
N LEU D 6 6.20 25.35 1.17
CA LEU D 6 7.52 25.19 1.77
C LEU D 6 7.87 23.74 2.07
N ILE D 7 6.89 22.84 2.06
CA ILE D 7 7.20 21.41 2.17
C ILE D 7 7.47 20.79 0.80
N GLU D 8 6.93 21.36 -0.27
CA GLU D 8 7.13 20.81 -1.61
C GLU D 8 8.47 21.18 -2.22
N ARG D 9 9.09 22.28 -1.77
CA ARG D 9 10.34 22.76 -2.33
C ARG D 9 11.44 22.78 -1.27
N ARG D 10 11.50 21.73 -0.45
CA ARG D 10 12.52 21.67 0.61
C ARG D 10 13.89 21.31 0.05
N SER D 11 13.94 20.53 -1.03
CA SER D 11 15.22 20.09 -1.56
C SER D 11 16.05 21.25 -2.09
N TRP D 12 15.43 22.18 -2.80
CA TRP D 12 16.18 23.30 -3.37
C TRP D 12 16.70 24.23 -2.30
N ILE D 13 15.89 24.49 -1.27
CA ILE D 13 16.35 25.30 -0.14
C ILE D 13 17.52 24.63 0.57
N ALA D 14 17.41 23.31 0.79
CA ALA D 14 18.51 22.59 1.43
C ALA D 14 19.78 22.66 0.60
N ALA D 15 19.65 22.50 -0.73
CA ALA D 15 20.82 22.57 -1.60
C ALA D 15 21.46 23.95 -1.55
N PHE D 16 20.63 25.01 -1.57
CA PHE D 16 21.17 26.36 -1.50
C PHE D 16 21.92 26.60 -0.20
N LEU D 17 21.33 26.16 0.92
CA LEU D 17 22.01 26.35 2.21
C LEU D 17 23.32 25.57 2.26
N PHE D 18 23.34 24.36 1.72
CA PHE D 18 24.57 23.58 1.71
C PHE D 18 25.64 24.26 0.86
N GLN D 19 25.24 24.84 -0.28
CA GLN D 19 26.22 25.54 -1.11
C GLN D 19 26.80 26.74 -0.38
N GLN D 20 25.95 27.49 0.34
CA GLN D 20 26.46 28.60 1.14
C GLN D 20 27.46 28.12 2.19
N ALA D 21 27.12 27.02 2.87
CA ALA D 21 28.03 26.48 3.89
C ALA D 21 29.36 26.04 3.27
N LEU D 22 29.30 25.41 2.10
CA LEU D 22 30.53 25.00 1.41
C LEU D 22 31.40 26.19 1.07
N MET D 23 30.79 27.25 0.53
CA MET D 23 31.55 28.45 0.19
C MET D 23 32.21 29.04 1.44
N LEU D 24 31.46 29.13 2.55
CA LEU D 24 32.03 29.68 3.77
C LEU D 24 33.19 28.84 4.28
N PHE D 25 33.04 27.51 4.25
CA PHE D 25 34.10 26.64 4.75
C PHE D 25 35.37 26.76 3.92
N ILE D 26 35.25 26.71 2.60
CA ILE D 26 36.44 26.80 1.77
C ILE D 26 37.09 28.18 1.89
N ALA D 27 36.28 29.23 2.05
CA ALA D 27 36.87 30.55 2.28
C ALA D 27 37.61 30.60 3.61
N PHE D 28 37.07 29.95 4.64
CA PHE D 28 37.70 29.96 5.96
C PHE D 28 39.05 29.25 5.93
N VAL D 29 39.11 28.07 5.29
CA VAL D 29 40.32 27.26 5.40
C VAL D 29 41.49 27.80 4.58
N ASP D 30 41.25 28.78 3.72
CA ASP D 30 42.29 29.30 2.84
C ASP D 30 42.73 30.68 3.31
N PRO D 31 44.03 30.93 3.45
CA PRO D 31 44.49 32.23 3.95
C PRO D 31 44.40 33.36 2.95
N SER D 32 44.47 33.04 1.65
CA SER D 32 44.44 34.08 0.64
C SER D 32 43.12 34.84 0.64
N ILE D 33 42.01 34.10 0.66
CA ILE D 33 40.68 34.70 0.64
C ILE D 33 40.35 35.22 2.02
N SER D 34 39.84 36.45 2.08
CA SER D 34 39.46 37.06 3.36
C SER D 34 38.20 36.39 3.90
N PHE D 35 37.74 36.88 5.06
CA PHE D 35 36.59 36.28 5.73
C PHE D 35 35.55 37.31 6.15
N GLY D 36 35.56 38.50 5.55
CA GLY D 36 34.47 39.44 5.78
C GLY D 36 33.62 39.61 4.55
N ASN D 37 34.28 39.61 3.39
CA ASN D 37 33.56 39.79 2.13
C ASN D 37 32.61 38.62 1.87
N VAL D 38 33.05 37.40 2.14
CA VAL D 38 32.20 36.25 1.93
C VAL D 38 30.99 36.30 2.85
N LEU D 39 31.18 36.74 4.09
CA LEU D 39 30.06 36.84 5.02
C LEU D 39 29.05 37.88 4.56
N TYR D 40 29.54 39.05 4.13
CA TYR D 40 28.61 40.08 3.63
C TYR D 40 27.84 39.57 2.42
N MET D 41 28.54 38.88 1.50
CA MET D 41 27.87 38.30 0.35
C MET D 41 26.82 37.30 0.77
N VAL D 42 27.12 36.46 1.77
CA VAL D 42 26.16 35.48 2.24
C VAL D 42 24.91 36.17 2.75
N TYR D 43 25.07 37.23 3.56
CA TYR D 43 23.90 37.91 4.10
C TYR D 43 23.04 38.53 2.99
N LEU D 44 23.68 39.24 2.07
CA LEU D 44 22.92 39.88 0.99
C LEU D 44 22.22 38.84 0.12
N CYS D 45 22.91 37.76 -0.21
CA CYS D 45 22.30 36.73 -1.05
C CYS D 45 21.17 36.01 -0.33
N ILE D 46 21.26 35.85 0.99
CA ILE D 46 20.16 35.23 1.73
C ILE D 46 18.92 36.11 1.69
N LEU D 47 19.08 37.42 1.90
CA LEU D 47 17.91 38.30 1.80
C LEU D 47 17.31 38.29 0.39
N PHE D 48 18.18 38.33 -0.63
CA PHE D 48 17.66 38.27 -1.99
C PHE D 48 16.95 36.95 -2.26
N PHE D 49 17.44 35.86 -1.68
CA PHE D 49 16.79 34.57 -1.84
C PHE D 49 15.42 34.55 -1.16
N ILE D 50 15.29 35.24 -0.03
CA ILE D 50 13.98 35.33 0.63
C ILE D 50 12.98 36.04 -0.29
N ILE D 51 13.40 37.17 -0.86
CA ILE D 51 12.51 37.87 -1.78
C ILE D 51 12.16 36.99 -2.98
N PHE D 52 13.15 36.25 -3.49
CA PHE D 52 12.92 35.38 -4.64
C PHE D 52 11.93 34.27 -4.29
N LEU D 53 12.02 33.71 -3.09
CA LEU D 53 11.06 32.70 -2.67
C LEU D 53 9.65 33.26 -2.64
N TRP D 54 9.49 34.47 -2.10
CA TRP D 54 8.16 35.08 -2.09
C TRP D 54 7.62 35.25 -3.52
N PHE D 55 8.47 35.75 -4.41
CA PHE D 55 8.05 35.97 -5.79
C PHE D 55 7.65 34.66 -6.47
N ARG D 56 8.43 33.60 -6.24
CA ARG D 56 8.09 32.31 -6.83
C ARG D 56 6.79 31.76 -6.24
N TYR D 57 6.61 31.92 -4.93
CA TYR D 57 5.37 31.49 -4.27
C TYR D 57 4.15 32.06 -4.96
N ARG D 58 4.17 33.36 -5.24
CA ARG D 58 2.95 34.03 -5.67
C ARG D 58 2.32 33.36 -6.90
N LYS D 59 3.11 33.17 -7.96
CA LYS D 59 2.58 32.68 -9.22
C LYS D 59 2.00 31.28 -9.09
N GLU D 60 2.81 30.34 -8.61
CA GLU D 60 2.39 28.95 -8.58
C GLU D 60 1.23 28.75 -7.61
N THR D 61 1.27 29.40 -6.44
CA THR D 61 0.14 29.30 -5.53
C THR D 61 -1.14 29.82 -6.17
N ALA D 62 -1.06 30.95 -6.87
CA ALA D 62 -2.25 31.49 -7.51
C ALA D 62 -2.82 30.52 -8.53
N PHE D 63 -1.96 29.99 -9.42
CA PHE D 63 -2.47 29.11 -10.46
C PHE D 63 -3.08 27.85 -9.88
N TYR D 64 -2.39 27.23 -8.92
CA TYR D 64 -2.89 25.96 -8.40
C TYR D 64 -4.16 26.17 -7.60
N LYS D 65 -4.26 27.26 -6.83
CA LYS D 65 -5.51 27.55 -6.14
C LYS D 65 -6.65 27.78 -7.12
N SER D 66 -6.37 28.42 -8.26
CA SER D 66 -7.39 28.55 -9.30
C SER D 66 -7.84 27.18 -9.80
N LEU D 67 -6.89 26.28 -10.04
CA LEU D 67 -7.24 24.94 -10.50
C LEU D 67 -8.11 24.22 -9.47
N LYS D 68 -7.76 24.33 -8.18
CA LYS D 68 -8.56 23.65 -7.15
C LYS D 68 -9.95 24.27 -7.04
N THR D 69 -10.07 25.59 -7.26
CA THR D 69 -11.40 26.18 -7.32
C THR D 69 -12.17 25.66 -8.52
N TRP D 70 -11.47 25.28 -9.60
CA TRP D 70 -12.17 24.78 -10.77
C TRP D 70 -12.82 23.42 -10.53
N GLU D 71 -12.15 22.55 -9.79
CA GLU D 71 -12.57 21.15 -9.75
C GLU D 71 -13.93 20.97 -9.08
N ASN D 72 -14.24 21.79 -8.07
CA ASN D 72 -15.52 21.71 -7.36
C ASN D 72 -16.13 23.11 -7.34
N ASN D 73 -16.85 23.45 -8.40
CA ASN D 73 -17.56 24.73 -8.52
C ASN D 73 -18.47 24.61 -9.74
N LEU D 74 -19.11 25.72 -10.10
CA LEU D 74 -19.97 25.79 -11.27
C LEU D 74 -19.35 26.65 -12.38
N ASP D 75 -18.02 26.73 -12.40
CA ASP D 75 -17.30 27.53 -13.38
C ASP D 75 -16.31 26.62 -14.11
N VAL D 76 -16.58 26.35 -15.38
CA VAL D 76 -15.68 25.51 -16.17
C VAL D 76 -14.46 26.27 -16.66
N THR D 77 -14.51 27.60 -16.67
CA THR D 77 -13.41 28.42 -17.14
C THR D 77 -12.46 28.83 -16.03
N ALA D 78 -12.65 28.30 -14.82
CA ALA D 78 -11.82 28.67 -13.68
C ALA D 78 -10.37 28.23 -13.83
N ILE D 79 -10.07 27.35 -14.78
CA ILE D 79 -8.68 26.94 -15.02
C ILE D 79 -8.01 27.96 -15.94
N ASN D 80 -6.88 28.48 -15.49
CA ASN D 80 -6.14 29.45 -16.29
C ASN D 80 -5.41 28.74 -17.42
N GLU D 81 -5.12 29.50 -18.48
CA GLU D 81 -4.36 28.97 -19.59
C GLU D 81 -2.96 28.58 -19.10
N PRO D 82 -2.48 27.37 -19.40
CA PRO D 82 -1.19 26.94 -18.88
C PRO D 82 -0.06 27.82 -19.40
N GLU D 83 0.95 28.02 -18.55
CA GLU D 83 2.14 28.78 -18.89
C GLU D 83 3.40 27.92 -18.93
N THR D 84 3.43 26.83 -18.18
CA THR D 84 4.53 25.88 -18.12
C THR D 84 4.06 24.53 -18.67
N PRO D 85 4.97 23.71 -19.21
CA PRO D 85 4.53 22.49 -19.90
C PRO D 85 3.77 21.50 -19.03
N PHE D 86 4.08 21.40 -17.74
CA PHE D 86 3.38 20.46 -16.88
C PHE D 86 1.90 20.81 -16.76
N GLU D 87 1.61 22.09 -16.55
CA GLU D 87 0.22 22.53 -16.54
C GLU D 87 -0.45 22.31 -17.89
N ALA D 88 0.31 22.42 -18.98
CA ALA D 88 -0.23 22.10 -20.29
C ALA D 88 -0.64 20.63 -20.37
N MET D 89 0.19 19.73 -19.84
CA MET D 89 -0.15 18.32 -19.83
C MET D 89 -1.42 18.06 -19.01
N VAL D 90 -1.50 18.68 -17.83
CA VAL D 90 -2.68 18.48 -16.98
C VAL D 90 -3.93 18.98 -17.67
N GLU D 91 -3.86 20.17 -18.28
CA GLU D 91 -5.01 20.72 -18.97
C GLU D 91 -5.42 19.86 -20.15
N ARG D 92 -4.44 19.33 -20.90
CA ARG D 92 -4.74 18.45 -22.02
C ARG D 92 -5.45 17.19 -21.56
N SER D 93 -4.99 16.60 -20.45
CA SER D 93 -5.64 15.40 -19.94
C SER D 93 -7.09 15.68 -19.51
N ILE D 94 -7.30 16.80 -18.81
CA ILE D 94 -8.66 17.14 -18.38
C ILE D 94 -9.55 17.40 -19.58
N ALA D 95 -9.02 18.08 -20.61
CA ALA D 95 -9.79 18.34 -21.81
C ALA D 95 -10.17 17.05 -22.53
N GLY D 96 -9.25 16.08 -22.58
CA GLY D 96 -9.57 14.80 -23.17
C GLY D 96 -10.68 14.07 -22.41
N GLN D 97 -10.61 14.08 -21.08
CA GLN D 97 -11.67 13.46 -20.30
C GLN D 97 -13.01 14.14 -20.54
N THR D 98 -13.02 15.48 -20.59
CA THR D 98 -14.25 16.20 -20.84
C THR D 98 -14.82 15.88 -22.22
N GLU D 99 -13.93 15.77 -23.22
CA GLU D 99 -14.38 15.41 -24.56
C GLU D 99 -15.01 14.03 -24.59
N HIS D 100 -14.40 13.06 -23.90
CA HIS D 100 -14.98 11.73 -23.85
C HIS D 100 -16.35 11.74 -23.18
N LEU D 101 -16.47 12.47 -22.07
CA LEU D 101 -17.76 12.56 -21.39
C LEU D 101 -18.81 13.21 -22.28
N LYS D 102 -18.45 14.27 -22.99
CA LYS D 102 -19.39 14.93 -23.89
C LYS D 102 -19.84 14.00 -25.00
N GLN D 103 -18.89 13.26 -25.59
CA GLN D 103 -19.23 12.34 -26.67
C GLN D 103 -20.19 11.26 -26.19
N THR D 104 -19.90 10.64 -25.05
CA THR D 104 -20.76 9.56 -24.58
C THR D 104 -22.13 10.08 -24.18
N ALA D 105 -22.19 11.27 -23.56
CA ALA D 105 -23.48 11.85 -23.20
C ALA D 105 -24.32 12.16 -24.43
N ALA D 106 -23.68 12.74 -25.47
CA ALA D 106 -24.41 13.04 -26.69
C ALA D 106 -24.92 11.77 -27.35
N ARG D 107 -24.09 10.73 -27.40
CA ARG D 107 -24.53 9.46 -27.98
C ARG D 107 -25.70 8.88 -27.20
N HIS D 108 -25.64 8.92 -25.87
CA HIS D 108 -26.72 8.40 -25.04
C HIS D 108 -28.02 9.16 -25.31
N ARG D 109 -27.95 10.50 -25.36
CA ARG D 109 -29.15 11.29 -25.59
C ARG D 109 -29.73 11.03 -26.98
N LEU D 110 -28.88 10.97 -28.00
CA LEU D 110 -29.37 10.71 -29.35
C LEU D 110 -30.02 9.33 -29.45
N ALA D 111 -29.40 8.32 -28.82
CA ALA D 111 -30.00 6.99 -28.80
C ALA D 111 -31.38 7.03 -28.17
N LEU D 112 -31.47 7.60 -26.96
CA LEU D 112 -32.76 7.63 -26.26
C LEU D 112 -33.82 8.37 -27.06
N GLU D 113 -33.43 9.45 -27.73
CA GLU D 113 -34.37 10.12 -28.63
C GLU D 113 -34.80 9.19 -29.76
N ASN D 114 -33.89 8.32 -30.22
CA ASN D 114 -34.27 7.37 -31.26
C ASN D 114 -35.30 6.37 -30.78
N GLU D 115 -35.12 5.79 -29.58
CA GLU D 115 -36.16 4.89 -29.09
C GLU D 115 -37.45 5.64 -28.80
N LYS D 116 -37.37 6.91 -28.39
CA LYS D 116 -38.59 7.69 -28.19
C LYS D 116 -39.35 7.87 -29.50
N ASP D 117 -38.64 8.17 -30.58
CA ASP D 117 -39.28 8.32 -31.89
C ASP D 117 -39.90 7.00 -32.34
N GLU D 118 -39.17 5.89 -32.14
CA GLU D 118 -39.71 4.59 -32.52
C GLU D 118 -40.97 4.26 -31.72
N LEU D 119 -40.96 4.57 -30.41
CA LEU D 119 -42.13 4.33 -29.59
C LEU D 119 -43.31 5.18 -30.04
N MET D 120 -43.06 6.44 -30.40
CA MET D 120 -44.13 7.30 -30.89
C MET D 120 -44.71 6.76 -32.20
N ALA D 121 -43.85 6.28 -33.10
CA ALA D 121 -44.34 5.67 -34.33
C ALA D 121 -45.19 4.45 -34.05
N TRP D 122 -44.77 3.62 -33.08
CA TRP D 122 -45.58 2.47 -32.69
C TRP D 122 -46.92 2.90 -32.12
N ILE D 123 -46.94 3.96 -31.33
CA ILE D 123 -48.19 4.46 -30.75
C ILE D 123 -49.14 4.90 -31.87
N HIS D 124 -48.60 5.57 -32.89
CA HIS D 124 -49.42 5.96 -34.03
C HIS D 124 -49.97 4.75 -34.76
N GLU D 125 -49.11 3.77 -35.03
CA GLU D 125 -49.54 2.56 -35.73
C GLU D 125 -50.48 1.71 -34.90
N VAL D 126 -50.57 1.96 -33.59
CA VAL D 126 -51.53 1.28 -32.74
C VAL D 126 -52.85 2.05 -32.68
N LYS D 127 -52.79 3.38 -32.65
CA LYS D 127 -54.03 4.15 -32.55
C LYS D 127 -54.79 4.19 -33.87
N THR D 128 -54.11 4.03 -35.01
CA THR D 128 -54.83 4.00 -36.28
C THR D 128 -55.84 2.86 -36.38
N PRO D 129 -55.52 1.62 -35.99
CA PRO D 129 -56.54 0.57 -36.01
C PRO D 129 -57.75 0.85 -35.11
N LEU D 130 -57.60 1.69 -34.08
CA LEU D 130 -58.78 2.10 -33.33
C LEU D 130 -59.75 2.88 -34.21
N THR D 131 -59.22 3.79 -35.04
CA THR D 131 -60.07 4.47 -36.02
C THR D 131 -60.62 3.47 -37.04
N ALA D 132 -59.84 2.46 -37.39
CA ALA D 132 -60.33 1.43 -38.30
C ALA D 132 -61.55 0.72 -37.72
N MET D 133 -61.47 0.30 -36.45
CA MET D 133 -62.63 -0.31 -35.81
C MET D 133 -63.78 0.67 -35.66
N HIS D 134 -63.50 1.95 -35.39
CA HIS D 134 -64.59 2.93 -35.29
C HIS D 134 -65.35 3.02 -36.62
N LEU D 135 -64.62 3.11 -37.73
CA LEU D 135 -65.25 3.15 -39.04
C LEU D 135 -66.02 1.87 -39.33
N ILE D 136 -65.46 0.72 -38.96
CA ILE D 136 -66.14 -0.55 -39.22
C ILE D 136 -67.40 -0.66 -38.37
N ILE D 137 -67.35 -0.18 -37.12
CA ILE D 137 -68.40 -0.45 -36.15
C ILE D 137 -69.48 0.62 -36.11
N ASP D 138 -69.29 1.75 -36.79
CA ASP D 138 -70.36 2.75 -36.79
C ASP D 138 -71.46 2.34 -37.77
N ARG D 139 -71.93 1.09 -37.64
CA ARG D 139 -73.03 0.58 -38.44
C ARG D 139 -73.95 -0.34 -37.65
N MET D 140 -73.82 -0.38 -36.32
CA MET D 140 -74.55 -1.35 -35.51
C MET D 140 -76.03 -1.02 -35.46
N GLU D 141 -76.84 -2.05 -35.21
CA GLU D 141 -78.30 -1.94 -35.18
C GLU D 141 -78.87 -2.06 -33.78
N GLU D 142 -78.45 -3.05 -33.00
CA GLU D 142 -78.99 -3.25 -31.66
C GLU D 142 -78.57 -2.11 -30.75
N LYS D 143 -79.53 -1.57 -30.00
CA LYS D 143 -79.27 -0.35 -29.24
C LYS D 143 -78.31 -0.59 -28.08
N ALA D 144 -78.56 -1.63 -27.29
CA ALA D 144 -77.74 -1.87 -26.09
C ALA D 144 -76.33 -2.27 -26.46
N LEU D 145 -76.18 -3.19 -27.42
CA LEU D 145 -74.85 -3.62 -27.83
C LEU D 145 -74.07 -2.47 -28.45
N LYS D 146 -74.73 -1.66 -29.28
CA LYS D 146 -74.07 -0.50 -29.87
C LYS D 146 -73.65 0.49 -28.79
N SER D 147 -74.50 0.71 -27.80
CA SER D 147 -74.16 1.62 -26.70
C SER D 147 -72.95 1.12 -25.93
N GLN D 148 -72.91 -0.18 -25.61
CA GLN D 148 -71.76 -0.74 -24.89
C GLN D 148 -70.48 -0.63 -25.72
N LEU D 149 -70.57 -0.97 -27.00
CA LEU D 149 -69.40 -0.89 -27.86
C LEU D 149 -68.90 0.55 -27.99
N SER D 150 -69.82 1.50 -28.13
CA SER D 150 -69.44 2.91 -28.21
C SER D 150 -68.81 3.38 -26.91
N TYR D 151 -69.33 2.95 -25.77
CA TYR D 151 -68.74 3.30 -24.48
C TYR D 151 -67.32 2.78 -24.38
N GLU D 152 -67.11 1.51 -24.76
CA GLU D 152 -65.77 0.94 -24.69
C GLU D 152 -64.81 1.65 -25.65
N TRP D 153 -65.27 1.92 -26.88
CA TRP D 153 -64.42 2.62 -27.85
C TRP D 153 -64.07 4.01 -27.36
N LEU D 154 -65.03 4.72 -26.76
CA LEU D 154 -64.77 6.05 -26.23
C LEU D 154 -63.76 6.00 -25.09
N ARG D 155 -63.87 4.99 -24.21
CA ARG D 155 -62.90 4.85 -23.14
C ARG D 155 -61.49 4.60 -23.69
N ILE D 156 -61.38 3.72 -24.69
CA ILE D 156 -60.07 3.43 -25.27
C ILE D 156 -59.51 4.66 -25.98
N HIS D 157 -60.37 5.40 -26.70
CA HIS D 157 -59.92 6.61 -27.37
C HIS D 157 -59.49 7.67 -26.38
N LEU D 158 -60.19 7.77 -25.25
CA LEU D 158 -59.78 8.71 -24.20
C LEU D 158 -58.43 8.33 -23.62
N LEU D 159 -58.21 7.03 -23.41
CA LEU D 159 -56.90 6.58 -22.94
C LEU D 159 -55.80 6.95 -23.94
N LEU D 160 -56.06 6.72 -25.23
CA LEU D 160 -55.07 7.04 -26.25
C LEU D 160 -54.81 8.55 -26.33
N ASP D 161 -55.86 9.35 -26.19
CA ASP D 161 -55.69 10.81 -26.20
C ASP D 161 -54.89 11.27 -24.99
N GLN D 162 -55.16 10.69 -23.82
CA GLN D 162 -54.39 11.02 -22.63
C GLN D 162 -52.91 10.67 -22.81
N GLN D 163 -52.65 9.50 -23.39
CA GLN D 163 -51.26 9.11 -23.65
C GLN D 163 -50.60 10.05 -24.65
N LEU D 164 -51.32 10.43 -25.71
CA LEU D 164 -50.77 11.33 -26.71
C LEU D 164 -50.42 12.68 -26.10
N HIS D 165 -51.31 13.21 -25.26
CA HIS D 165 -51.02 14.52 -24.65
C HIS D 165 -49.94 14.41 -23.57
N GLN D 166 -49.84 13.26 -22.91
CA GLN D 166 -48.71 13.03 -22.00
C GLN D 166 -47.39 13.04 -22.77
N LYS D 167 -47.39 12.45 -23.96
CA LYS D 167 -46.19 12.50 -24.82
C LYS D 167 -45.89 13.92 -25.26
N ARG D 168 -46.92 14.68 -25.62
CA ARG D 168 -46.73 16.02 -26.18
C ARG D 168 -46.57 17.10 -25.12
N ILE D 169 -46.72 16.77 -23.84
CA ILE D 169 -46.51 17.75 -22.77
C ILE D 169 -45.06 18.19 -22.65
N SER D 170 -44.12 17.46 -23.27
CA SER D 170 -42.72 17.88 -23.28
C SER D 170 -42.43 18.92 -24.35
N PHE D 171 -43.34 19.11 -25.31
CA PHE D 171 -43.16 20.10 -26.36
C PHE D 171 -44.36 21.03 -26.49
N ILE D 172 -45.29 20.99 -25.53
CA ILE D 172 -46.44 21.89 -25.48
C ILE D 172 -46.05 23.33 -25.77
N GLU D 173 -44.91 23.77 -25.24
CA GLU D 173 -44.46 25.14 -25.49
C GLU D 173 -44.18 25.38 -26.96
N ASN D 174 -43.70 24.36 -27.66
CA ASN D 174 -43.46 24.47 -29.10
C ASN D 174 -44.73 24.27 -29.93
N ASP D 175 -45.84 23.90 -29.29
CA ASP D 175 -47.11 23.72 -29.98
C ASP D 175 -48.10 24.84 -29.69
N LEU D 176 -47.72 25.82 -28.88
CA LEU D 176 -48.63 26.91 -28.55
C LEU D 176 -48.91 27.77 -29.78
N SER D 177 -50.17 28.15 -29.95
CA SER D 177 -50.58 29.01 -31.05
C SER D 177 -51.73 29.88 -30.57
N VAL D 178 -51.46 31.16 -30.37
CA VAL D 178 -52.46 32.08 -29.82
C VAL D 178 -53.45 32.45 -30.92
N GLU D 179 -54.73 32.20 -30.66
CA GLU D 179 -55.78 32.53 -31.61
C GLU D 179 -57.10 32.63 -30.85
N PHE D 180 -58.06 33.32 -31.46
CA PHE D 180 -59.39 33.45 -30.87
C PHE D 180 -60.16 32.15 -31.08
N ILE D 181 -60.75 31.64 -30.00
CA ILE D 181 -61.46 30.37 -30.00
C ILE D 181 -62.90 30.61 -29.56
N GLN D 182 -63.84 30.06 -30.33
CA GLN D 182 -65.25 30.10 -29.96
C GLN D 182 -65.53 28.95 -29.00
N LEU D 183 -65.87 29.29 -27.76
CA LEU D 183 -66.03 28.26 -26.72
C LEU D 183 -67.23 27.37 -26.98
N GLN D 184 -68.33 27.93 -27.50
CA GLN D 184 -69.55 27.15 -27.68
C GLN D 184 -69.39 25.99 -28.66
N PRO D 185 -68.85 26.17 -29.87
CA PRO D 185 -68.66 25.01 -30.75
C PRO D 185 -67.74 23.95 -30.16
N LEU D 186 -66.67 24.37 -29.47
CA LEU D 186 -65.77 23.40 -28.87
C LEU D 186 -66.47 22.60 -27.78
N ILE D 187 -67.25 23.28 -26.93
CA ILE D 187 -67.97 22.58 -25.87
C ILE D 187 -69.02 21.64 -26.46
N PHE D 188 -69.70 22.08 -27.52
CA PHE D 188 -70.67 21.21 -28.18
C PHE D 188 -70.00 19.98 -28.76
N LYS D 189 -68.83 20.15 -29.38
CA LYS D 189 -68.09 19.01 -29.92
C LYS D 189 -67.67 18.06 -28.82
N GLU D 190 -67.19 18.59 -27.69
CA GLU D 190 -66.81 17.74 -26.57
C GLU D 190 -68.00 16.98 -26.01
N ILE D 191 -69.16 17.64 -25.92
CA ILE D 191 -70.36 16.99 -25.42
C ILE D 191 -70.79 15.88 -26.37
N LYS D 192 -70.78 16.15 -27.68
CA LYS D 192 -71.15 15.13 -28.65
C LYS D 192 -70.15 13.97 -28.67
N ASP D 193 -68.89 14.24 -28.33
CA ASP D 193 -67.91 13.16 -28.24
C ASP D 193 -68.23 12.20 -27.10
N LEU D 194 -68.73 12.73 -25.97
CA LEU D 194 -69.07 11.91 -24.81
C LEU D 194 -70.54 11.50 -24.83
N GLN D 195 -71.13 11.37 -26.01
CA GLN D 195 -72.56 11.05 -26.11
C GLN D 195 -72.86 9.65 -25.60
N SER D 196 -71.97 8.69 -25.89
CA SER D 196 -72.25 7.29 -25.54
C SER D 196 -72.33 7.11 -24.03
N TRP D 197 -71.37 7.68 -23.29
CA TRP D 197 -71.37 7.53 -21.83
C TRP D 197 -72.62 8.14 -21.21
N CYS D 198 -73.00 9.33 -21.67
CA CYS D 198 -74.18 10.00 -21.11
C CYS D 198 -75.46 9.26 -21.48
N ILE D 199 -75.51 8.69 -22.69
CA ILE D 199 -76.67 7.89 -23.08
C ILE D 199 -76.77 6.66 -22.19
N GLN D 200 -75.64 5.99 -21.93
CA GLN D 200 -75.65 4.82 -21.07
C GLN D 200 -76.07 5.18 -19.65
N LYS D 201 -75.55 6.28 -19.12
CA LYS D 201 -75.79 6.66 -17.73
C LYS D 201 -76.92 7.65 -17.55
N GLY D 202 -77.59 8.05 -18.64
CA GLY D 202 -78.67 9.03 -18.52
C GLY D 202 -78.22 10.38 -18.05
N ILE D 203 -77.10 10.88 -18.57
CA ILE D 203 -76.51 12.14 -18.14
C ILE D 203 -76.91 13.23 -19.13
N GLY D 204 -77.49 14.31 -18.61
CA GLY D 204 -77.84 15.46 -19.43
C GLY D 204 -76.84 16.59 -19.29
N PHE D 205 -76.97 17.58 -20.18
CA PHE D 205 -76.10 18.74 -20.19
C PHE D 205 -76.94 20.02 -20.21
N ASP D 206 -76.48 21.00 -19.44
CA ASP D 206 -77.03 22.35 -19.46
C ASP D 206 -75.92 23.30 -19.91
N ILE D 207 -76.19 24.06 -20.97
CA ILE D 207 -75.19 24.96 -21.56
C ILE D 207 -75.69 26.38 -21.42
N GLN D 208 -75.01 27.17 -20.60
CA GLN D 208 -75.31 28.60 -20.42
C GLN D 208 -73.96 29.33 -20.40
N LEU D 209 -73.52 29.76 -21.58
CA LEU D 209 -72.21 30.39 -21.76
C LEU D 209 -72.42 31.88 -21.99
N GLU D 210 -72.24 32.67 -20.92
CA GLU D 210 -72.30 34.12 -21.06
C GLU D 210 -71.14 34.65 -21.88
N ALA D 211 -69.95 34.08 -21.71
CA ALA D 211 -68.77 34.44 -22.48
C ALA D 211 -68.60 33.45 -23.63
N LYS D 212 -68.40 33.97 -24.83
CA LYS D 212 -68.31 33.15 -26.03
C LYS D 212 -66.92 33.08 -26.64
N GLU D 213 -66.10 34.11 -26.47
CA GLU D 213 -64.80 34.20 -27.13
C GLU D 213 -63.69 34.25 -26.09
N VAL D 214 -62.64 33.47 -26.32
CA VAL D 214 -61.46 33.43 -25.46
C VAL D 214 -60.22 33.43 -26.34
N LEU D 215 -59.08 33.71 -25.72
CA LEU D 215 -57.78 33.75 -26.40
C LEU D 215 -56.86 32.74 -25.74
N SER D 216 -56.59 31.64 -26.44
CA SER D 216 -55.75 30.56 -25.94
C SER D 216 -55.37 29.67 -27.12
N ASP D 217 -54.77 28.52 -26.82
CA ASP D 217 -54.45 27.53 -27.84
C ASP D 217 -55.56 26.50 -27.94
N ALA D 218 -55.92 26.15 -29.18
CA ALA D 218 -57.09 25.30 -29.39
C ALA D 218 -56.87 23.89 -28.86
N LYS D 219 -55.75 23.26 -29.23
CA LYS D 219 -55.57 21.84 -28.97
C LYS D 219 -55.48 21.55 -27.47
N TRP D 220 -54.62 22.28 -26.76
CA TRP D 220 -54.40 21.98 -25.34
C TRP D 220 -55.62 22.36 -24.50
N LEU D 221 -56.26 23.48 -24.81
CA LEU D 221 -57.48 23.85 -24.10
C LEU D 221 -58.59 22.83 -24.35
N ALA D 222 -58.73 22.36 -25.59
CA ALA D 222 -59.72 21.33 -25.89
C ALA D 222 -59.42 20.04 -25.14
N PHE D 223 -58.13 19.68 -25.06
CA PHE D 223 -57.75 18.49 -24.31
C PHE D 223 -58.10 18.62 -22.83
N ILE D 224 -57.82 19.79 -22.24
CA ILE D 224 -58.13 20.01 -20.83
C ILE D 224 -59.63 19.94 -20.59
N ILE D 225 -60.42 20.58 -21.47
CA ILE D 225 -61.87 20.57 -21.31
C ILE D 225 -62.41 19.16 -21.46
N ARG D 226 -61.89 18.40 -22.43
CA ARG D 226 -62.33 17.03 -22.61
C ARG D 226 -62.01 16.16 -21.40
N GLN D 227 -60.81 16.34 -20.83
CA GLN D 227 -60.45 15.58 -19.64
C GLN D 227 -61.34 15.93 -18.45
N LEU D 228 -61.62 17.22 -18.26
CA LEU D 228 -62.50 17.62 -17.16
C LEU D 228 -63.90 17.05 -17.34
N LEU D 229 -64.43 17.12 -18.56
CA LEU D 229 -65.77 16.56 -18.82
C LEU D 229 -65.78 15.05 -18.63
N THR D 230 -64.72 14.36 -19.06
CA THR D 230 -64.64 12.92 -18.88
C THR D 230 -64.59 12.55 -17.40
N ASN D 231 -63.81 13.28 -16.61
CA ASN D 231 -63.77 13.01 -15.17
C ASN D 231 -65.12 13.27 -14.53
N ALA D 232 -65.79 14.36 -14.93
CA ALA D 232 -67.11 14.66 -14.38
C ALA D 232 -68.11 13.57 -14.73
N VAL D 233 -68.07 13.07 -15.96
CA VAL D 233 -68.98 12.01 -16.37
C VAL D 233 -68.68 10.72 -15.60
N LYS D 234 -67.40 10.37 -15.46
CA LYS D 234 -67.02 9.13 -14.81
C LYS D 234 -67.37 9.15 -13.32
N TYR D 235 -67.22 10.31 -12.67
CA TYR D 235 -67.48 10.41 -11.25
C TYR D 235 -68.93 10.75 -10.92
N SER D 236 -69.80 10.84 -11.93
CA SER D 236 -71.20 11.14 -11.73
C SER D 236 -72.06 10.01 -12.30
N GLU D 237 -73.22 9.79 -11.67
CA GLU D 237 -74.15 8.76 -12.09
C GLU D 237 -75.55 9.35 -12.16
N ALA D 238 -76.13 9.35 -13.37
CA ALA D 238 -77.50 9.85 -13.60
C ALA D 238 -77.67 11.27 -13.08
N SER D 239 -76.73 12.13 -13.42
CA SER D 239 -76.74 13.53 -13.01
C SER D 239 -76.47 14.42 -14.20
N GLU D 240 -76.98 15.65 -14.11
CA GLU D 240 -76.83 16.64 -15.18
C GLU D 240 -75.63 17.52 -14.88
N ILE D 241 -74.75 17.67 -15.87
CA ILE D 241 -73.55 18.49 -15.76
C ILE D 241 -73.86 19.88 -16.31
N GLU D 242 -73.62 20.91 -15.51
CA GLU D 242 -73.87 22.29 -15.90
C GLU D 242 -72.55 23.01 -16.09
N ILE D 243 -72.39 23.64 -17.25
CA ILE D 243 -71.17 24.38 -17.59
C ILE D 243 -71.53 25.86 -17.68
N LYS D 244 -70.85 26.68 -16.89
CA LYS D 244 -71.10 28.12 -16.84
C LYS D 244 -69.81 28.86 -17.14
N SER D 245 -69.88 29.83 -18.05
CA SER D 245 -68.72 30.65 -18.41
C SER D 245 -69.15 32.12 -18.32
N PHE D 246 -68.58 32.85 -17.37
CA PHE D 246 -68.90 34.26 -17.19
C PHE D 246 -67.61 35.03 -16.99
N GLN D 247 -67.64 36.31 -17.35
CA GLN D 247 -66.48 37.19 -17.27
C GLN D 247 -66.46 37.89 -15.92
N LYS D 248 -65.42 37.63 -15.13
CA LYS D 248 -65.24 38.25 -13.82
C LYS D 248 -64.08 39.25 -13.95
N GLY D 249 -64.41 40.53 -13.97
CA GLY D 249 -63.38 41.54 -14.14
C GLY D 249 -62.72 41.44 -15.50
N GLU D 250 -61.39 41.41 -15.51
CA GLU D 250 -60.61 41.33 -16.74
C GLU D 250 -60.22 39.90 -17.10
N GLN D 251 -60.65 38.90 -16.32
CA GLN D 251 -60.27 37.51 -16.54
C GLN D 251 -61.52 36.67 -16.78
N THR D 252 -61.43 35.76 -17.75
CA THR D 252 -62.55 34.88 -18.09
C THR D 252 -62.54 33.66 -17.17
N GLN D 253 -63.69 33.34 -16.59
CA GLN D 253 -63.84 32.20 -15.71
C GLN D 253 -64.79 31.19 -16.34
N LEU D 254 -64.32 29.95 -16.49
CA LEU D 254 -65.13 28.86 -17.02
C LEU D 254 -65.34 27.84 -15.91
N GLN D 255 -66.60 27.52 -15.63
CA GLN D 255 -66.97 26.66 -14.51
C GLN D 255 -67.52 25.34 -15.03
N VAL D 256 -67.01 24.24 -14.48
CA VAL D 256 -67.51 22.89 -14.78
C VAL D 256 -68.01 22.30 -13.47
N LYS D 257 -69.31 21.98 -13.43
CA LYS D 257 -69.95 21.50 -12.22
C LYS D 257 -70.78 20.26 -12.53
N ASP D 258 -70.68 19.24 -11.69
CA ASP D 258 -71.45 18.02 -11.83
C ASP D 258 -72.08 17.67 -10.49
N CYS D 259 -73.14 16.86 -10.55
CA CYS D 259 -73.89 16.43 -9.37
C CYS D 259 -73.56 15.01 -8.96
N GLY D 260 -72.29 14.61 -9.10
CA GLY D 260 -71.85 13.28 -8.77
C GLY D 260 -71.52 13.12 -7.29
N ARG D 261 -70.68 12.12 -7.00
CA ARG D 261 -70.31 11.83 -5.63
C ARG D 261 -69.40 12.90 -5.04
N GLY D 262 -68.78 13.73 -5.87
CA GLY D 262 -67.89 14.76 -5.38
C GLY D 262 -66.51 14.24 -5.05
N ILE D 263 -65.71 15.10 -4.42
CA ILE D 263 -64.35 14.79 -4.00
C ILE D 263 -64.23 15.10 -2.51
N ASP D 264 -63.64 14.17 -1.76
CA ASP D 264 -63.45 14.37 -0.34
C ASP D 264 -62.55 15.59 -0.09
N PRO D 265 -62.89 16.42 0.89
CA PRO D 265 -62.06 17.62 1.14
C PRO D 265 -60.60 17.30 1.43
N LYS D 266 -60.33 16.19 2.14
CA LYS D 266 -58.95 15.80 2.39
C LYS D 266 -58.23 15.43 1.10
N ASP D 267 -58.95 14.87 0.13
CA ASP D 267 -58.38 14.50 -1.15
C ASP D 267 -58.45 15.62 -2.19
N VAL D 268 -59.09 16.75 -1.86
CA VAL D 268 -59.18 17.85 -2.82
C VAL D 268 -57.80 18.40 -3.20
N PRO D 269 -56.90 18.71 -2.26
CA PRO D 269 -55.58 19.22 -2.67
C PRO D 269 -54.74 18.21 -3.43
N ARG D 270 -55.04 16.92 -3.33
CA ARG D 270 -54.18 15.87 -3.88
C ARG D 270 -54.66 15.33 -5.22
N ILE D 271 -55.75 15.87 -5.77
CA ILE D 271 -56.22 15.40 -7.06
C ILE D 271 -55.24 15.75 -8.17
N PHE D 272 -54.59 16.92 -8.06
CA PHE D 272 -53.68 17.39 -9.10
C PHE D 272 -52.39 16.59 -9.18
N ASP D 273 -52.06 15.80 -8.16
CA ASP D 273 -50.83 15.03 -8.17
C ASP D 273 -50.90 13.92 -9.22
N LYS D 274 -49.75 13.56 -9.76
CA LYS D 274 -49.68 12.56 -10.81
C LYS D 274 -50.05 11.19 -10.26
N GLY D 275 -50.93 10.50 -10.96
CA GLY D 275 -51.29 9.13 -10.61
C GLY D 275 -52.17 8.99 -9.39
N PHE D 276 -52.79 10.07 -8.92
CA PHE D 276 -53.65 9.99 -7.74
C PHE D 276 -54.94 9.25 -8.09
N THR D 277 -55.29 8.26 -7.26
CA THR D 277 -56.50 7.49 -7.42
C THR D 277 -57.26 7.45 -6.10
N SER D 278 -58.57 7.72 -6.17
CA SER D 278 -59.39 7.71 -4.97
C SER D 278 -59.54 6.29 -4.44
N THR D 279 -59.32 6.12 -3.14
CA THR D 279 -59.41 4.82 -2.50
C THR D 279 -60.80 4.53 -1.96
N THR D 280 -61.75 5.45 -2.13
CA THR D 280 -63.11 5.23 -1.62
C THR D 280 -63.77 4.03 -2.28
N ASP D 281 -63.62 3.90 -3.60
CA ASP D 281 -64.23 2.81 -4.35
C ASP D 281 -63.17 2.09 -5.17
N HIS D 282 -63.27 0.76 -5.23
CA HIS D 282 -62.33 -0.05 -5.99
C HIS D 282 -62.49 0.13 -7.50
N HIS D 283 -63.59 0.74 -7.95
CA HIS D 283 -63.78 0.97 -9.38
C HIS D 283 -62.79 1.99 -9.94
N ASP D 284 -62.13 2.76 -9.07
CA ASP D 284 -61.16 3.75 -9.50
C ASP D 284 -59.77 3.19 -9.73
N GLN D 285 -59.56 1.89 -9.45
CA GLN D 285 -58.24 1.30 -9.67
C GLN D 285 -57.87 1.30 -11.15
N ALA D 286 -58.83 0.98 -12.01
CA ALA D 286 -58.58 0.99 -13.45
C ALA D 286 -58.29 2.38 -13.99
N SER D 287 -58.75 3.42 -13.29
CA SER D 287 -58.50 4.78 -13.73
C SER D 287 -57.03 5.16 -13.50
N THR D 288 -56.41 5.74 -14.52
CA THR D 288 -55.02 6.17 -14.39
C THR D 288 -54.88 7.30 -13.37
N GLY D 289 -55.83 8.23 -13.35
CA GLY D 289 -55.76 9.35 -12.44
C GLY D 289 -54.73 10.39 -12.81
N MET D 290 -54.33 10.45 -14.08
CA MET D 290 -53.33 11.42 -14.54
C MET D 290 -53.92 12.53 -15.39
N GLY D 291 -55.22 12.48 -15.72
CA GLY D 291 -55.80 13.51 -16.54
C GLY D 291 -55.78 14.88 -15.87
N LEU D 292 -56.10 14.92 -14.57
CA LEU D 292 -56.07 16.18 -13.85
C LEU D 292 -54.67 16.75 -13.80
N TYR D 293 -53.67 15.90 -13.56
CA TYR D 293 -52.28 16.37 -13.54
C TYR D 293 -51.86 16.91 -14.89
N LEU D 294 -52.22 16.21 -15.97
CA LEU D 294 -51.89 16.69 -17.31
C LEU D 294 -52.57 18.02 -17.61
N ALA D 295 -53.84 18.16 -17.23
CA ALA D 295 -54.55 19.41 -17.46
C ALA D 295 -53.92 20.56 -16.68
N LYS D 296 -53.57 20.32 -15.41
CA LYS D 296 -52.94 21.36 -14.62
C LYS D 296 -51.59 21.75 -15.19
N LYS D 297 -50.78 20.77 -15.61
CA LYS D 297 -49.48 21.08 -16.17
C LYS D 297 -49.59 21.81 -17.50
N ALA D 298 -50.62 21.50 -18.30
CA ALA D 298 -50.85 22.22 -19.54
C ALA D 298 -51.43 23.61 -19.33
N ALA D 299 -52.08 23.85 -18.18
CA ALA D 299 -52.65 25.17 -17.93
C ALA D 299 -51.58 26.20 -17.58
N ALA D 300 -50.46 25.75 -17.01
CA ALA D 300 -49.42 26.70 -16.61
C ALA D 300 -48.84 27.50 -17.76
N PRO D 301 -48.41 26.89 -18.89
CA PRO D 301 -47.95 27.72 -20.02
C PRO D 301 -49.05 28.56 -20.64
N LEU D 302 -50.31 28.19 -20.45
CA LEU D 302 -51.43 28.96 -20.95
C LEU D 302 -51.86 30.08 -20.01
N LEU D 303 -51.18 30.22 -18.86
CA LEU D 303 -51.50 31.26 -17.87
C LEU D 303 -52.95 31.17 -17.41
N ILE D 304 -53.45 29.94 -17.29
CA ILE D 304 -54.83 29.69 -16.89
C ILE D 304 -54.82 29.13 -15.47
N HIS D 305 -55.59 29.75 -14.59
CA HIS D 305 -55.69 29.29 -13.21
C HIS D 305 -56.84 28.30 -13.07
N ILE D 306 -56.56 27.17 -12.42
CA ILE D 306 -57.55 26.12 -12.22
C ILE D 306 -57.98 26.13 -10.76
N ASP D 307 -59.28 26.29 -10.53
CA ASP D 307 -59.85 26.33 -9.20
C ASP D 307 -60.71 25.11 -8.96
N VAL D 308 -60.70 24.61 -7.72
CA VAL D 308 -61.46 23.44 -7.33
C VAL D 308 -62.32 23.79 -6.13
N GLU D 309 -63.60 23.43 -6.19
CA GLU D 309 -64.54 23.62 -5.09
C GLU D 309 -65.45 22.40 -5.04
N SER D 310 -65.21 21.52 -4.07
CA SER D 310 -65.92 20.24 -3.99
C SER D 310 -66.53 20.06 -2.61
N GLU D 311 -67.65 19.34 -2.59
CA GLU D 311 -68.32 18.97 -1.35
C GLU D 311 -68.63 17.49 -1.38
N PHE D 312 -68.40 16.81 -0.26
CA PHE D 312 -68.62 15.38 -0.19
C PHE D 312 -70.11 15.08 -0.16
N GLY D 313 -70.57 14.31 -1.14
CA GLY D 313 -71.98 13.98 -1.25
C GLY D 313 -72.82 14.94 -2.06
N ALA D 314 -72.23 16.05 -2.52
CA ALA D 314 -72.96 17.04 -3.31
C ALA D 314 -72.41 17.13 -4.73
N GLY D 315 -71.12 17.38 -4.90
CA GLY D 315 -70.54 17.46 -6.22
C GLY D 315 -69.22 18.21 -6.18
N THR D 316 -68.62 18.32 -7.36
CA THR D 316 -67.35 19.01 -7.54
C THR D 316 -67.53 20.10 -8.59
N VAL D 317 -66.94 21.26 -8.32
CA VAL D 317 -66.98 22.41 -9.22
C VAL D 317 -65.56 22.68 -9.69
N PHE D 318 -65.34 22.62 -11.00
CA PHE D 318 -64.05 22.90 -11.60
C PHE D 318 -64.12 24.24 -12.31
N THR D 319 -63.27 25.18 -11.90
CA THR D 319 -63.26 26.53 -12.44
C THR D 319 -61.91 26.81 -13.10
N LEU D 320 -61.96 27.31 -14.32
CA LEU D 320 -60.76 27.69 -15.07
C LEU D 320 -60.76 29.19 -15.28
N THR D 321 -59.70 29.86 -14.82
CA THR D 321 -59.59 31.31 -14.91
C THR D 321 -58.65 31.65 -16.07
N PHE D 322 -59.24 32.10 -17.18
CA PHE D 322 -58.44 32.47 -18.34
C PHE D 322 -57.73 33.81 -18.10
N PRO D 323 -56.53 33.97 -18.65
CA PRO D 323 -55.80 35.22 -18.46
C PRO D 323 -56.33 36.34 -19.36
N ILE D 324 -55.86 37.55 -19.07
CA ILE D 324 -56.28 38.72 -19.84
C ILE D 324 -55.59 38.71 -21.20
N ARG D 325 -56.22 39.39 -22.17
CA ARG D 325 -55.66 39.45 -23.52
C ARG D 325 -54.31 40.17 -23.52
N ASN D 326 -54.20 41.25 -22.76
CA ASN D 326 -52.96 42.01 -22.72
C ASN D 326 -51.80 41.22 -22.12
N GLN D 327 -52.09 40.16 -21.36
CA GLN D 327 -51.03 39.34 -20.79
C GLN D 327 -50.36 38.45 -21.83
N PHE D 328 -51.02 38.21 -22.97
CA PHE D 328 -50.40 37.46 -24.05
C PHE D 328 -49.46 38.30 -24.90
N GLU D 329 -49.48 39.63 -24.74
CA GLU D 329 -48.64 40.49 -25.55
C GLU D 329 -47.15 40.22 -25.29
N HIS D 330 -46.78 40.01 -24.04
CA HIS D 330 -45.38 39.78 -23.70
C HIS D 330 -44.92 38.39 -24.14
N VAL D 331 -45.84 37.43 -24.23
CA VAL D 331 -45.46 36.08 -24.62
C VAL D 331 -45.39 35.95 -26.13
N ILE D 332 -46.33 36.56 -26.86
CA ILE D 332 -46.34 36.45 -28.31
C ILE D 332 -45.12 37.12 -28.91
N SER D 333 -44.75 38.30 -28.40
CA SER D 333 -43.62 39.04 -28.96
C SER D 333 -42.31 38.26 -28.80
N VAL D 334 -42.11 37.64 -27.64
CA VAL D 334 -40.90 36.87 -27.41
C VAL D 334 -40.98 35.52 -28.12
N MET E 1 11.97 14.00 -21.50
CA MET E 1 11.42 15.18 -20.84
C MET E 1 12.54 16.08 -20.33
N ILE E 2 13.70 16.02 -20.99
CA ILE E 2 14.81 16.89 -20.61
C ILE E 2 14.44 18.35 -20.85
N LYS E 3 13.96 18.66 -22.05
CA LYS E 3 13.65 20.04 -22.40
C LYS E 3 12.47 20.57 -21.57
N ALA E 4 11.45 19.74 -21.39
CA ALA E 4 10.29 20.17 -20.59
C ALA E 4 10.69 20.46 -19.16
N PHE E 5 11.51 19.59 -18.56
CA PHE E 5 11.93 19.84 -17.19
C PHE E 5 12.80 21.08 -17.10
N LEU E 6 13.70 21.28 -18.07
CA LEU E 6 14.57 22.46 -18.04
C LEU E 6 13.77 23.74 -18.18
N ILE E 7 12.76 23.75 -19.06
CA ILE E 7 11.91 24.95 -19.19
C ILE E 7 11.09 25.15 -17.93
N GLU E 8 10.63 24.06 -17.30
CA GLU E 8 9.87 24.17 -16.07
C GLU E 8 10.66 24.87 -14.99
N ARG E 9 11.90 24.46 -14.77
CA ARG E 9 12.78 25.05 -13.76
C ARG E 9 13.94 25.72 -14.49
N ARG E 10 13.74 26.98 -14.88
CA ARG E 10 14.81 27.80 -15.45
C ARG E 10 15.04 29.06 -14.65
N SER E 11 14.44 29.18 -13.47
CA SER E 11 14.65 30.32 -12.58
C SER E 11 15.58 30.01 -11.42
N TRP E 12 15.41 28.84 -10.79
CA TRP E 12 16.32 28.44 -9.72
C TRP E 12 17.73 28.23 -10.25
N ILE E 13 17.85 27.60 -11.43
CA ILE E 13 19.15 27.39 -12.06
C ILE E 13 19.82 28.73 -12.33
N ALA E 14 19.06 29.69 -12.86
CA ALA E 14 19.60 31.02 -13.10
C ALA E 14 20.02 31.69 -11.81
N ALA E 15 19.26 31.47 -10.73
CA ALA E 15 19.65 32.03 -9.43
C ALA E 15 21.01 31.52 -8.99
N PHE E 16 21.21 30.19 -9.03
CA PHE E 16 22.49 29.64 -8.58
C PHE E 16 23.64 30.10 -9.47
N LEU E 17 23.42 30.10 -10.79
CA LEU E 17 24.47 30.51 -11.70
C LEU E 17 24.81 31.99 -11.52
N PHE E 18 23.82 32.83 -11.24
CA PHE E 18 24.09 34.22 -10.95
C PHE E 18 24.90 34.37 -9.66
N GLN E 19 24.60 33.55 -8.65
CA GLN E 19 25.40 33.52 -7.44
C GLN E 19 26.88 33.31 -7.77
N GLN E 20 27.17 32.25 -8.52
CA GLN E 20 28.56 31.93 -8.78
C GLN E 20 29.21 32.93 -9.74
N ALA E 21 28.43 33.50 -10.67
CA ALA E 21 28.98 34.53 -11.55
C ALA E 21 29.36 35.78 -10.76
N LEU E 22 28.53 36.18 -9.79
CA LEU E 22 28.90 37.30 -8.94
C LEU E 22 30.16 36.98 -8.14
N MET E 23 30.25 35.76 -7.62
CA MET E 23 31.45 35.38 -6.88
C MET E 23 32.70 35.51 -7.74
N LEU E 24 32.63 35.06 -9.00
CA LEU E 24 33.77 35.24 -9.89
C LEU E 24 34.04 36.70 -10.20
N PHE E 25 32.98 37.50 -10.38
CA PHE E 25 33.18 38.88 -10.81
C PHE E 25 33.76 39.76 -9.72
N ILE E 26 33.56 39.41 -8.45
CA ILE E 26 34.11 40.24 -7.37
C ILE E 26 35.59 39.88 -7.17
N ALA E 27 36.15 39.06 -8.06
CA ALA E 27 37.56 38.75 -8.01
C ALA E 27 38.43 39.72 -8.79
N PHE E 28 37.83 40.54 -9.66
CA PHE E 28 38.58 41.49 -10.47
C PHE E 28 38.64 42.89 -9.87
N VAL E 29 37.92 43.16 -8.79
CA VAL E 29 37.88 44.48 -8.19
C VAL E 29 38.40 44.50 -6.75
N ASP E 30 38.81 43.36 -6.22
CA ASP E 30 39.29 43.27 -4.84
C ASP E 30 40.68 42.65 -4.86
N PRO E 31 41.73 43.40 -4.52
CA PRO E 31 43.08 42.83 -4.54
C PRO E 31 43.37 41.88 -3.39
N SER E 32 42.48 41.79 -2.40
CA SER E 32 42.68 40.89 -1.27
C SER E 32 42.13 39.50 -1.51
N ILE E 33 41.61 39.23 -2.70
CA ILE E 33 41.04 37.94 -3.06
C ILE E 33 41.67 37.47 -4.36
N SER E 34 42.21 36.26 -4.37
CA SER E 34 42.89 35.73 -5.55
C SER E 34 41.88 35.20 -6.56
N PHE E 35 42.39 34.61 -7.63
CA PHE E 35 41.56 34.10 -8.72
C PHE E 35 41.53 32.58 -8.80
N GLY E 36 42.66 31.90 -8.63
CA GLY E 36 42.69 30.45 -8.70
C GLY E 36 41.85 29.80 -7.61
N ASN E 37 41.94 30.31 -6.39
CA ASN E 37 41.15 29.74 -5.30
C ASN E 37 39.66 29.93 -5.53
N VAL E 38 39.26 31.10 -6.04
CA VAL E 38 37.85 31.34 -6.35
C VAL E 38 37.39 30.41 -7.46
N LEU E 39 38.25 30.18 -8.45
CA LEU E 39 37.91 29.20 -9.49
C LEU E 39 37.71 27.82 -8.88
N TYR E 40 38.54 27.45 -7.90
CA TYR E 40 38.38 26.17 -7.22
C TYR E 40 37.02 26.07 -6.52
N MET E 41 36.65 27.12 -5.80
CA MET E 41 35.35 27.14 -5.12
C MET E 41 34.22 26.96 -6.11
N VAL E 42 34.18 27.80 -7.13
CA VAL E 42 33.12 27.68 -8.16
C VAL E 42 33.14 26.25 -8.72
N TYR E 43 34.32 25.63 -8.93
CA TYR E 43 34.42 24.24 -9.48
C TYR E 43 33.77 23.22 -8.55
N LEU E 44 33.97 23.34 -7.23
CA LEU E 44 33.37 22.38 -6.25
C LEU E 44 31.88 22.72 -6.04
N CYS E 45 31.38 23.88 -6.46
CA CYS E 45 29.95 24.16 -6.41
C CYS E 45 29.24 23.69 -7.68
N ILE E 46 29.87 23.88 -8.84
CA ILE E 46 29.30 23.38 -10.09
C ILE E 46 29.12 21.87 -10.04
N LEU E 47 30.13 21.16 -9.56
CA LEU E 47 30.03 19.70 -9.53
C LEU E 47 28.87 19.25 -8.65
N PHE E 48 28.78 19.81 -7.45
CA PHE E 48 27.69 19.43 -6.55
C PHE E 48 26.33 19.76 -7.15
N PHE E 49 26.19 20.94 -7.74
CA PHE E 49 24.92 21.35 -8.30
C PHE E 49 24.50 20.45 -9.46
N ILE E 50 25.45 20.05 -10.30
CA ILE E 50 25.11 19.19 -11.44
C ILE E 50 24.58 17.84 -10.95
N ILE E 51 25.28 17.24 -9.98
CA ILE E 51 24.81 15.95 -9.48
C ILE E 51 23.41 16.09 -8.86
N PHE E 52 23.20 17.15 -8.08
CA PHE E 52 21.90 17.34 -7.44
C PHE E 52 20.81 17.53 -8.47
N LEU E 53 21.07 18.29 -9.54
CA LEU E 53 20.08 18.47 -10.59
C LEU E 53 19.71 17.14 -11.23
N TRP E 54 20.70 16.30 -11.54
CA TRP E 54 20.38 15.03 -12.16
C TRP E 54 19.49 14.18 -11.28
N PHE E 55 19.82 14.11 -9.98
CA PHE E 55 19.00 13.30 -9.07
C PHE E 55 17.59 13.84 -8.97
N ARG E 56 17.44 15.16 -8.87
CA ARG E 56 16.12 15.75 -8.71
C ARG E 56 15.28 15.57 -9.99
N TYR E 57 15.91 15.67 -11.15
CA TYR E 57 15.27 15.28 -12.40
C TYR E 57 14.69 13.88 -12.34
N ARG E 58 15.54 12.90 -12.09
CA ARG E 58 15.06 11.54 -12.20
C ARG E 58 14.03 11.20 -11.13
N LYS E 59 14.04 11.90 -10.00
CA LYS E 59 12.96 11.70 -9.05
C LYS E 59 11.66 12.34 -9.51
N GLU E 60 11.71 13.59 -10.00
CA GLU E 60 10.51 14.39 -10.17
C GLU E 60 9.79 14.21 -11.50
N THR E 61 10.48 13.76 -12.56
CA THR E 61 9.80 13.61 -13.84
C THR E 61 9.24 12.19 -14.00
N ALA E 62 8.33 11.84 -13.10
CA ALA E 62 7.65 10.55 -13.14
C ALA E 62 6.14 10.69 -13.20
N PHE E 63 5.54 11.50 -12.33
CA PHE E 63 4.09 11.63 -12.28
C PHE E 63 3.54 12.26 -13.57
N TYR E 64 4.22 13.27 -14.10
CA TYR E 64 3.76 13.92 -15.31
C TYR E 64 4.03 13.08 -16.56
N LYS E 65 4.80 12.00 -16.44
CA LYS E 65 4.86 11.01 -17.51
C LYS E 65 3.79 9.94 -17.34
N SER E 66 3.45 9.59 -16.10
CA SER E 66 2.31 8.70 -15.86
C SER E 66 1.02 9.31 -16.38
N LEU E 67 0.88 10.62 -16.22
CA LEU E 67 -0.31 11.31 -16.73
C LEU E 67 -0.45 11.13 -18.23
N LYS E 68 0.65 11.30 -18.96
CA LYS E 68 0.61 11.07 -20.41
C LYS E 68 0.42 9.59 -20.73
N THR E 69 0.90 8.71 -19.84
CA THR E 69 0.67 7.28 -20.04
C THR E 69 -0.81 6.94 -20.00
N TRP E 70 -1.55 7.57 -19.09
CA TRP E 70 -2.96 7.23 -18.88
C TRP E 70 -3.89 7.83 -19.92
N GLU E 71 -3.43 8.82 -20.70
CA GLU E 71 -4.34 9.76 -21.35
C GLU E 71 -5.32 9.07 -22.32
N ASN E 72 -4.83 8.19 -23.17
CA ASN E 72 -5.76 7.71 -24.21
C ASN E 72 -5.84 6.19 -24.33
N ASN E 73 -4.71 5.49 -24.21
CA ASN E 73 -4.67 4.08 -24.57
C ASN E 73 -5.54 3.19 -23.69
N LEU E 74 -5.17 3.07 -22.42
CA LEU E 74 -5.79 2.11 -21.50
C LEU E 74 -5.28 2.45 -20.10
N ASP E 75 -5.51 1.55 -19.15
CA ASP E 75 -4.94 1.63 -17.80
C ASP E 75 -5.41 2.89 -17.08
N VAL E 76 -6.72 2.90 -16.78
CA VAL E 76 -7.32 3.97 -15.99
C VAL E 76 -6.56 4.19 -14.68
N THR E 77 -5.93 3.13 -14.16
CA THR E 77 -5.13 3.20 -12.95
C THR E 77 -3.64 3.39 -13.23
N ALA E 78 -3.29 4.01 -14.36
CA ALA E 78 -1.87 4.18 -14.69
C ALA E 78 -1.19 5.21 -13.81
N ILE E 79 -1.93 6.25 -13.38
CA ILE E 79 -1.31 7.36 -12.67
C ILE E 79 -0.73 6.87 -11.36
N ASN E 80 0.51 7.28 -11.07
CA ASN E 80 1.16 6.89 -9.83
C ASN E 80 0.56 7.63 -8.65
N GLU E 81 0.60 6.99 -7.49
CA GLU E 81 0.08 7.63 -6.29
C GLU E 81 0.91 8.87 -5.95
N PRO E 82 0.28 9.96 -5.54
CA PRO E 82 1.03 11.18 -5.27
C PRO E 82 1.94 11.03 -4.07
N GLU E 83 3.06 11.72 -4.12
CA GLU E 83 4.00 11.80 -3.00
C GLU E 83 4.16 13.22 -2.46
N THR E 84 4.23 14.23 -3.34
CA THR E 84 4.22 15.65 -2.99
C THR E 84 2.79 16.15 -2.86
N PRO E 85 2.55 17.19 -2.06
CA PRO E 85 1.18 17.71 -1.95
C PRO E 85 0.58 18.20 -3.26
N PHE E 86 1.39 18.74 -4.17
CA PHE E 86 0.85 19.34 -5.38
C PHE E 86 0.17 18.32 -6.27
N GLU E 87 0.76 17.14 -6.43
CA GLU E 87 0.16 16.12 -7.30
C GLU E 87 -1.09 15.52 -6.68
N ALA E 88 -1.21 15.57 -5.36
CA ALA E 88 -2.38 15.00 -4.69
C ALA E 88 -3.66 15.70 -5.14
N MET E 89 -3.61 17.02 -5.30
CA MET E 89 -4.80 17.76 -5.69
C MET E 89 -5.18 17.47 -7.13
N VAL E 90 -4.20 17.31 -8.02
CA VAL E 90 -4.50 16.92 -9.41
C VAL E 90 -5.16 15.55 -9.44
N GLU E 91 -4.63 14.60 -8.68
CA GLU E 91 -5.22 13.27 -8.62
C GLU E 91 -6.65 13.33 -8.07
N ARG E 92 -6.85 14.16 -7.03
CA ARG E 92 -8.19 14.31 -6.45
C ARG E 92 -9.17 14.88 -7.48
N SER E 93 -8.73 15.88 -8.25
CA SER E 93 -9.61 16.45 -9.27
C SER E 93 -9.98 15.43 -10.33
N ILE E 94 -9.00 14.65 -10.80
CA ILE E 94 -9.30 13.64 -11.82
C ILE E 94 -10.27 12.59 -11.28
N ALA E 95 -10.03 12.12 -10.05
CA ALA E 95 -10.92 11.13 -9.46
C ALA E 95 -12.32 11.70 -9.26
N GLY E 96 -12.42 12.98 -8.87
CA GLY E 96 -13.72 13.60 -8.72
C GLY E 96 -14.49 13.68 -10.03
N GLN E 97 -13.80 14.04 -11.11
CA GLN E 97 -14.46 14.05 -12.42
C GLN E 97 -14.92 12.66 -12.81
N THR E 98 -14.09 11.64 -12.55
CA THR E 98 -14.47 10.28 -12.89
C THR E 98 -15.69 9.82 -12.11
N GLU E 99 -15.74 10.12 -10.81
CA GLU E 99 -16.90 9.71 -10.02
C GLU E 99 -18.14 10.51 -10.39
N HIS E 100 -17.96 11.76 -10.82
CA HIS E 100 -19.10 12.51 -11.36
C HIS E 100 -19.66 11.84 -12.61
N LEU E 101 -18.77 11.38 -13.50
CA LEU E 101 -19.22 10.65 -14.68
C LEU E 101 -19.96 9.37 -14.28
N LYS E 102 -19.44 8.65 -13.28
CA LYS E 102 -20.12 7.44 -12.81
C LYS E 102 -21.50 7.75 -12.26
N GLN E 103 -21.62 8.84 -11.50
CA GLN E 103 -22.92 9.24 -10.97
C GLN E 103 -23.90 9.58 -12.09
N THR E 104 -23.41 10.27 -13.13
CA THR E 104 -24.28 10.56 -14.27
C THR E 104 -24.73 9.27 -14.95
N ALA E 105 -23.82 8.30 -15.08
CA ALA E 105 -24.20 7.01 -15.67
C ALA E 105 -25.28 6.33 -14.83
N ALA E 106 -25.14 6.36 -13.50
CA ALA E 106 -26.15 5.76 -12.64
C ALA E 106 -27.50 6.46 -12.79
N ARG E 107 -27.49 7.80 -12.87
CA ARG E 107 -28.73 8.53 -13.06
C ARG E 107 -29.39 8.18 -14.39
N HIS E 108 -28.58 8.03 -15.45
CA HIS E 108 -29.12 7.62 -16.74
C HIS E 108 -29.73 6.22 -16.66
N ARG E 109 -29.08 5.31 -15.94
CA ARG E 109 -29.64 3.98 -15.73
C ARG E 109 -30.98 4.06 -15.02
N LEU E 110 -31.08 4.89 -13.98
CA LEU E 110 -32.34 5.03 -13.26
C LEU E 110 -33.44 5.59 -14.18
N ALA E 111 -33.09 6.57 -15.01
CA ALA E 111 -34.07 7.13 -15.95
C ALA E 111 -34.53 6.07 -16.95
N LEU E 112 -33.61 5.25 -17.45
CA LEU E 112 -33.97 4.16 -18.35
C LEU E 112 -34.89 3.17 -17.67
N GLU E 113 -34.61 2.83 -16.41
CA GLU E 113 -35.48 1.92 -15.67
C GLU E 113 -36.89 2.50 -15.53
N ASN E 114 -36.98 3.79 -15.21
CA ASN E 114 -38.29 4.42 -15.07
C ASN E 114 -39.05 4.43 -16.39
N GLU E 115 -38.36 4.73 -17.49
CA GLU E 115 -39.01 4.72 -18.80
C GLU E 115 -39.50 3.32 -19.16
N LYS E 116 -38.69 2.30 -18.89
CA LYS E 116 -39.10 0.93 -19.18
C LYS E 116 -40.29 0.51 -18.32
N ASP E 117 -40.30 0.92 -17.05
CA ASP E 117 -41.43 0.61 -16.18
C ASP E 117 -42.71 1.26 -16.71
N GLU E 118 -42.63 2.52 -17.14
CA GLU E 118 -43.79 3.15 -17.77
C GLU E 118 -44.20 2.42 -19.05
N LEU E 119 -43.22 1.87 -19.77
CA LEU E 119 -43.53 1.10 -20.97
C LEU E 119 -44.35 -0.13 -20.64
N MET E 120 -43.94 -0.89 -19.62
CA MET E 120 -44.77 -2.04 -19.22
C MET E 120 -46.12 -1.59 -18.66
N ALA E 121 -46.18 -0.44 -18.00
CA ALA E 121 -47.47 0.06 -17.52
C ALA E 121 -48.42 0.29 -18.68
N TRP E 122 -47.94 0.95 -19.74
CA TRP E 122 -48.75 1.13 -20.93
C TRP E 122 -49.10 -0.20 -21.57
N ILE E 123 -48.16 -1.15 -21.57
CA ILE E 123 -48.40 -2.45 -22.19
C ILE E 123 -49.56 -3.15 -21.49
N HIS E 124 -49.58 -3.13 -20.16
CA HIS E 124 -50.69 -3.77 -19.45
C HIS E 124 -51.99 -3.00 -19.59
N GLU E 125 -51.92 -1.66 -19.57
CA GLU E 125 -53.11 -0.83 -19.75
C GLU E 125 -53.67 -0.94 -21.16
N VAL E 126 -52.92 -1.51 -22.10
CA VAL E 126 -53.43 -1.76 -23.45
C VAL E 126 -53.87 -3.21 -23.57
N LYS E 127 -53.19 -4.11 -22.84
CA LYS E 127 -53.52 -5.52 -22.95
C LYS E 127 -54.83 -5.87 -22.23
N THR E 128 -55.21 -5.10 -21.22
CA THR E 128 -56.53 -5.35 -20.63
C THR E 128 -57.66 -5.04 -21.63
N PRO E 129 -57.61 -3.90 -22.35
CA PRO E 129 -58.68 -3.62 -23.33
C PRO E 129 -58.86 -4.70 -24.39
N LEU E 130 -57.80 -5.36 -24.84
CA LEU E 130 -57.99 -6.38 -25.87
C LEU E 130 -58.80 -7.56 -25.34
N THR E 131 -58.53 -7.98 -24.10
CA THR E 131 -59.32 -9.05 -23.49
C THR E 131 -60.76 -8.61 -23.29
N ALA E 132 -60.96 -7.36 -22.83
CA ALA E 132 -62.33 -6.86 -22.66
C ALA E 132 -63.07 -6.85 -23.99
N MET E 133 -62.40 -6.39 -25.06
CA MET E 133 -63.02 -6.33 -26.37
C MET E 133 -63.35 -7.72 -26.89
N HIS E 134 -62.47 -8.69 -26.67
CA HIS E 134 -62.77 -10.07 -27.08
C HIS E 134 -63.98 -10.61 -26.34
N LEU E 135 -64.05 -10.37 -25.03
CA LEU E 135 -65.19 -10.83 -24.26
C LEU E 135 -66.49 -10.19 -24.75
N ILE E 136 -66.44 -8.90 -25.08
CA ILE E 136 -67.64 -8.23 -25.61
C ILE E 136 -68.00 -8.78 -26.98
N ILE E 137 -66.99 -9.01 -27.83
CA ILE E 137 -67.22 -9.48 -29.19
C ILE E 137 -67.85 -10.87 -29.19
N ASP E 138 -67.48 -11.72 -28.24
CA ASP E 138 -68.04 -13.07 -28.24
C ASP E 138 -69.47 -13.07 -27.70
N ARG E 139 -70.33 -12.21 -28.26
CA ARG E 139 -71.73 -12.17 -27.90
C ARG E 139 -72.66 -11.89 -29.09
N MET E 140 -72.15 -11.81 -30.31
CA MET E 140 -72.92 -11.31 -31.43
C MET E 140 -73.48 -12.46 -32.27
N GLU E 141 -74.21 -12.09 -33.33
CA GLU E 141 -74.99 -13.06 -34.10
C GLU E 141 -74.73 -13.04 -35.60
N GLU E 142 -74.53 -11.87 -36.21
CA GLU E 142 -74.44 -11.79 -37.67
C GLU E 142 -73.10 -12.38 -38.15
N LYS E 143 -73.02 -12.60 -39.46
CA LYS E 143 -71.90 -13.33 -40.05
C LYS E 143 -70.79 -12.43 -40.59
N ALA E 144 -71.12 -11.56 -41.55
CA ALA E 144 -70.06 -10.88 -42.32
C ALA E 144 -69.40 -9.77 -41.51
N LEU E 145 -70.21 -8.86 -40.95
CA LEU E 145 -69.66 -7.77 -40.15
C LEU E 145 -68.93 -8.30 -38.92
N LYS E 146 -69.50 -9.32 -38.29
CA LYS E 146 -68.84 -9.92 -37.13
C LYS E 146 -67.55 -10.61 -37.51
N SER E 147 -67.51 -11.24 -38.68
CA SER E 147 -66.27 -11.84 -39.15
C SER E 147 -65.21 -10.78 -39.40
N GLN E 148 -65.61 -9.64 -39.98
CA GLN E 148 -64.66 -8.54 -40.18
C GLN E 148 -64.15 -8.01 -38.84
N LEU E 149 -65.04 -7.84 -37.87
CA LEU E 149 -64.64 -7.38 -36.55
C LEU E 149 -63.68 -8.36 -35.88
N SER E 150 -63.96 -9.67 -36.01
CA SER E 150 -63.07 -10.68 -35.45
C SER E 150 -61.72 -10.66 -36.15
N TYR E 151 -61.70 -10.43 -37.46
CA TYR E 151 -60.45 -10.32 -38.19
C TYR E 151 -59.62 -9.15 -37.67
N GLU E 152 -60.28 -8.00 -37.48
CA GLU E 152 -59.57 -6.83 -36.95
C GLU E 152 -59.05 -7.09 -35.53
N TRP E 153 -59.87 -7.71 -34.70
CA TRP E 153 -59.46 -8.01 -33.33
C TRP E 153 -58.28 -8.97 -33.32
N LEU E 154 -58.31 -10.00 -34.16
CA LEU E 154 -57.19 -10.94 -34.22
C LEU E 154 -55.94 -10.27 -34.75
N ARG E 155 -56.08 -9.37 -35.72
CA ARG E 155 -54.92 -8.65 -36.24
C ARG E 155 -54.27 -7.81 -35.13
N ILE E 156 -55.09 -7.07 -34.38
CA ILE E 156 -54.52 -6.25 -33.31
C ILE E 156 -53.94 -7.12 -32.20
N HIS E 157 -54.61 -8.22 -31.85
CA HIS E 157 -54.09 -9.12 -30.82
C HIS E 157 -52.75 -9.71 -31.22
N LEU E 158 -52.64 -10.14 -32.49
CA LEU E 158 -51.37 -10.67 -32.97
C LEU E 158 -50.29 -9.59 -32.99
N LEU E 159 -50.64 -8.37 -33.40
CA LEU E 159 -49.65 -7.29 -33.43
C LEU E 159 -49.14 -6.99 -32.02
N LEU E 160 -50.05 -6.93 -31.05
CA LEU E 160 -49.63 -6.66 -29.68
C LEU E 160 -48.80 -7.80 -29.11
N ASP E 161 -49.14 -9.04 -29.48
CA ASP E 161 -48.33 -10.18 -29.04
C ASP E 161 -46.93 -10.11 -29.65
N GLN E 162 -46.83 -9.72 -30.93
CA GLN E 162 -45.51 -9.55 -31.55
C GLN E 162 -44.72 -8.47 -30.84
N GLN E 163 -45.37 -7.36 -30.48
CA GLN E 163 -44.67 -6.29 -29.78
C GLN E 163 -44.19 -6.74 -28.41
N LEU E 164 -45.04 -7.46 -27.67
CA LEU E 164 -44.64 -7.94 -26.35
C LEU E 164 -43.49 -8.94 -26.45
N HIS E 165 -43.54 -9.83 -27.46
CA HIS E 165 -42.44 -10.78 -27.64
C HIS E 165 -41.16 -10.08 -28.07
N GLN E 166 -41.27 -9.01 -28.87
CA GLN E 166 -40.09 -8.22 -29.20
C GLN E 166 -39.49 -7.58 -27.95
N LYS E 167 -40.35 -7.09 -27.05
CA LYS E 167 -39.85 -6.56 -25.79
C LYS E 167 -39.19 -7.65 -24.95
N ARG E 168 -39.77 -8.85 -24.94
CA ARG E 168 -39.30 -9.95 -24.11
C ARG E 168 -38.11 -10.70 -24.70
N ILE E 169 -37.76 -10.46 -25.96
CA ILE E 169 -36.60 -11.12 -26.54
C ILE E 169 -35.30 -10.64 -25.91
N SER E 170 -35.34 -9.50 -25.21
CA SER E 170 -34.15 -9.04 -24.50
C SER E 170 -33.93 -9.80 -23.20
N PHE E 171 -35.00 -10.26 -22.55
CA PHE E 171 -34.91 -10.98 -21.30
C PHE E 171 -35.25 -12.46 -21.44
N ILE E 172 -35.37 -12.96 -22.67
CA ILE E 172 -35.56 -14.40 -22.90
C ILE E 172 -34.51 -15.23 -22.18
N GLU E 173 -33.31 -14.67 -21.98
CA GLU E 173 -32.23 -15.42 -21.35
C GLU E 173 -32.60 -15.86 -19.95
N ASN E 174 -33.25 -14.99 -19.17
CA ASN E 174 -33.65 -15.29 -17.81
C ASN E 174 -35.04 -15.92 -17.72
N ASP E 175 -35.73 -16.11 -18.84
CA ASP E 175 -37.09 -16.62 -18.84
C ASP E 175 -37.23 -17.97 -19.54
N LEU E 176 -36.14 -18.58 -20.00
CA LEU E 176 -36.23 -19.84 -20.70
C LEU E 176 -36.64 -20.96 -19.76
N SER E 177 -37.48 -21.87 -20.27
CA SER E 177 -37.92 -23.04 -19.50
C SER E 177 -38.18 -24.16 -20.50
N VAL E 178 -37.30 -25.15 -20.52
CA VAL E 178 -37.36 -26.24 -21.47
C VAL E 178 -38.04 -27.44 -20.83
N GLU E 179 -39.02 -28.01 -21.53
CA GLU E 179 -39.75 -29.17 -21.04
C GLU E 179 -40.36 -29.90 -22.23
N PHE E 180 -40.97 -31.04 -21.94
CA PHE E 180 -41.65 -31.82 -22.98
C PHE E 180 -42.87 -31.07 -23.47
N ILE E 181 -43.03 -31.01 -24.79
CA ILE E 181 -44.15 -30.31 -25.42
C ILE E 181 -44.88 -31.29 -26.32
N GLN E 182 -46.20 -31.34 -26.18
CA GLN E 182 -47.04 -32.13 -27.08
C GLN E 182 -47.45 -31.26 -28.26
N LEU E 183 -47.09 -31.69 -29.47
CA LEU E 183 -47.31 -30.87 -30.66
C LEU E 183 -48.78 -30.69 -30.96
N GLN E 184 -49.60 -31.73 -30.78
CA GLN E 184 -51.00 -31.66 -31.16
C GLN E 184 -51.79 -30.62 -30.38
N PRO E 185 -51.74 -30.57 -29.04
CA PRO E 185 -52.46 -29.50 -28.34
C PRO E 185 -51.98 -28.10 -28.72
N LEU E 186 -50.68 -27.93 -28.94
CA LEU E 186 -50.16 -26.62 -29.35
C LEU E 186 -50.70 -26.22 -30.71
N ILE E 187 -50.72 -27.16 -31.66
CA ILE E 187 -51.24 -26.87 -32.99
C ILE E 187 -52.72 -26.55 -32.93
N PHE E 188 -53.48 -27.30 -32.11
CA PHE E 188 -54.90 -27.01 -31.95
C PHE E 188 -55.12 -25.64 -31.35
N LYS E 189 -54.31 -25.25 -30.36
CA LYS E 189 -54.42 -23.92 -29.78
C LYS E 189 -54.12 -22.84 -30.80
N GLU E 190 -53.08 -23.02 -31.62
CA GLU E 190 -52.76 -22.03 -32.64
C GLU E 190 -53.89 -21.92 -33.67
N ILE E 191 -54.48 -23.07 -34.05
CA ILE E 191 -55.59 -23.05 -35.00
C ILE E 191 -56.78 -22.31 -34.40
N LYS E 192 -57.07 -22.57 -33.12
CA LYS E 192 -58.18 -21.89 -32.46
C LYS E 192 -57.93 -20.39 -32.39
N ASP E 193 -56.69 -19.98 -32.14
CA ASP E 193 -56.38 -18.55 -32.11
C ASP E 193 -56.58 -17.90 -33.47
N LEU E 194 -56.18 -18.59 -34.54
CA LEU E 194 -56.31 -18.08 -35.90
C LEU E 194 -57.57 -18.58 -36.60
N GLN E 195 -58.65 -18.84 -35.85
CA GLN E 195 -59.87 -19.37 -36.45
C GLN E 195 -60.50 -18.38 -37.41
N SER E 196 -60.57 -17.10 -37.03
CA SER E 196 -61.28 -16.12 -37.84
C SER E 196 -60.60 -15.91 -39.18
N TRP E 197 -59.26 -15.82 -39.19
CA TRP E 197 -58.54 -15.63 -40.45
C TRP E 197 -58.77 -16.78 -41.41
N CYS E 198 -58.70 -18.02 -40.90
CA CYS E 198 -58.92 -19.18 -41.75
C CYS E 198 -60.37 -19.26 -42.23
N ILE E 199 -61.33 -18.90 -41.38
CA ILE E 199 -62.73 -18.91 -41.78
C ILE E 199 -62.96 -17.88 -42.89
N GLN E 200 -62.42 -16.67 -42.73
CA GLN E 200 -62.62 -15.64 -43.75
C GLN E 200 -61.91 -15.99 -45.05
N LYS E 201 -60.71 -16.57 -44.97
CA LYS E 201 -59.93 -16.88 -46.16
C LYS E 201 -60.15 -18.28 -46.68
N GLY E 202 -60.99 -19.08 -46.02
CA GLY E 202 -61.29 -20.43 -46.47
C GLY E 202 -60.07 -21.34 -46.48
N ILE E 203 -59.30 -21.31 -45.40
CA ILE E 203 -58.06 -22.07 -45.29
C ILE E 203 -58.23 -23.15 -44.24
N GLY E 204 -57.97 -24.40 -44.61
CA GLY E 204 -58.07 -25.52 -43.71
C GLY E 204 -56.71 -25.92 -43.12
N PHE E 205 -56.76 -26.94 -42.27
CA PHE E 205 -55.57 -27.46 -41.62
C PHE E 205 -55.51 -28.97 -41.80
N ASP E 206 -54.37 -29.47 -42.27
CA ASP E 206 -54.12 -30.91 -42.41
C ASP E 206 -53.14 -31.31 -41.32
N ILE E 207 -53.63 -32.05 -40.33
CA ILE E 207 -52.83 -32.44 -39.18
C ILE E 207 -52.41 -33.90 -39.36
N GLN E 208 -51.11 -34.11 -39.55
CA GLN E 208 -50.51 -35.45 -39.66
C GLN E 208 -49.22 -35.42 -38.86
N LEU E 209 -49.30 -35.75 -37.57
CA LEU E 209 -48.17 -35.67 -36.65
C LEU E 209 -47.70 -37.08 -36.32
N GLU E 210 -46.72 -37.56 -37.10
CA GLU E 210 -46.11 -38.84 -36.78
C GLU E 210 -45.37 -38.79 -35.45
N ALA E 211 -44.67 -37.68 -35.19
CA ALA E 211 -44.01 -37.46 -33.92
C ALA E 211 -44.86 -36.52 -33.07
N LYS E 212 -45.09 -36.91 -31.82
CA LYS E 212 -45.97 -36.17 -30.92
C LYS E 212 -45.25 -35.51 -29.75
N GLU E 213 -43.95 -35.76 -29.60
CA GLU E 213 -43.19 -35.22 -28.48
C GLU E 213 -41.99 -34.45 -29.01
N VAL E 214 -41.80 -33.23 -28.50
CA VAL E 214 -40.67 -32.38 -28.86
C VAL E 214 -40.09 -31.78 -27.59
N LEU E 215 -38.83 -31.35 -27.69
CA LEU E 215 -38.10 -30.80 -26.54
C LEU E 215 -37.58 -29.42 -26.93
N SER E 216 -38.24 -28.39 -26.43
CA SER E 216 -37.85 -27.00 -26.67
C SER E 216 -38.54 -26.12 -25.63
N ASP E 217 -38.51 -24.81 -25.84
CA ASP E 217 -39.24 -23.88 -24.99
C ASP E 217 -40.67 -23.78 -25.51
N ALA E 218 -41.64 -24.14 -24.66
CA ALA E 218 -43.03 -24.25 -25.11
C ALA E 218 -43.57 -22.90 -25.57
N LYS E 219 -43.29 -21.84 -24.82
CA LYS E 219 -43.82 -20.53 -25.17
C LYS E 219 -43.28 -20.05 -26.51
N TRP E 220 -41.96 -20.15 -26.71
CA TRP E 220 -41.37 -19.68 -27.96
C TRP E 220 -41.67 -20.62 -29.12
N LEU E 221 -41.79 -21.93 -28.86
CA LEU E 221 -42.22 -22.84 -29.91
C LEU E 221 -43.63 -22.51 -30.38
N ALA E 222 -44.53 -22.22 -29.43
CA ALA E 222 -45.88 -21.80 -29.79
C ALA E 222 -45.85 -20.48 -30.55
N PHE E 223 -44.96 -19.57 -30.14
CA PHE E 223 -44.79 -18.31 -30.86
C PHE E 223 -44.40 -18.54 -32.31
N ILE E 224 -43.41 -19.41 -32.54
CA ILE E 224 -42.93 -19.66 -33.90
C ILE E 224 -44.01 -20.34 -34.73
N ILE E 225 -44.71 -21.32 -34.14
CA ILE E 225 -45.77 -22.01 -34.87
C ILE E 225 -46.89 -21.04 -35.23
N ARG E 226 -47.29 -20.18 -34.29
CA ARG E 226 -48.33 -19.20 -34.56
C ARG E 226 -47.91 -18.22 -35.66
N GLN E 227 -46.66 -17.77 -35.62
CA GLN E 227 -46.19 -16.84 -36.65
C GLN E 227 -46.17 -17.50 -38.02
N LEU E 228 -45.69 -18.76 -38.09
CA LEU E 228 -45.68 -19.46 -39.36
C LEU E 228 -47.09 -19.67 -39.90
N LEU E 229 -48.03 -20.05 -39.02
CA LEU E 229 -49.41 -20.25 -39.45
C LEU E 229 -50.03 -18.94 -39.91
N THR E 230 -49.76 -17.84 -39.19
CA THR E 230 -50.29 -16.55 -39.60
C THR E 230 -49.75 -16.12 -40.96
N ASN E 231 -48.44 -16.30 -41.18
CA ASN E 231 -47.85 -15.96 -42.47
C ASN E 231 -48.44 -16.82 -43.58
N ALA E 232 -48.60 -18.13 -43.33
CA ALA E 232 -49.16 -19.00 -44.35
C ALA E 232 -50.60 -18.61 -44.67
N VAL E 233 -51.39 -18.28 -43.66
CA VAL E 233 -52.77 -17.88 -43.88
C VAL E 233 -52.84 -16.56 -44.66
N LYS E 234 -52.01 -15.59 -44.29
CA LYS E 234 -52.06 -14.29 -44.95
C LYS E 234 -51.59 -14.39 -46.40
N TYR E 235 -50.57 -15.21 -46.65
CA TYR E 235 -49.97 -15.29 -47.98
C TYR E 235 -50.60 -16.35 -48.87
N SER E 236 -51.66 -17.02 -48.41
CA SER E 236 -52.35 -18.03 -49.19
C SER E 236 -53.84 -17.78 -49.17
N GLU E 237 -54.51 -18.16 -50.27
CA GLU E 237 -55.95 -18.00 -50.39
C GLU E 237 -56.55 -19.28 -50.96
N ALA E 238 -57.63 -19.74 -50.33
CA ALA E 238 -58.33 -20.95 -50.76
C ALA E 238 -57.39 -22.15 -50.86
N SER E 239 -56.54 -22.30 -49.85
CA SER E 239 -55.55 -23.37 -49.80
C SER E 239 -55.57 -24.04 -48.44
N GLU E 240 -55.16 -25.31 -48.41
CA GLU E 240 -55.11 -26.09 -47.19
C GLU E 240 -53.67 -26.15 -46.69
N ILE E 241 -53.48 -25.91 -45.40
CA ILE E 241 -52.16 -25.93 -44.78
C ILE E 241 -51.89 -27.35 -44.27
N GLU E 242 -50.82 -27.97 -44.77
CA GLU E 242 -50.43 -29.31 -44.38
C GLU E 242 -49.33 -29.21 -43.33
N ILE E 243 -49.63 -29.62 -42.11
CA ILE E 243 -48.69 -29.60 -41.00
C ILE E 243 -48.26 -31.03 -40.73
N LYS E 244 -46.99 -31.33 -40.97
CA LYS E 244 -46.46 -32.68 -40.84
C LYS E 244 -45.24 -32.65 -39.93
N SER E 245 -45.21 -33.54 -38.94
CA SER E 245 -44.08 -33.69 -38.05
C SER E 245 -43.55 -35.11 -38.17
N PHE E 246 -42.24 -35.23 -38.44
CA PHE E 246 -41.61 -36.53 -38.62
C PHE E 246 -40.27 -36.55 -37.91
N GLN E 247 -39.88 -37.74 -37.44
CA GLN E 247 -38.63 -37.93 -36.74
C GLN E 247 -37.54 -38.32 -37.74
N LYS E 248 -36.55 -37.45 -37.89
CA LYS E 248 -35.41 -37.70 -38.78
C LYS E 248 -34.18 -37.93 -37.92
N GLY E 249 -33.70 -39.17 -37.88
CA GLY E 249 -32.60 -39.50 -36.98
C GLY E 249 -33.05 -39.41 -35.54
N GLU E 250 -32.25 -38.74 -34.71
CA GLU E 250 -32.57 -38.51 -33.31
C GLU E 250 -33.16 -37.14 -33.07
N GLN E 251 -33.44 -36.37 -34.12
CA GLN E 251 -33.97 -35.02 -33.99
C GLN E 251 -35.33 -34.93 -34.67
N THR E 252 -36.28 -34.28 -34.00
CA THR E 252 -37.63 -34.12 -34.50
C THR E 252 -37.72 -32.90 -35.40
N GLN E 253 -38.51 -33.00 -36.46
CA GLN E 253 -38.73 -31.91 -37.39
C GLN E 253 -40.22 -31.69 -37.59
N LEU E 254 -40.62 -30.43 -37.74
CA LEU E 254 -42.00 -30.05 -37.98
C LEU E 254 -42.08 -29.23 -39.25
N GLN E 255 -42.97 -29.61 -40.16
CA GLN E 255 -43.09 -28.98 -41.47
C GLN E 255 -44.46 -28.34 -41.61
N VAL E 256 -44.48 -27.10 -42.06
CA VAL E 256 -45.71 -26.37 -42.37
C VAL E 256 -45.67 -25.99 -43.84
N LYS E 257 -46.69 -26.40 -44.59
CA LYS E 257 -46.74 -26.20 -46.03
C LYS E 257 -47.98 -25.40 -46.40
N ASP E 258 -47.82 -24.42 -47.27
CA ASP E 258 -48.92 -23.63 -47.78
C ASP E 258 -48.84 -23.58 -49.31
N CYS E 259 -50.00 -23.40 -49.93
CA CYS E 259 -50.13 -23.36 -51.39
C CYS E 259 -50.33 -21.93 -51.88
N GLY E 260 -49.64 -20.98 -51.27
CA GLY E 260 -49.81 -19.57 -51.57
C GLY E 260 -48.96 -19.09 -52.71
N ARG E 261 -48.70 -17.78 -52.71
CA ARG E 261 -47.96 -17.15 -53.81
C ARG E 261 -46.50 -17.59 -53.83
N GLY E 262 -45.92 -17.88 -52.67
CA GLY E 262 -44.51 -18.22 -52.59
C GLY E 262 -43.62 -17.00 -52.49
N ILE E 263 -42.32 -17.25 -52.37
CA ILE E 263 -41.32 -16.21 -52.21
C ILE E 263 -40.39 -16.23 -53.41
N ASP E 264 -40.11 -15.06 -53.95
CA ASP E 264 -39.20 -14.96 -55.08
C ASP E 264 -37.80 -15.42 -54.66
N PRO E 265 -37.11 -16.21 -55.49
CA PRO E 265 -35.80 -16.74 -55.08
C PRO E 265 -34.78 -15.66 -54.75
N LYS E 266 -34.86 -14.49 -55.39
CA LYS E 266 -33.90 -13.42 -55.11
C LYS E 266 -34.07 -12.85 -53.71
N ASP E 267 -35.26 -12.97 -53.12
CA ASP E 267 -35.53 -12.46 -51.77
C ASP E 267 -35.61 -13.56 -50.73
N VAL E 268 -35.45 -14.83 -51.13
CA VAL E 268 -35.55 -15.93 -50.15
C VAL E 268 -34.50 -15.82 -49.05
N PRO E 269 -33.21 -15.61 -49.35
CA PRO E 269 -32.24 -15.50 -48.24
C PRO E 269 -32.44 -14.28 -47.35
N ARG E 270 -33.20 -13.29 -47.80
CA ARG E 270 -33.37 -12.04 -47.06
C ARG E 270 -34.72 -11.95 -46.35
N ILE E 271 -35.47 -13.05 -46.27
CA ILE E 271 -36.77 -13.02 -45.60
C ILE E 271 -36.61 -12.79 -44.11
N PHE E 272 -35.55 -13.35 -43.51
CA PHE E 272 -35.36 -13.27 -42.06
C PHE E 272 -34.72 -11.97 -41.61
N ASP E 273 -34.32 -11.10 -42.54
CA ASP E 273 -33.72 -9.82 -42.16
C ASP E 273 -34.73 -8.94 -41.43
N LYS E 274 -34.23 -8.16 -40.49
CA LYS E 274 -35.09 -7.30 -39.68
C LYS E 274 -35.73 -6.21 -40.54
N GLY E 275 -37.04 -6.06 -40.40
CA GLY E 275 -37.75 -5.02 -41.11
C GLY E 275 -37.94 -5.26 -42.59
N PHE E 276 -37.65 -6.46 -43.08
CA PHE E 276 -37.77 -6.73 -44.50
C PHE E 276 -39.23 -6.84 -44.92
N THR E 277 -39.59 -6.13 -45.99
CA THR E 277 -40.92 -6.20 -46.57
C THR E 277 -40.80 -6.36 -48.08
N SER E 278 -41.58 -7.28 -48.63
CA SER E 278 -41.54 -7.55 -50.06
C SER E 278 -42.26 -6.45 -50.84
N THR E 279 -41.69 -6.08 -51.98
CA THR E 279 -42.28 -5.09 -52.86
C THR E 279 -43.13 -5.70 -53.97
N THR E 280 -43.28 -7.03 -53.98
CA THR E 280 -44.08 -7.67 -55.02
C THR E 280 -45.54 -7.26 -54.94
N ASP E 281 -46.10 -7.20 -53.74
CA ASP E 281 -47.50 -6.85 -53.53
C ASP E 281 -47.59 -5.59 -52.67
N HIS E 282 -48.55 -4.73 -53.01
CA HIS E 282 -48.75 -3.52 -52.23
C HIS E 282 -49.25 -3.82 -50.83
N HIS E 283 -49.89 -4.97 -50.63
CA HIS E 283 -50.44 -5.34 -49.33
C HIS E 283 -49.36 -5.72 -48.33
N ASP E 284 -48.12 -5.94 -48.77
CA ASP E 284 -47.04 -6.28 -47.86
C ASP E 284 -46.62 -5.11 -46.98
N GLN E 285 -47.03 -3.88 -47.31
CA GLN E 285 -46.72 -2.75 -46.46
C GLN E 285 -47.35 -2.89 -45.08
N ALA E 286 -48.57 -3.41 -45.03
CA ALA E 286 -49.24 -3.60 -43.75
C ALA E 286 -48.51 -4.61 -42.87
N SER E 287 -47.79 -5.55 -43.49
CA SER E 287 -47.01 -6.51 -42.73
C SER E 287 -45.76 -5.84 -42.17
N THR E 288 -45.53 -6.01 -40.86
CA THR E 288 -44.39 -5.39 -40.22
C THR E 288 -43.07 -6.05 -40.59
N GLY E 289 -43.09 -7.29 -41.06
CA GLY E 289 -41.87 -7.98 -41.43
C GLY E 289 -40.92 -8.20 -40.27
N MET E 290 -41.46 -8.50 -39.09
CA MET E 290 -40.66 -8.69 -37.89
C MET E 290 -40.83 -10.06 -37.24
N GLY E 291 -41.86 -10.82 -37.61
CA GLY E 291 -42.07 -12.12 -36.99
C GLY E 291 -40.97 -13.12 -37.32
N LEU E 292 -40.55 -13.16 -38.58
CA LEU E 292 -39.52 -14.12 -38.99
C LEU E 292 -38.19 -13.82 -38.30
N TYR E 293 -37.81 -12.54 -38.23
CA TYR E 293 -36.56 -12.18 -37.57
C TYR E 293 -36.57 -12.55 -36.09
N LEU E 294 -37.69 -12.25 -35.41
CA LEU E 294 -37.79 -12.60 -33.99
C LEU E 294 -37.77 -14.12 -33.80
N ALA E 295 -38.45 -14.86 -34.67
CA ALA E 295 -38.45 -16.31 -34.57
C ALA E 295 -37.04 -16.88 -34.76
N LYS E 296 -36.31 -16.36 -35.75
CA LYS E 296 -34.94 -16.83 -35.96
C LYS E 296 -34.05 -16.47 -34.79
N LYS E 297 -34.20 -15.27 -34.24
CA LYS E 297 -33.39 -14.87 -33.09
C LYS E 297 -33.67 -15.75 -31.88
N ALA E 298 -34.95 -16.07 -31.64
CA ALA E 298 -35.30 -16.87 -30.47
C ALA E 298 -34.96 -18.34 -30.66
N ALA E 299 -34.96 -18.82 -31.91
CA ALA E 299 -34.67 -20.23 -32.17
C ALA E 299 -33.19 -20.56 -32.07
N ALA E 300 -32.31 -19.57 -32.19
CA ALA E 300 -30.87 -19.84 -32.13
C ALA E 300 -30.43 -20.40 -30.77
N PRO E 301 -30.80 -19.81 -29.62
CA PRO E 301 -30.41 -20.43 -28.34
C PRO E 301 -31.07 -21.78 -28.10
N LEU E 302 -32.18 -22.07 -28.78
CA LEU E 302 -32.87 -23.35 -28.62
C LEU E 302 -32.30 -24.45 -29.52
N LEU E 303 -31.22 -24.15 -30.25
CA LEU E 303 -30.57 -25.12 -31.13
C LEU E 303 -31.54 -25.67 -32.18
N ILE E 304 -32.39 -24.79 -32.70
CA ILE E 304 -33.35 -25.13 -33.75
C ILE E 304 -32.94 -24.39 -35.02
N HIS E 305 -32.76 -25.15 -36.10
CA HIS E 305 -32.38 -24.58 -37.39
C HIS E 305 -33.63 -24.36 -38.23
N ILE E 306 -33.76 -23.15 -38.80
CA ILE E 306 -34.91 -22.77 -39.60
C ILE E 306 -34.48 -22.78 -41.06
N ASP E 307 -35.18 -23.55 -41.88
CA ASP E 307 -34.90 -23.65 -43.31
C ASP E 307 -36.14 -23.24 -44.09
N VAL E 308 -35.92 -22.60 -45.25
CA VAL E 308 -36.99 -22.13 -46.11
C VAL E 308 -36.76 -22.70 -47.50
N GLU E 309 -37.83 -23.22 -48.11
CA GLU E 309 -37.82 -23.72 -49.49
C GLU E 309 -39.07 -23.19 -50.17
N SER E 310 -38.90 -22.14 -50.98
CA SER E 310 -40.03 -21.48 -51.62
C SER E 310 -39.81 -21.44 -53.13
N GLU E 311 -40.87 -21.78 -53.87
CA GLU E 311 -40.88 -21.65 -55.33
C GLU E 311 -42.08 -20.80 -55.72
N PHE E 312 -41.85 -19.81 -56.58
CA PHE E 312 -42.93 -18.91 -56.98
C PHE E 312 -44.00 -19.68 -57.74
N GLY E 313 -45.26 -19.46 -57.34
CA GLY E 313 -46.38 -20.15 -57.95
C GLY E 313 -46.66 -21.53 -57.41
N ALA E 314 -45.86 -22.02 -56.46
CA ALA E 314 -46.05 -23.35 -55.91
C ALA E 314 -46.35 -23.32 -54.41
N GLY E 315 -45.56 -22.60 -53.63
CA GLY E 315 -45.76 -22.52 -52.21
C GLY E 315 -44.44 -22.32 -51.49
N THR E 316 -44.49 -22.52 -50.18
CA THR E 316 -43.32 -22.37 -49.33
C THR E 316 -43.34 -23.46 -48.26
N VAL E 317 -42.16 -24.01 -47.96
CA VAL E 317 -42.00 -25.06 -46.96
C VAL E 317 -41.11 -24.53 -45.84
N PHE E 318 -41.59 -24.63 -44.61
CA PHE E 318 -40.84 -24.22 -43.43
C PHE E 318 -40.64 -25.42 -42.52
N THR E 319 -39.40 -25.63 -42.08
CA THR E 319 -39.05 -26.78 -41.26
C THR E 319 -38.23 -26.33 -40.06
N LEU E 320 -38.57 -26.86 -38.89
CA LEU E 320 -37.86 -26.57 -37.65
C LEU E 320 -37.22 -27.86 -37.15
N THR E 321 -35.90 -27.82 -36.95
CA THR E 321 -35.15 -29.00 -36.52
C THR E 321 -34.96 -28.93 -35.01
N PHE E 322 -35.73 -29.73 -34.27
CA PHE E 322 -35.62 -29.76 -32.84
C PHE E 322 -34.28 -30.39 -32.41
N PRO E 323 -33.68 -29.89 -31.34
CA PRO E 323 -32.38 -30.43 -30.90
C PRO E 323 -32.53 -31.75 -30.18
N ILE E 324 -31.40 -32.41 -29.98
CA ILE E 324 -31.37 -33.68 -29.27
C ILE E 324 -31.62 -33.44 -27.79
N ARG E 325 -32.14 -34.48 -27.12
CA ARG E 325 -32.43 -34.37 -25.69
C ARG E 325 -31.17 -34.13 -24.87
N ASN E 326 -30.07 -34.79 -25.24
CA ASN E 326 -28.84 -34.70 -24.47
C ASN E 326 -28.24 -33.30 -24.50
N GLN E 327 -28.60 -32.46 -25.47
CA GLN E 327 -28.01 -31.15 -25.60
C GLN E 327 -28.56 -30.12 -24.62
N PHE E 328 -29.62 -30.47 -23.88
CA PHE E 328 -30.20 -29.55 -22.92
C PHE E 328 -29.69 -29.74 -21.50
N GLU E 329 -29.01 -30.85 -21.22
CA GLU E 329 -28.41 -31.04 -19.90
C GLU E 329 -27.31 -30.01 -19.65
N HIS E 330 -26.54 -29.68 -20.69
CA HIS E 330 -25.52 -28.64 -20.56
C HIS E 330 -26.12 -27.26 -20.31
N VAL E 331 -27.39 -27.07 -20.66
CA VAL E 331 -28.06 -25.79 -20.41
C VAL E 331 -28.72 -25.76 -19.04
N ILE E 332 -29.27 -26.90 -18.60
CA ILE E 332 -29.89 -26.95 -17.28
C ILE E 332 -28.83 -26.88 -16.20
N SER E 333 -27.74 -27.64 -16.35
CA SER E 333 -26.71 -27.70 -15.32
C SER E 333 -25.82 -26.47 -15.28
N VAL E 334 -25.74 -25.70 -16.36
CA VAL E 334 -24.89 -24.52 -16.40
C VAL E 334 -25.73 -23.25 -16.54
#